data_7JHC
# 
_entry.id   7JHC 
# 
_audit_conform.dict_name       mmcif_pdbx.dic 
_audit_conform.dict_version    5.380 
_audit_conform.dict_location   http://mmcif.pdb.org/dictionaries/ascii/mmcif_pdbx.dic 
# 
loop_
_database_2.database_id 
_database_2.database_code 
_database_2.pdbx_database_accession 
_database_2.pdbx_DOI 
PDB   7JHC         pdb_00007jhc 10.2210/pdb7jhc/pdb 
WWPDB D_1000250249 ?            ?                   
# 
_pdbx_database_status.status_code                     REL 
_pdbx_database_status.status_code_sf                  REL 
_pdbx_database_status.status_code_mr                  ? 
_pdbx_database_status.entry_id                        7JHC 
_pdbx_database_status.recvd_initial_deposition_date   2020-07-20 
_pdbx_database_status.SG_entry                        N 
_pdbx_database_status.deposit_site                    RCSB 
_pdbx_database_status.process_site                    RCSB 
_pdbx_database_status.status_code_cs                  ? 
_pdbx_database_status.status_code_nmr_data            ? 
_pdbx_database_status.methods_development_category    ? 
_pdbx_database_status.pdb_format_compatible           Y 
# 
loop_
_audit_author.name 
_audit_author.pdbx_ordinal 
_audit_author.identifier_ORCID 
'Simmons, C.R.'      1 0000-0002-2290-6132 
'MacCulloch, T.'     2 0000-0001-5875-3361 
'Stephanopoulos, N.' 3 0000-0001-7859-410X 
'Yan, H.'            4 0000-0001-7397-9852 
# 
_citation.abstract                  ? 
_citation.abstract_id_CAS           ? 
_citation.book_id_ISBN              ? 
_citation.book_publisher            ? 
_citation.book_publisher_city       ? 
_citation.book_title                ? 
_citation.coordinate_linkage        ? 
_citation.country                   UK 
_citation.database_id_Medline       ? 
_citation.details                   ? 
_citation.id                        primary 
_citation.journal_abbrev            'Nat Commun' 
_citation.journal_id_ASTM           ? 
_citation.journal_id_CSD            ? 
_citation.journal_id_ISSN           2041-1723 
_citation.journal_full              ? 
_citation.journal_issue             ? 
_citation.journal_volume            13 
_citation.language                  ? 
_citation.page_first                3112 
_citation.page_last                 3112 
_citation.title                     'The influence of Holliday junction sequence and dynamics on DNA crystal self-assembly.' 
_citation.year                      2022 
_citation.database_id_CSD           ? 
_citation.pdbx_database_id_DOI      10.1038/s41467-022-30779-6 
_citation.pdbx_database_id_PubMed   35662248 
_citation.unpublished_flag          ? 
# 
loop_
_citation_author.citation_id 
_citation_author.name 
_citation_author.ordinal 
_citation_author.identifier_ORCID 
primary 'Simmons, C.R.'      1  ?                   
primary 'MacCulloch, T.'     2  ?                   
primary 'Krepl, M.'          3  0000-0002-9833-4281 
primary 'Matthies, M.'       4  ?                   
primary 'Buchberger, A.'     5  ?                   
primary 'Crawford, I.'       6  ?                   
primary 'Sponer, J.'         7  0000-0001-6558-6186 
primary 'Sulc, P.'           8  0000-0003-1565-6769 
primary 'Stephanopoulos, N.' 9  0000-0001-7859-410X 
primary 'Yan, H.'            10 0000-0001-7397-9852 
# 
_cell.angle_alpha                  90.000 
_cell.angle_alpha_esd              ? 
_cell.angle_beta                   90.000 
_cell.angle_beta_esd               ? 
_cell.angle_gamma                  120.000 
_cell.angle_gamma_esd              ? 
_cell.entry_id                     7JHC 
_cell.details                      ? 
_cell.formula_units_Z              ? 
_cell.length_a                     68.172 
_cell.length_a_esd                 ? 
_cell.length_b                     68.172 
_cell.length_b_esd                 ? 
_cell.length_c                     55.083 
_cell.length_c_esd                 ? 
_cell.volume                       ? 
_cell.volume_esd                   ? 
_cell.Z_PDB                        3 
_cell.reciprocal_angle_alpha       ? 
_cell.reciprocal_angle_beta        ? 
_cell.reciprocal_angle_gamma       ? 
_cell.reciprocal_angle_alpha_esd   ? 
_cell.reciprocal_angle_beta_esd    ? 
_cell.reciprocal_angle_gamma_esd   ? 
_cell.reciprocal_length_a          ? 
_cell.reciprocal_length_b          ? 
_cell.reciprocal_length_c          ? 
_cell.reciprocal_length_a_esd      ? 
_cell.reciprocal_length_b_esd      ? 
_cell.reciprocal_length_c_esd      ? 
_cell.pdbx_unique_axis             ? 
# 
_symmetry.entry_id                         7JHC 
_symmetry.cell_setting                     ? 
_symmetry.Int_Tables_number                145 
_symmetry.space_group_name_Hall            ? 
_symmetry.space_group_name_H-M             'P 32' 
_symmetry.pdbx_full_space_group_name_H-M   ? 
# 
loop_
_entity.id 
_entity.type 
_entity.src_method 
_entity.pdbx_description 
_entity.formula_weight 
_entity.pdbx_number_of_molecules 
_entity.pdbx_ec 
_entity.pdbx_mutation 
_entity.pdbx_fragment 
_entity.details 
1 polymer     syn 
;DNA (5'-D(*GP*AP*GP*CP*AP*GP*AP*CP*TP*TP*GP*A)-3')
;
3711.442 1 ? ? ? ? 
2 polymer     syn 
;DNA (5'-D(P*CP*GP*AP*CP*AP*CP*TP*CP*A)-3')
;
2684.789 1 ? ? ? ? 
3 polymer     syn 
;DNA (5'-D(P*TP*CP*AP*TP*CP*G)-3')
;
1784.204 1 ? ? ? ? 
4 polymer     syn 
;DNA (5'-D(*TP*CP*TP*GP*AP*GP*TP*AP*GP*GP*TP*CP*TP*GP*C)-3')
;
4615.994 1 ? ? ? ? 
5 non-polymer syn 'CACODYLATE ION'                                              136.989  2 ? ? ? ? 
# 
loop_
_entity_poly.entity_id 
_entity_poly.type 
_entity_poly.nstd_linkage 
_entity_poly.nstd_monomer 
_entity_poly.pdbx_seq_one_letter_code 
_entity_poly.pdbx_seq_one_letter_code_can 
_entity_poly.pdbx_strand_id 
_entity_poly.pdbx_target_identifier 
1 polydeoxyribonucleotide no no '(DG)(DA)(DG)(DC)(DA)(DG)(DA)(DC)(DT)(DT)(DG)(DA)'             GAGCAGACTTGA    A ? 
2 polydeoxyribonucleotide no no '(DC)(DG)(DA)(DC)(DA)(DC)(DT)(DC)(DA)'                         CGACACTCA       B ? 
3 polydeoxyribonucleotide no no '(DT)(DC)(DA)(DT)(DC)(DG)'                                     TCATCG          C ? 
4 polydeoxyribonucleotide no no '(DT)(DC)(DT)(DG)(DA)(DG)(DT)(DA)(DG)(DG)(DT)(DC)(DT)(DG)(DC)' TCTGAGTAGGTCTGC D ? 
# 
loop_
_entity_poly_seq.entity_id 
_entity_poly_seq.num 
_entity_poly_seq.mon_id 
_entity_poly_seq.hetero 
1 1  DG n 
1 2  DA n 
1 3  DG n 
1 4  DC n 
1 5  DA n 
1 6  DG n 
1 7  DA n 
1 8  DC n 
1 9  DT n 
1 10 DT n 
1 11 DG n 
1 12 DA n 
2 1  DC n 
2 2  DG n 
2 3  DA n 
2 4  DC n 
2 5  DA n 
2 6  DC n 
2 7  DT n 
2 8  DC n 
2 9  DA n 
3 1  DT n 
3 2  DC n 
3 3  DA n 
3 4  DT n 
3 5  DC n 
3 6  DG n 
4 1  DT n 
4 2  DC n 
4 3  DT n 
4 4  DG n 
4 5  DA n 
4 6  DG n 
4 7  DT n 
4 8  DA n 
4 9  DG n 
4 10 DG n 
4 11 DT n 
4 12 DC n 
4 13 DT n 
4 14 DG n 
4 15 DC n 
# 
loop_
_pdbx_entity_src_syn.entity_id 
_pdbx_entity_src_syn.pdbx_src_id 
_pdbx_entity_src_syn.pdbx_alt_source_flag 
_pdbx_entity_src_syn.pdbx_beg_seq_num 
_pdbx_entity_src_syn.pdbx_end_seq_num 
_pdbx_entity_src_syn.organism_scientific 
_pdbx_entity_src_syn.organism_common_name 
_pdbx_entity_src_syn.ncbi_taxonomy_id 
_pdbx_entity_src_syn.details 
1 1 sample 1 12 'synthetic construct' ? 32630 ? 
2 1 sample 1 9  'synthetic construct' ? 32630 ? 
3 1 sample 1 6  'synthetic construct' ? 32630 ? 
4 1 sample 1 15 'synthetic construct' ? 32630 ? 
# 
loop_
_struct_ref.id 
_struct_ref.db_name 
_struct_ref.db_code 
_struct_ref.pdbx_db_accession 
_struct_ref.pdbx_db_isoform 
_struct_ref.entity_id 
_struct_ref.pdbx_seq_one_letter_code 
_struct_ref.pdbx_align_begin 
1 PDB 7JHC 7JHC ? 1 ? 1 
2 PDB 7JHC 7JHC ? 2 ? 1 
3 PDB 7JHC 7JHC ? 3 ? 1 
4 PDB 7JHC 7JHC ? 4 ? 1 
# 
loop_
_struct_ref_seq.align_id 
_struct_ref_seq.ref_id 
_struct_ref_seq.pdbx_PDB_id_code 
_struct_ref_seq.pdbx_strand_id 
_struct_ref_seq.seq_align_beg 
_struct_ref_seq.pdbx_seq_align_beg_ins_code 
_struct_ref_seq.seq_align_end 
_struct_ref_seq.pdbx_seq_align_end_ins_code 
_struct_ref_seq.pdbx_db_accession 
_struct_ref_seq.db_align_beg 
_struct_ref_seq.pdbx_db_align_beg_ins_code 
_struct_ref_seq.db_align_end 
_struct_ref_seq.pdbx_db_align_end_ins_code 
_struct_ref_seq.pdbx_auth_seq_align_beg 
_struct_ref_seq.pdbx_auth_seq_align_end 
1 1 7JHC A 1 ? 12 ? 7JHC 1  ? 12 ? 1  12 
2 2 7JHC B 1 ? 9  ? 7JHC 12 ? 20 ? 12 20 
3 3 7JHC C 1 ? 6  ? 7JHC 0  ? 5  ? 0  5  
4 4 7JHC D 1 ? 15 ? 7JHC 2  ? 16 ? 2  16 
# 
loop_
_chem_comp.id 
_chem_comp.type 
_chem_comp.mon_nstd_flag 
_chem_comp.name 
_chem_comp.pdbx_synonyms 
_chem_comp.formula 
_chem_comp.formula_weight 
CAC non-polymer   . 'CACODYLATE ION'                     dimethylarsinate 'C2 H6 As O2 -1'  136.989 
DA  'DNA linking' y "2'-DEOXYADENOSINE-5'-MONOPHOSPHATE" ?                'C10 H14 N5 O6 P' 331.222 
DC  'DNA linking' y "2'-DEOXYCYTIDINE-5'-MONOPHOSPHATE"  ?                'C9 H14 N3 O7 P'  307.197 
DG  'DNA linking' y "2'-DEOXYGUANOSINE-5'-MONOPHOSPHATE" ?                'C10 H14 N5 O7 P' 347.221 
DT  'DNA linking' y "THYMIDINE-5'-MONOPHOSPHATE"         ?                'C10 H15 N2 O8 P' 322.208 
# 
_exptl.absorpt_coefficient_mu     ? 
_exptl.absorpt_correction_T_max   ? 
_exptl.absorpt_correction_T_min   ? 
_exptl.absorpt_correction_type    ? 
_exptl.absorpt_process_details    ? 
_exptl.entry_id                   7JHC 
_exptl.crystals_number            1 
_exptl.details                    ? 
_exptl.method                     'X-RAY DIFFRACTION' 
_exptl.method_details             ? 
# 
_exptl_crystal.colour                      ? 
_exptl_crystal.density_diffrn              ? 
_exptl_crystal.density_Matthews            5.77 
_exptl_crystal.density_method              ? 
_exptl_crystal.density_percent_sol         78.70 
_exptl_crystal.description                 ? 
_exptl_crystal.F_000                       ? 
_exptl_crystal.id                          1 
_exptl_crystal.preparation                 ? 
_exptl_crystal.size_max                    ? 
_exptl_crystal.size_mid                    ? 
_exptl_crystal.size_min                    ? 
_exptl_crystal.size_rad                    ? 
_exptl_crystal.colour_lustre               ? 
_exptl_crystal.colour_modifier             ? 
_exptl_crystal.colour_primary              ? 
_exptl_crystal.density_meas                ? 
_exptl_crystal.density_meas_esd            ? 
_exptl_crystal.density_meas_gt             ? 
_exptl_crystal.density_meas_lt             ? 
_exptl_crystal.density_meas_temp           ? 
_exptl_crystal.density_meas_temp_esd       ? 
_exptl_crystal.density_meas_temp_gt        ? 
_exptl_crystal.density_meas_temp_lt        ? 
_exptl_crystal.pdbx_crystal_image_url      ? 
_exptl_crystal.pdbx_crystal_image_format   ? 
_exptl_crystal.pdbx_mosaicity              ? 
_exptl_crystal.pdbx_mosaicity_esd          ? 
# 
_exptl_crystal_grow.apparatus       ? 
_exptl_crystal_grow.atmosphere      ? 
_exptl_crystal_grow.crystal_id      1 
_exptl_crystal_grow.details         ? 
_exptl_crystal_grow.method          'VAPOR DIFFUSION, SITTING DROP' 
_exptl_crystal_grow.method_ref      ? 
_exptl_crystal_grow.pH              ? 
_exptl_crystal_grow.pressure        ? 
_exptl_crystal_grow.pressure_esd    ? 
_exptl_crystal_grow.seeding         ? 
_exptl_crystal_grow.seeding_ref     ? 
_exptl_crystal_grow.temp            298 
_exptl_crystal_grow.temp_details    'temperature gradient generated from 60 to 25 C at 0.3 degrees per hour' 
_exptl_crystal_grow.temp_esd        ? 
_exptl_crystal_grow.time            ? 
_exptl_crystal_grow.pdbx_details    
;0.5 mL of 0.05 M TRIS pH 7.5 with 200 mM MgCl2 and 2.5 M NaCl was added to the reservoir with 2 uL added to the drop containing 4 uL of DNA stock
;
_exptl_crystal_grow.pdbx_pH_range   ? 
# 
_diffrn.ambient_environment              ? 
_diffrn.ambient_temp                     100 
_diffrn.ambient_temp_details             ? 
_diffrn.ambient_temp_esd                 ? 
_diffrn.crystal_id                       1 
_diffrn.crystal_support                  ? 
_diffrn.crystal_treatment                ? 
_diffrn.details                          ? 
_diffrn.id                               1 
_diffrn.ambient_pressure                 ? 
_diffrn.ambient_pressure_esd             ? 
_diffrn.ambient_pressure_gt              ? 
_diffrn.ambient_pressure_lt              ? 
_diffrn.ambient_temp_gt                  ? 
_diffrn.ambient_temp_lt                  ? 
_diffrn.pdbx_serial_crystal_experiment   N 
# 
_diffrn_detector.details                      ? 
_diffrn_detector.detector                     CCD 
_diffrn_detector.diffrn_id                    1 
_diffrn_detector.type                         'ADSC QUANTUM 210r' 
_diffrn_detector.area_resol_mean              ? 
_diffrn_detector.dtime                        ? 
_diffrn_detector.pdbx_frames_total            ? 
_diffrn_detector.pdbx_collection_time_total   ? 
_diffrn_detector.pdbx_collection_date         2017-12-15 
_diffrn_detector.pdbx_frequency               ? 
# 
_diffrn_radiation.collimation                      ? 
_diffrn_radiation.diffrn_id                        1 
_diffrn_radiation.filter_edge                      ? 
_diffrn_radiation.inhomogeneity                    ? 
_diffrn_radiation.monochromator                    ? 
_diffrn_radiation.polarisn_norm                    ? 
_diffrn_radiation.polarisn_ratio                   ? 
_diffrn_radiation.probe                            ? 
_diffrn_radiation.type                             ? 
_diffrn_radiation.xray_symbol                      ? 
_diffrn_radiation.wavelength_id                    1 
_diffrn_radiation.pdbx_monochromatic_or_laue_m_l   M 
_diffrn_radiation.pdbx_wavelength_list             ? 
_diffrn_radiation.pdbx_wavelength                  ? 
_diffrn_radiation.pdbx_diffrn_protocol             'SINGLE WAVELENGTH' 
_diffrn_radiation.pdbx_analyzer                    ? 
_diffrn_radiation.pdbx_scattering_type             x-ray 
# 
_diffrn_radiation_wavelength.id           1 
_diffrn_radiation_wavelength.wavelength   1 
_diffrn_radiation_wavelength.wt           1.0 
# 
_diffrn_source.current                     ? 
_diffrn_source.details                     ? 
_diffrn_source.diffrn_id                   1 
_diffrn_source.power                       ? 
_diffrn_source.size                        ? 
_diffrn_source.source                      SYNCHROTRON 
_diffrn_source.target                      ? 
_diffrn_source.type                        'APS BEAMLINE 19-BM' 
_diffrn_source.voltage                     ? 
_diffrn_source.take-off_angle              ? 
_diffrn_source.pdbx_wavelength_list        1 
_diffrn_source.pdbx_wavelength             ? 
_diffrn_source.pdbx_synchrotron_beamline   19-BM 
_diffrn_source.pdbx_synchrotron_site       APS 
# 
_reflns.B_iso_Wilson_estimate            75.450 
_reflns.entry_id                         7JHC 
_reflns.data_reduction_details           ? 
_reflns.data_reduction_method            ? 
_reflns.d_resolution_high                3.100 
_reflns.d_resolution_low                 50.000 
_reflns.details                          ? 
_reflns.limit_h_max                      ? 
_reflns.limit_h_min                      ? 
_reflns.limit_k_max                      ? 
_reflns.limit_k_min                      ? 
_reflns.limit_l_max                      ? 
_reflns.limit_l_min                      ? 
_reflns.number_all                       ? 
_reflns.number_obs                       4614 
_reflns.observed_criterion               ? 
_reflns.observed_criterion_F_max         ? 
_reflns.observed_criterion_F_min         ? 
_reflns.observed_criterion_I_max         ? 
_reflns.observed_criterion_I_min         ? 
_reflns.observed_criterion_sigma_F       ? 
_reflns.observed_criterion_sigma_I       ? 
_reflns.percent_possible_obs             89.700 
_reflns.R_free_details                   ? 
_reflns.Rmerge_F_all                     ? 
_reflns.Rmerge_F_obs                     ? 
_reflns.Friedel_coverage                 ? 
_reflns.number_gt                        ? 
_reflns.threshold_expression             ? 
_reflns.pdbx_redundancy                  7.100 
_reflns.pdbx_Rmerge_I_obs                0.097 
_reflns.pdbx_Rmerge_I_all                ? 
_reflns.pdbx_Rsym_value                  ? 
_reflns.pdbx_netI_over_av_sigmaI         ? 
_reflns.pdbx_netI_over_sigmaI            8.000 
_reflns.pdbx_res_netI_over_av_sigmaI_2   ? 
_reflns.pdbx_res_netI_over_sigmaI_2      ? 
_reflns.pdbx_chi_squared                 1.653 
_reflns.pdbx_scaling_rejects             ? 
_reflns.pdbx_d_res_high_opt              ? 
_reflns.pdbx_d_res_low_opt               ? 
_reflns.pdbx_d_res_opt_method            ? 
_reflns.phase_calculation_details        ? 
_reflns.pdbx_Rrim_I_all                  0.105 
_reflns.pdbx_Rpim_I_all                  0.038 
_reflns.pdbx_d_opt                       ? 
_reflns.pdbx_number_measured_all         ? 
_reflns.pdbx_diffrn_id                   1 
_reflns.pdbx_ordinal                     1 
_reflns.pdbx_CC_half                     0.994 
_reflns.pdbx_CC_star                     ? 
_reflns.pdbx_R_split                     ? 
# 
loop_
_reflns_shell.d_res_high 
_reflns_shell.d_res_low 
_reflns_shell.meanI_over_sigI_all 
_reflns_shell.meanI_over_sigI_obs 
_reflns_shell.number_measured_all 
_reflns_shell.number_measured_obs 
_reflns_shell.number_possible 
_reflns_shell.number_unique_all 
_reflns_shell.number_unique_obs 
_reflns_shell.percent_possible_all 
_reflns_shell.percent_possible_obs 
_reflns_shell.Rmerge_F_all 
_reflns_shell.Rmerge_F_obs 
_reflns_shell.Rmerge_I_all 
_reflns_shell.Rmerge_I_obs 
_reflns_shell.meanI_over_sigI_gt 
_reflns_shell.meanI_over_uI_all 
_reflns_shell.meanI_over_uI_gt 
_reflns_shell.number_measured_gt 
_reflns_shell.number_unique_gt 
_reflns_shell.percent_possible_gt 
_reflns_shell.Rmerge_F_gt 
_reflns_shell.Rmerge_I_gt 
_reflns_shell.pdbx_redundancy 
_reflns_shell.pdbx_Rsym_value 
_reflns_shell.pdbx_chi_squared 
_reflns_shell.pdbx_netI_over_sigmaI_all 
_reflns_shell.pdbx_netI_over_sigmaI_obs 
_reflns_shell.pdbx_Rrim_I_all 
_reflns_shell.pdbx_Rpim_I_all 
_reflns_shell.pdbx_rejects 
_reflns_shell.pdbx_ordinal 
_reflns_shell.pdbx_diffrn_id 
_reflns_shell.pdbx_CC_half 
_reflns_shell.pdbx_CC_star 
_reflns_shell.pdbx_R_split 
3.100 3.150  ? ? ? ? ? ? 133 57.800  ? ? ? ? 0.526 ? ? ? ? ? ? ? ? 5.700 ? 1.383 ? ? 0.569 0.212 ? 1  1 0.962 ? ? 
3.150 3.210  ? ? ? ? ? ? 176 66.700  ? ? ? ? 0.198 ? ? ? ? ? ? ? ? 5.900 ? 1.562 ? ? 0.214 0.079 ? 2  1 0.991 ? ? 
3.210 3.270  ? ? ? ? ? ? 185 74.000  ? ? ? ? 0.168 ? ? ? ? ? ? ? ? 6.000 ? 1.391 ? ? 0.182 0.068 ? 3  1 0.997 ? ? 
3.270 3.340  ? ? ? ? ? ? 199 74.800  ? ? ? ? 0.239 ? ? ? ? ? ? ? ? 6.000 ? 1.483 ? ? 0.259 0.097 ? 4  1 0.989 ? ? 
3.340 3.410  ? ? ? ? ? ? 205 78.500  ? ? ? ? 0.151 ? ? ? ? ? ? ? ? 6.300 ? 1.605 ? ? 0.163 0.061 ? 5  1 0.996 ? ? 
3.410 3.490  ? ? ? ? ? ? 220 82.100  ? ? ? ? 0.460 ? ? ? ? ? ? ? ? 6.400 ? 1.328 ? ? 0.496 0.184 ? 6  1 0.953 ? ? 
3.490 3.580  ? ? ? ? ? ? 213 86.600  ? ? ? ? 0.356 ? ? ? ? ? ? ? ? 6.700 ? 1.503 ? ? 0.383 0.141 ? 7  1 0.968 ? ? 
3.580 3.680  ? ? ? ? ? ? 232 88.200  ? ? ? ? 0.431 ? ? ? ? ? ? ? ? 6.800 ? 1.522 ? ? 0.463 0.168 ? 8  1 0.944 ? ? 
3.680 3.780  ? ? ? ? ? ? 237 91.900  ? ? ? ? 0.488 ? ? ? ? ? ? ? ? 6.800 ? 1.330 ? ? 0.525 0.191 ? 9  1 0.946 ? ? 
3.780 3.910  ? ? ? ? ? ? 243 94.900  ? ? ? ? 0.467 ? ? ? ? ? ? ? ? 6.900 ? 1.489 ? ? 0.502 0.184 ? 10 1 0.935 ? ? 
3.910 4.040  ? ? ? ? ? ? 258 99.200  ? ? ? ? 0.416 ? ? ? ? ? ? ? ? 7.100 ? 1.538 ? ? 0.447 0.163 ? 11 1 0.961 ? ? 
4.040 4.210  ? ? ? ? ? ? 265 100.000 ? ? ? ? 0.312 ? ? ? ? ? ? ? ? 7.400 ? 1.599 ? ? 0.335 0.122 ? 12 1 0.969 ? ? 
4.210 4.400  ? ? ? ? ? ? 243 99.600  ? ? ? ? 0.287 ? ? ? ? ? ? ? ? 7.600 ? 1.700 ? ? 0.308 0.111 ? 13 1 0.973 ? ? 
4.400 4.630  ? ? ? ? ? ? 262 100.000 ? ? ? ? 0.285 ? ? ? ? ? ? ? ? 7.700 ? 1.534 ? ? 0.305 0.109 ? 14 1 0.975 ? ? 
4.630 4.920  ? ? ? ? ? ? 256 100.000 ? ? ? ? 0.171 ? ? ? ? ? ? ? ? 7.700 ? 1.478 ? ? 0.183 0.066 ? 15 1 0.992 ? ? 
4.920 5.300  ? ? ? ? ? ? 247 100.000 ? ? ? ? 0.114 ? ? ? ? ? ? ? ? 7.800 ? 1.677 ? ? 0.122 0.044 ? 16 1 0.997 ? ? 
5.300 5.830  ? ? ? ? ? ? 265 100.000 ? ? ? ? 0.071 ? ? ? ? ? ? ? ? 7.700 ? 1.455 ? ? 0.076 0.027 ? 17 1 0.998 ? ? 
5.830 6.670  ? ? ? ? ? ? 253 100.000 ? ? ? ? 0.063 ? ? ? ? ? ? ? ? 7.800 ? 1.395 ? ? 0.067 0.024 ? 18 1 0.998 ? ? 
6.670 8.400  ? ? ? ? ? ? 268 100.000 ? ? ? ? 0.033 ? ? ? ? ? ? ? ? 7.800 ? 1.306 ? ? 0.036 0.013 ? 19 1 1.000 ? ? 
8.400 50.000 ? ? ? ? ? ? 254 98.100  ? ? ? ? 0.036 ? ? ? ? ? ? ? ? 7.400 ? 4.258 ? ? 0.038 0.014 ? 20 1 0.999 ? ? 
# 
_refine.aniso_B[1][1]                            ? 
_refine.aniso_B[1][2]                            ? 
_refine.aniso_B[1][3]                            ? 
_refine.aniso_B[2][2]                            ? 
_refine.aniso_B[2][3]                            ? 
_refine.aniso_B[3][3]                            ? 
_refine.B_iso_max                                164.220 
_refine.B_iso_mean                               80.9164 
_refine.B_iso_min                                40.790 
_refine.correlation_coeff_Fo_to_Fc               ? 
_refine.correlation_coeff_Fo_to_Fc_free          ? 
_refine.details                                  ? 
_refine.diff_density_max                         ? 
_refine.diff_density_max_esd                     ? 
_refine.diff_density_min                         ? 
_refine.diff_density_min_esd                     ? 
_refine.diff_density_rms                         ? 
_refine.diff_density_rms_esd                     ? 
_refine.entry_id                                 7JHC 
_refine.pdbx_refine_id                           'X-RAY DIFFRACTION' 
_refine.ls_abs_structure_details                 ? 
_refine.ls_abs_structure_Flack                   ? 
_refine.ls_abs_structure_Flack_esd               ? 
_refine.ls_abs_structure_Rogers                  ? 
_refine.ls_abs_structure_Rogers_esd              ? 
_refine.ls_d_res_high                            3.1100 
_refine.ls_d_res_low                             34.0860 
_refine.ls_extinction_coef                       ? 
_refine.ls_extinction_coef_esd                   ? 
_refine.ls_extinction_expression                 ? 
_refine.ls_extinction_method                     ? 
_refine.ls_goodness_of_fit_all                   ? 
_refine.ls_goodness_of_fit_all_esd               ? 
_refine.ls_goodness_of_fit_obs                   ? 
_refine.ls_goodness_of_fit_obs_esd               ? 
_refine.ls_hydrogen_treatment                    ? 
_refine.ls_matrix_type                           ? 
_refine.ls_number_constraints                    ? 
_refine.ls_number_parameters                     ? 
_refine.ls_number_reflns_all                     ? 
_refine.ls_number_reflns_obs                     4585 
_refine.ls_number_reflns_R_free                  258 
_refine.ls_number_reflns_R_work                  4327 
_refine.ls_number_restraints                     ? 
_refine.ls_percent_reflns_obs                    89.4300 
_refine.ls_percent_reflns_R_free                 5.6300 
_refine.ls_R_factor_all                          ? 
_refine.ls_R_factor_obs                          0.2650 
_refine.ls_R_factor_R_free                       0.2774 
_refine.ls_R_factor_R_free_error                 ? 
_refine.ls_R_factor_R_free_error_details         ? 
_refine.ls_R_factor_R_work                       0.2641 
_refine.ls_R_Fsqd_factor_obs                     ? 
_refine.ls_R_I_factor_obs                        ? 
_refine.ls_redundancy_reflns_all                 ? 
_refine.ls_redundancy_reflns_obs                 ? 
_refine.ls_restrained_S_all                      ? 
_refine.ls_restrained_S_obs                      ? 
_refine.ls_shift_over_esd_max                    ? 
_refine.ls_shift_over_esd_mean                   ? 
_refine.ls_structure_factor_coef                 ? 
_refine.ls_weighting_details                     ? 
_refine.ls_weighting_scheme                      ? 
_refine.ls_wR_factor_all                         ? 
_refine.ls_wR_factor_obs                         ? 
_refine.ls_wR_factor_R_free                      ? 
_refine.ls_wR_factor_R_work                      ? 
_refine.occupancy_max                            ? 
_refine.occupancy_min                            ? 
_refine.solvent_model_details                    'FLAT BULK SOLVENT MODEL' 
_refine.solvent_model_param_bsol                 ? 
_refine.solvent_model_param_ksol                 ? 
_refine.pdbx_R_complete                          ? 
_refine.ls_R_factor_gt                           ? 
_refine.ls_goodness_of_fit_gt                    ? 
_refine.ls_goodness_of_fit_ref                   ? 
_refine.ls_shift_over_su_max                     ? 
_refine.ls_shift_over_su_max_lt                  ? 
_refine.ls_shift_over_su_mean                    ? 
_refine.ls_shift_over_su_mean_lt                 ? 
_refine.pdbx_ls_sigma_I                          ? 
_refine.pdbx_ls_sigma_F                          1.980 
_refine.pdbx_ls_sigma_Fsqd                       ? 
_refine.pdbx_data_cutoff_high_absF               ? 
_refine.pdbx_data_cutoff_high_rms_absF           ? 
_refine.pdbx_data_cutoff_low_absF                ? 
_refine.pdbx_isotropic_thermal_model             ? 
_refine.pdbx_ls_cross_valid_method               THROUGHOUT 
_refine.pdbx_method_to_determine_struct          'MOLECULAR REPLACEMENT' 
_refine.pdbx_starting_model                      6XNA 
_refine.pdbx_stereochemistry_target_values       ML 
_refine.pdbx_R_Free_selection_details            ? 
_refine.pdbx_stereochem_target_val_spec_case     ? 
_refine.pdbx_overall_ESU_R                       ? 
_refine.pdbx_overall_ESU_R_Free                  ? 
_refine.pdbx_solvent_vdw_probe_radii             1.1100 
_refine.pdbx_solvent_ion_probe_radii             ? 
_refine.pdbx_solvent_shrinkage_radii             0.9000 
_refine.pdbx_real_space_R                        ? 
_refine.pdbx_density_correlation                 ? 
_refine.pdbx_pd_number_of_powder_patterns        ? 
_refine.pdbx_pd_number_of_points                 ? 
_refine.pdbx_pd_meas_number_of_points            ? 
_refine.pdbx_pd_proc_ls_prof_R_factor            ? 
_refine.pdbx_pd_proc_ls_prof_wR_factor           ? 
_refine.pdbx_pd_Marquardt_correlation_coeff      ? 
_refine.pdbx_pd_Fsqrd_R_factor                   ? 
_refine.pdbx_pd_ls_matrix_band_width             ? 
_refine.pdbx_overall_phase_error                 32.6200 
_refine.pdbx_overall_SU_R_free_Cruickshank_DPI   ? 
_refine.pdbx_overall_SU_R_free_Blow_DPI          ? 
_refine.pdbx_overall_SU_R_Blow_DPI               ? 
_refine.pdbx_TLS_residual_ADP_flag               ? 
_refine.pdbx_diffrn_id                           1 
_refine.overall_SU_B                             ? 
_refine.overall_SU_ML                            0.3500 
_refine.overall_SU_R_Cruickshank_DPI             ? 
_refine.overall_SU_R_free                        ? 
_refine.overall_FOM_free_R_set                   ? 
_refine.overall_FOM_work_R_set                   ? 
_refine.pdbx_average_fsc_overall                 ? 
_refine.pdbx_average_fsc_work                    ? 
_refine.pdbx_average_fsc_free                    ? 
# 
_refine_hist.pdbx_refine_id                   'X-RAY DIFFRACTION' 
_refine_hist.cycle_id                         final 
_refine_hist.details                          ? 
_refine_hist.d_res_high                       3.1100 
_refine_hist.d_res_low                        34.0860 
_refine_hist.number_atoms_solvent             0 
_refine_hist.number_atoms_total               857 
_refine_hist.number_reflns_all                ? 
_refine_hist.number_reflns_obs                ? 
_refine_hist.number_reflns_R_free             ? 
_refine_hist.number_reflns_R_work             ? 
_refine_hist.R_factor_all                     ? 
_refine_hist.R_factor_obs                     ? 
_refine_hist.R_factor_R_free                  ? 
_refine_hist.R_factor_R_work                  ? 
_refine_hist.pdbx_number_residues_total       42 
_refine_hist.pdbx_B_iso_mean_ligand           135.19 
_refine_hist.pdbx_B_iso_mean_solvent          ? 
_refine_hist.pdbx_number_atoms_protein        0 
_refine_hist.pdbx_number_atoms_nucleic_acid   855 
_refine_hist.pdbx_number_atoms_ligand         2 
_refine_hist.pdbx_number_atoms_lipid          ? 
_refine_hist.pdbx_number_atoms_carb           ? 
_refine_hist.pdbx_pseudo_atom_details         ? 
# 
loop_
_refine_ls_restr.pdbx_refine_id 
_refine_ls_restr.criterion 
_refine_ls_restr.dev_ideal 
_refine_ls_restr.dev_ideal_target 
_refine_ls_restr.number 
_refine_ls_restr.rejects 
_refine_ls_restr.type 
_refine_ls_restr.weight 
_refine_ls_restr.pdbx_restraint_function 
'X-RAY DIFFRACTION' ? 0.005  ? 956  ? f_bond_d           ? ? 
'X-RAY DIFFRACTION' ? 0.678  ? 1467 ? f_angle_d          ? ? 
'X-RAY DIFFRACTION' ? 0.034  ? 166  ? f_chiral_restr     ? ? 
'X-RAY DIFFRACTION' ? 0.004  ? 42   ? f_plane_restr      ? ? 
'X-RAY DIFFRACTION' ? 34.070 ? 406  ? f_dihedral_angle_d ? ? 
# 
loop_
_refine_ls_shell.pdbx_refine_id 
_refine_ls_shell.d_res_high 
_refine_ls_shell.d_res_low 
_refine_ls_shell.number_reflns_all 
_refine_ls_shell.number_reflns_obs 
_refine_ls_shell.number_reflns_R_free 
_refine_ls_shell.number_reflns_R_work 
_refine_ls_shell.percent_reflns_obs 
_refine_ls_shell.percent_reflns_R_free 
_refine_ls_shell.R_factor_all 
_refine_ls_shell.R_factor_obs 
_refine_ls_shell.R_factor_R_free 
_refine_ls_shell.R_factor_R_free_error 
_refine_ls_shell.R_factor_R_work 
_refine_ls_shell.redundancy_reflns_all 
_refine_ls_shell.redundancy_reflns_obs 
_refine_ls_shell.wR_factor_all 
_refine_ls_shell.wR_factor_obs 
_refine_ls_shell.wR_factor_R_free 
_refine_ls_shell.wR_factor_R_work 
_refine_ls_shell.pdbx_R_complete 
_refine_ls_shell.pdbx_total_number_of_bins_used 
_refine_ls_shell.pdbx_phase_error 
_refine_ls_shell.pdbx_fsc_work 
_refine_ls_shell.pdbx_fsc_free 
'X-RAY DIFFRACTION' 3.1104 3.9178 . . 114 1914 79.0000  . . . 0.3215 0.0000 0.3225 . . . . . . . . . . . 
'X-RAY DIFFRACTION' 3.9178 34.086 . . 144 2413 100.0000 . . . 0.2635 0.0000 0.2451 . . . . . . . . . . . 
# 
_struct.entry_id                     7JHC 
_struct.title                        
'Self-assembly of a 3D DNA crystal lattice (4x6 junction version) containing the J26 immobile Holliday junction' 
_struct.pdbx_model_details           ? 
_struct.pdbx_formula_weight          ? 
_struct.pdbx_formula_weight_method   ? 
_struct.pdbx_model_type_details      ? 
_struct.pdbx_CASP_flag               N 
# 
_struct_keywords.entry_id        7JHC 
_struct_keywords.text            
'Structural DNA nanotechnology, immobile Holliday junctions, 3D DNA self-assembly, designer DNA crystals, DNA' 
_struct_keywords.pdbx_keywords   DNA 
# 
loop_
_struct_asym.id 
_struct_asym.pdbx_blank_PDB_chainid_flag 
_struct_asym.pdbx_modified 
_struct_asym.entity_id 
_struct_asym.details 
A N N 1 ? 
B N N 2 ? 
C N N 3 ? 
D N N 4 ? 
E N N 5 ? 
F N N 5 ? 
# 
loop_
_struct_conn.id 
_struct_conn.conn_type_id 
_struct_conn.pdbx_leaving_atom_flag 
_struct_conn.pdbx_PDB_id 
_struct_conn.ptnr1_label_asym_id 
_struct_conn.ptnr1_label_comp_id 
_struct_conn.ptnr1_label_seq_id 
_struct_conn.ptnr1_label_atom_id 
_struct_conn.pdbx_ptnr1_label_alt_id 
_struct_conn.pdbx_ptnr1_PDB_ins_code 
_struct_conn.pdbx_ptnr1_standard_comp_id 
_struct_conn.ptnr1_symmetry 
_struct_conn.ptnr2_label_asym_id 
_struct_conn.ptnr2_label_comp_id 
_struct_conn.ptnr2_label_seq_id 
_struct_conn.ptnr2_label_atom_id 
_struct_conn.pdbx_ptnr2_label_alt_id 
_struct_conn.pdbx_ptnr2_PDB_ins_code 
_struct_conn.ptnr1_auth_asym_id 
_struct_conn.ptnr1_auth_comp_id 
_struct_conn.ptnr1_auth_seq_id 
_struct_conn.ptnr2_auth_asym_id 
_struct_conn.ptnr2_auth_comp_id 
_struct_conn.ptnr2_auth_seq_id 
_struct_conn.ptnr2_symmetry 
_struct_conn.pdbx_ptnr3_label_atom_id 
_struct_conn.pdbx_ptnr3_label_seq_id 
_struct_conn.pdbx_ptnr3_label_comp_id 
_struct_conn.pdbx_ptnr3_label_asym_id 
_struct_conn.pdbx_ptnr3_label_alt_id 
_struct_conn.pdbx_ptnr3_PDB_ins_code 
_struct_conn.details 
_struct_conn.pdbx_dist_value 
_struct_conn.pdbx_value_order 
_struct_conn.pdbx_role 
hydrog1  hydrog ? ? A DG 3  O6 ? ? ? 1_555 D DC 15 N4 ? ? A DG 3  D DC 16 1_555 ? ? ? ? ? ? 'DG-DC PAIR'    ? ? ? 
hydrog2  hydrog ? ? A DC 4  N3 ? ? ? 1_555 D DG 14 N1 ? ? A DC 4  D DG 15 1_555 ? ? ? ? ? ? WATSON-CRICK    ? ? ? 
hydrog3  hydrog ? ? A DC 4  N4 ? ? ? 1_555 D DG 14 O6 ? ? A DC 4  D DG 15 1_555 ? ? ? ? ? ? WATSON-CRICK    ? ? ? 
hydrog4  hydrog ? ? A DC 4  O2 ? ? ? 1_555 D DG 14 N2 ? ? A DC 4  D DG 15 1_555 ? ? ? ? ? ? WATSON-CRICK    ? ? ? 
hydrog5  hydrog ? ? A DG 6  N1 ? ? ? 1_555 D DC 12 N3 ? ? A DG 6  D DC 13 1_555 ? ? ? ? ? ? WATSON-CRICK    ? ? ? 
hydrog6  hydrog ? ? A DG 6  N2 ? ? ? 1_555 D DC 12 O2 ? ? A DG 6  D DC 13 1_555 ? ? ? ? ? ? WATSON-CRICK    ? ? ? 
hydrog7  hydrog ? ? A DG 6  O6 ? ? ? 1_555 D DC 12 N4 ? ? A DG 6  D DC 13 1_555 ? ? ? ? ? ? WATSON-CRICK    ? ? ? 
hydrog8  hydrog ? ? A DA 7  N6 ? ? ? 1_555 D DT 11 O4 ? ? A DA 7  D DT 12 1_555 ? ? ? ? ? ? 'DA-DT PAIR'    ? ? ? 
hydrog9  hydrog ? ? A DC 8  N3 ? ? ? 1_555 D DG 10 N1 ? ? A DC 8  D DG 11 1_555 ? ? ? ? ? ? WATSON-CRICK    ? ? ? 
hydrog10 hydrog ? ? A DC 8  N4 ? ? ? 1_555 D DG 10 O6 ? ? A DC 8  D DG 11 1_555 ? ? ? ? ? ? WATSON-CRICK    ? ? ? 
hydrog11 hydrog ? ? A DC 8  O2 ? ? ? 1_555 D DG 10 N2 ? ? A DC 8  D DG 11 1_555 ? ? ? ? ? ? WATSON-CRICK    ? ? ? 
hydrog12 hydrog ? ? A DT 9  O4 ? ? ? 1_555 D DG 9  N1 ? ? A DT 9  D DG 10 1_555 ? ? ? ? ? ? 'DT-DG MISPAIR' ? ? ? 
hydrog13 hydrog ? ? A DG 11 N1 ? ? ? 1_555 C DC 2  N3 ? ? A DG 11 C DC 1  1_555 ? ? ? ? ? ? WATSON-CRICK    ? ? ? 
hydrog14 hydrog ? ? A DG 11 N2 ? ? ? 1_555 C DC 2  O2 ? ? A DG 11 C DC 1  1_555 ? ? ? ? ? ? WATSON-CRICK    ? ? ? 
hydrog15 hydrog ? ? A DG 11 O6 ? ? ? 1_555 C DC 2  N4 ? ? A DG 11 C DC 1  1_555 ? ? ? ? ? ? WATSON-CRICK    ? ? ? 
hydrog16 hydrog ? ? A DA 12 N1 ? ? ? 1_555 C DT 1  N3 ? ? A DA 12 C DT 0  1_555 ? ? ? ? ? ? WATSON-CRICK    ? ? ? 
hydrog17 hydrog ? ? A DA 12 N6 ? ? ? 1_555 C DT 1  O4 ? ? A DA 12 C DT 0  1_555 ? ? ? ? ? ? WATSON-CRICK    ? ? ? 
hydrog18 hydrog ? ? B DC 1  N3 ? ? ? 1_555 C DG 6  N1 ? ? B DC 12 C DG 5  1_555 ? ? ? ? ? ? WATSON-CRICK    ? ? ? 
hydrog19 hydrog ? ? B DC 1  N4 ? ? ? 1_555 C DG 6  O6 ? ? B DC 12 C DG 5  1_555 ? ? ? ? ? ? WATSON-CRICK    ? ? ? 
hydrog20 hydrog ? ? B DC 1  O2 ? ? ? 1_555 C DG 6  N2 ? ? B DC 12 C DG 5  1_555 ? ? ? ? ? ? WATSON-CRICK    ? ? ? 
hydrog21 hydrog ? ? B DG 2  N1 ? ? ? 1_555 C DC 5  N3 ? ? B DG 13 C DC 4  1_555 ? ? ? ? ? ? WATSON-CRICK    ? ? ? 
hydrog22 hydrog ? ? B DG 2  N2 ? ? ? 1_555 C DC 5  O2 ? ? B DG 13 C DC 4  1_555 ? ? ? ? ? ? WATSON-CRICK    ? ? ? 
hydrog23 hydrog ? ? B DG 2  O6 ? ? ? 1_555 C DC 5  N4 ? ? B DG 13 C DC 4  1_555 ? ? ? ? ? ? WATSON-CRICK    ? ? ? 
hydrog24 hydrog ? ? B DA 3  N1 ? ? ? 1_555 C DT 4  N3 ? ? B DA 14 C DT 3  1_555 ? ? ? ? ? ? WATSON-CRICK    ? ? ? 
hydrog25 hydrog ? ? B DA 3  N6 ? ? ? 1_555 C DT 4  O4 ? ? B DA 14 C DT 3  1_555 ? ? ? ? ? ? WATSON-CRICK    ? ? ? 
hydrog26 hydrog ? ? B DC 4  N4 ? ? ? 1_555 D DA 8  N1 ? ? B DC 15 D DA 9  1_555 ? ? ? ? ? ? 'DC-DA MISPAIR' ? ? ? 
hydrog27 hydrog ? ? B DA 5  N1 ? ? ? 1_555 D DT 7  N3 ? ? B DA 16 D DT 8  1_555 ? ? ? ? ? ? WATSON-CRICK    ? ? ? 
hydrog28 hydrog ? ? B DA 5  N6 ? ? ? 1_555 D DT 7  O4 ? ? B DA 16 D DT 8  1_555 ? ? ? ? ? ? WATSON-CRICK    ? ? ? 
hydrog29 hydrog ? ? B DC 6  N3 ? ? ? 1_555 D DG 6  N1 ? ? B DC 17 D DG 7  1_555 ? ? ? ? ? ? WATSON-CRICK    ? ? ? 
hydrog30 hydrog ? ? B DC 6  N4 ? ? ? 1_555 D DG 6  O6 ? ? B DC 17 D DG 7  1_555 ? ? ? ? ? ? WATSON-CRICK    ? ? ? 
hydrog31 hydrog ? ? B DC 6  O2 ? ? ? 1_555 D DG 6  N2 ? ? B DC 17 D DG 7  1_555 ? ? ? ? ? ? WATSON-CRICK    ? ? ? 
hydrog32 hydrog ? ? B DT 7  N3 ? ? ? 1_555 D DA 5  N1 ? ? B DT 18 D DA 6  1_555 ? ? ? ? ? ? WATSON-CRICK    ? ? ? 
hydrog33 hydrog ? ? B DT 7  O4 ? ? ? 1_555 D DA 5  N6 ? ? B DT 18 D DA 6  1_555 ? ? ? ? ? ? WATSON-CRICK    ? ? ? 
hydrog34 hydrog ? ? B DC 8  N3 ? ? ? 1_555 D DG 4  N1 ? ? B DC 19 D DG 5  1_555 ? ? ? ? ? ? WATSON-CRICK    ? ? ? 
hydrog35 hydrog ? ? B DC 8  N4 ? ? ? 1_555 D DG 4  O6 ? ? B DC 19 D DG 5  1_555 ? ? ? ? ? ? WATSON-CRICK    ? ? ? 
hydrog36 hydrog ? ? B DC 8  O2 ? ? ? 1_555 D DG 4  N2 ? ? B DC 19 D DG 5  1_555 ? ? ? ? ? ? WATSON-CRICK    ? ? ? 
# 
_struct_conn_type.id          hydrog 
_struct_conn_type.criteria    ? 
_struct_conn_type.reference   ? 
# 
_atom_sites.entry_id                    7JHC 
_atom_sites.Cartn_transf_matrix[1][1]   ? 
_atom_sites.Cartn_transf_matrix[1][2]   ? 
_atom_sites.Cartn_transf_matrix[1][3]   ? 
_atom_sites.Cartn_transf_matrix[2][1]   ? 
_atom_sites.Cartn_transf_matrix[2][2]   ? 
_atom_sites.Cartn_transf_matrix[2][3]   ? 
_atom_sites.Cartn_transf_matrix[3][1]   ? 
_atom_sites.Cartn_transf_matrix[3][2]   ? 
_atom_sites.Cartn_transf_matrix[3][3]   ? 
_atom_sites.Cartn_transf_vector[1]      ? 
_atom_sites.Cartn_transf_vector[2]      ? 
_atom_sites.Cartn_transf_vector[3]      ? 
_atom_sites.fract_transf_matrix[1][1]   -0.01639806 
_atom_sites.fract_transf_matrix[1][2]   0.00019240 
_atom_sites.fract_transf_matrix[1][3]   -0.00423912 
_atom_sites.fract_transf_matrix[2][1]   -0.00829359 
_atom_sites.fract_transf_matrix[2][2]   0.01472844 
_atom_sites.fract_transf_matrix[2][3]   -0.00108875 
_atom_sites.fract_transf_matrix[3][1]   0.00454655 
_atom_sites.fract_transf_matrix[3][2]   0.00126433 
_atom_sites.fract_transf_matrix[3][3]   -0.01752992 
_atom_sites.fract_transf_vector[1]      -0.321849 
_atom_sites.fract_transf_vector[2]      -0.177707 
_atom_sites.fract_transf_vector[3]      -0.014084 
_atom_sites.solution_primary            ? 
_atom_sites.solution_secondary          ? 
_atom_sites.solution_hydrogens          ? 
_atom_sites.special_details             ? 
# 
loop_
_atom_type.symbol 
AS 
C  
N  
O  
P  
# 
loop_
_atom_site.group_PDB 
_atom_site.id 
_atom_site.type_symbol 
_atom_site.label_atom_id 
_atom_site.label_alt_id 
_atom_site.label_comp_id 
_atom_site.label_asym_id 
_atom_site.label_entity_id 
_atom_site.label_seq_id 
_atom_site.pdbx_PDB_ins_code 
_atom_site.Cartn_x 
_atom_site.Cartn_y 
_atom_site.Cartn_z 
_atom_site.occupancy 
_atom_site.B_iso_or_equiv 
_atom_site.pdbx_formal_charge 
_atom_site.auth_seq_id 
_atom_site.auth_comp_id 
_atom_site.auth_asym_id 
_atom_site.auth_atom_id 
_atom_site.pdbx_PDB_model_num 
ATOM   1   O  "O5'" . DG  A 1 1  ? 15.370  -13.769 -11.077 1.00 94.14  ? 1   DG  A "O5'" 1 
ATOM   2   C  "C5'" . DG  A 1 1  ? 16.486  -14.645 -10.988 1.00 87.20  ? 1   DG  A "C5'" 1 
ATOM   3   C  "C4'" . DG  A 1 1  ? 17.118  -14.561 -9.614  1.00 83.88  ? 1   DG  A "C4'" 1 
ATOM   4   O  "O4'" . DG  A 1 1  ? 18.258  -13.694 -9.671  1.00 67.99  ? 1   DG  A "O4'" 1 
ATOM   5   C  "C3'" . DG  A 1 1  ? 16.234  -13.943 -8.550  1.00 95.22  ? 1   DG  A "C3'" 1 
ATOM   6   O  "O3'" . DG  A 1 1  ? 15.415  -14.941 -7.958  1.00 95.64  ? 1   DG  A "O3'" 1 
ATOM   7   C  "C2'" . DG  A 1 1  ? 17.242  -13.372 -7.547  1.00 84.30  ? 1   DG  A "C2'" 1 
ATOM   8   C  "C1'" . DG  A 1 1  ? 18.523  -13.214 -8.376  1.00 66.99  ? 1   DG  A "C1'" 1 
ATOM   9   N  N9    . DG  A 1 1  ? 19.018  -11.845 -8.484  1.00 69.70  ? 1   DG  A N9    1 
ATOM   10  C  C8    . DG  A 1 1  ? 19.426  -11.211 -9.631  1.00 70.62  ? 1   DG  A C8    1 
ATOM   11  N  N7    . DG  A 1 1  ? 19.848  -9.994  -9.436  1.00 71.48  ? 1   DG  A N7    1 
ATOM   12  C  C5    . DG  A 1 1  ? 19.716  -9.804  -8.068  1.00 69.43  ? 1   DG  A C5    1 
ATOM   13  C  C6    . DG  A 1 1  ? 20.017  -8.673  -7.278  1.00 67.70  ? 1   DG  A C6    1 
ATOM   14  O  O6    . DG  A 1 1  ? 20.472  -7.579  -7.638  1.00 67.28  ? 1   DG  A O6    1 
ATOM   15  N  N1    . DG  A 1 1  ? 19.733  -8.898  -5.935  1.00 71.89  ? 1   DG  A N1    1 
ATOM   16  C  C2    . DG  A 1 1  ? 19.226  -10.067 -5.421  1.00 76.71  ? 1   DG  A C2    1 
ATOM   17  N  N2    . DG  A 1 1  ? 19.016  -10.089 -4.096  1.00 79.22  ? 1   DG  A N2    1 
ATOM   18  N  N3    . DG  A 1 1  ? 18.942  -11.139 -6.150  1.00 72.46  ? 1   DG  A N3    1 
ATOM   19  C  C4    . DG  A 1 1  ? 19.211  -10.936 -7.465  1.00 71.37  ? 1   DG  A C4    1 
ATOM   20  P  P     . DA  A 1 2  ? 13.823  -14.899 -8.178  1.00 93.38  ? 2   DA  A P     1 
ATOM   21  O  OP1   . DA  A 1 2  ? 13.326  -16.292 -8.124  1.00 91.65  ? 2   DA  A OP1   1 
ATOM   22  O  OP2   . DA  A 1 2  ? 13.567  -14.071 -9.374  1.00 93.44  ? 2   DA  A OP2   1 
ATOM   23  O  "O5'" . DA  A 1 2  ? 13.279  -14.079 -6.920  1.00 84.56  ? 2   DA  A "O5'" 1 
ATOM   24  C  "C5'" . DA  A 1 2  ? 13.377  -14.625 -5.615  1.00 80.87  ? 2   DA  A "C5'" 1 
ATOM   25  C  "C4'" . DA  A 1 2  ? 13.963  -13.604 -4.666  1.00 82.77  ? 2   DA  A "C4'" 1 
ATOM   26  O  "O4'" . DA  A 1 2  ? 14.881  -12.770 -5.398  1.00 77.01  ? 2   DA  A "O4'" 1 
ATOM   27  C  "C3'" . DA  A 1 2  ? 12.943  -12.653 -4.030  1.00 87.77  ? 2   DA  A "C3'" 1 
ATOM   28  O  "O3'" . DA  A 1 2  ? 12.922  -12.823 -2.622  1.00 88.02  ? 2   DA  A "O3'" 1 
ATOM   29  C  "C2'" . DA  A 1 2  ? 13.424  -11.246 -4.417  1.00 88.19  ? 2   DA  A "C2'" 1 
ATOM   30  C  "C1'" . DA  A 1 2  ? 14.862  -11.486 -4.843  1.00 81.93  ? 2   DA  A "C1'" 1 
ATOM   31  N  N9    . DA  A 1 2  ? 15.340  -10.551 -5.854  1.00 82.23  ? 2   DA  A N9    1 
ATOM   32  C  C8    . DA  A 1 2  ? 15.271  -10.695 -7.213  1.00 79.69  ? 2   DA  A C8    1 
ATOM   33  N  N7    . DA  A 1 2  ? 15.796  -9.694  -7.879  1.00 74.05  ? 2   DA  A N7    1 
ATOM   34  C  C5    . DA  A 1 2  ? 16.239  -8.835  -6.886  1.00 75.08  ? 2   DA  A C5    1 
ATOM   35  C  C6    . DA  A 1 2  ? 16.888  -7.589  -6.932  1.00 77.91  ? 2   DA  A C6    1 
ATOM   36  N  N6    . DA  A 1 2  ? 17.214  -6.972  -8.075  1.00 79.26  ? 2   DA  A N6    1 
ATOM   37  N  N1    . DA  A 1 2  ? 17.192  -6.998  -5.755  1.00 77.02  ? 2   DA  A N1    1 
ATOM   38  C  C2    . DA  A 1 2  ? 16.865  -7.623  -4.617  1.00 82.21  ? 2   DA  A C2    1 
ATOM   39  N  N3    . DA  A 1 2  ? 16.255  -8.794  -4.449  1.00 80.85  ? 2   DA  A N3    1 
ATOM   40  C  C4    . DA  A 1 2  ? 15.967  -9.352  -5.633  1.00 77.12  ? 2   DA  A C4    1 
ATOM   41  P  P     . DG  A 1 3  ? 11.627  -12.373 -1.784  1.00 99.95  ? 3   DG  A P     1 
ATOM   42  O  OP1   . DG  A 1 3  ? 11.668  -13.074 -0.483  1.00 86.46  ? 3   DG  A OP1   1 
ATOM   43  O  OP2   . DG  A 1 3  ? 10.460  -12.557 -2.675  1.00 108.54 ? 3   DG  A OP2   1 
ATOM   44  O  "O5'" . DG  A 1 3  ? 11.823  -10.796 -1.557  1.00 84.44  ? 3   DG  A "O5'" 1 
ATOM   45  C  "C5'" . DG  A 1 3  ? 12.748  -10.327 -0.586  1.00 78.94  ? 3   DG  A "C5'" 1 
ATOM   46  C  "C4'" . DG  A 1 3  ? 13.061  -8.848  -0.781  1.00 91.81  ? 3   DG  A "C4'" 1 
ATOM   47  O  "O4'" . DG  A 1 3  ? 13.544  -8.610  -2.118  1.00 86.46  ? 3   DG  A "O4'" 1 
ATOM   48  C  "C3'" . DG  A 1 3  ? 11.884  -7.873  -0.580  1.00 100.53 ? 3   DG  A "C3'" 1 
ATOM   49  O  "O3'" . DG  A 1 3  ? 12.154  -7.017  0.536   1.00 105.53 ? 3   DG  A "O3'" 1 
ATOM   50  C  "C2'" . DG  A 1 3  ? 11.824  -7.077  -1.898  1.00 90.48  ? 3   DG  A "C2'" 1 
ATOM   51  C  "C1'" . DG  A 1 3  ? 13.222  -7.289  -2.458  1.00 83.47  ? 3   DG  A "C1'" 1 
ATOM   52  N  N9    . DG  A 1 3  ? 13.320  -7.143  -3.907  1.00 84.34  ? 3   DG  A N9    1 
ATOM   53  C  C8    . DG  A 1 3  ? 12.877  -8.028  -4.858  1.00 82.40  ? 3   DG  A C8    1 
ATOM   54  N  N7    . DG  A 1 3  ? 13.112  -7.641  -6.080  1.00 79.56  ? 3   DG  A N7    1 
ATOM   55  C  C5    . DG  A 1 3  ? 13.755  -6.421  -5.932  1.00 79.30  ? 3   DG  A C5    1 
ATOM   56  C  C6    . DG  A 1 3  ? 14.250  -5.531  -6.911  1.00 78.10  ? 3   DG  A C6    1 
ATOM   57  O  O6    . DG  A 1 3  ? 14.215  -5.650  -8.146  1.00 77.30  ? 3   DG  A O6    1 
ATOM   58  N  N1    . DG  A 1 3  ? 14.832  -4.405  -6.334  1.00 75.99  ? 3   DG  A N1    1 
ATOM   59  C  C2    . DG  A 1 3  ? 14.925  -4.171  -4.983  1.00 75.46  ? 3   DG  A C2    1 
ATOM   60  N  N2    . DG  A 1 3  ? 15.521  -3.027  -4.619  1.00 76.08  ? 3   DG  A N2    1 
ATOM   61  N  N3    . DG  A 1 3  ? 14.467  -5.000  -4.051  1.00 79.94  ? 3   DG  A N3    1 
ATOM   62  C  C4    . DG  A 1 3  ? 13.894  -6.101  -4.598  1.00 82.63  ? 3   DG  A C4    1 
ATOM   63  P  P     . DC  A 1 4  ? 11.059  -5.958  1.050   1.00 106.10 ? 4   DC  A P     1 
ATOM   64  O  OP1   . DC  A 1 4  ? 11.308  -5.748  2.493   1.00 107.06 ? 4   DC  A OP1   1 
ATOM   65  O  OP2   . DC  A 1 4  ? 9.728   -6.421  0.592   1.00 95.13  ? 4   DC  A OP2   1 
ATOM   66  O  "O5'" . DC  A 1 4  ? 11.420  -4.602  0.270   1.00 101.86 ? 4   DC  A "O5'" 1 
ATOM   67  C  "C5'" . DC  A 1 4  ? 12.642  -3.917  0.551   1.00 92.96  ? 4   DC  A "C5'" 1 
ATOM   68  C  "C4'" . DC  A 1 4  ? 12.708  -2.583  -0.182  1.00 89.40  ? 4   DC  A "C4'" 1 
ATOM   69  O  "O4'" . DC  A 1 4  ? 12.930  -2.808  -1.601  1.00 87.01  ? 4   DC  A "O4'" 1 
ATOM   70  C  "C3'" . DC  A 1 4  ? 11.444  -1.722  -0.088  1.00 95.62  ? 4   DC  A "C3'" 1 
ATOM   71  O  "O3'" . DC  A 1 4  ? 11.798  -0.352  0.085   1.00 98.74  ? 4   DC  A "O3'" 1 
ATOM   72  C  "C2'" . DC  A 1 4  ? 10.775  -1.954  -1.439  1.00 95.67  ? 4   DC  A "C2'" 1 
ATOM   73  C  "C1'" . DC  A 1 4  ? 11.994  -2.052  -2.336  1.00 91.55  ? 4   DC  A "C1'" 1 
ATOM   74  N  N1    . DC  A 1 4  ? 11.734  -2.727  -3.650  1.00 92.37  ? 4   DC  A N1    1 
ATOM   75  C  C2    . DC  A 1 4  ? 12.154  -2.111  -4.837  1.00 84.99  ? 4   DC  A C2    1 
ATOM   76  O  O2    . DC  A 1 4  ? 12.739  -1.020  -4.778  1.00 82.79  ? 4   DC  A O2    1 
ATOM   77  N  N3    . DC  A 1 4  ? 11.911  -2.733  -6.020  1.00 80.70  ? 4   DC  A N3    1 
ATOM   78  C  C4    . DC  A 1 4  ? 11.278  -3.909  -6.041  1.00 79.92  ? 4   DC  A C4    1 
ATOM   79  N  N4    . DC  A 1 4  ? 11.062  -4.481  -7.231  1.00 82.31  ? 4   DC  A N4    1 
ATOM   80  C  C5    . DC  A 1 4  ? 10.839  -4.550  -4.844  1.00 83.07  ? 4   DC  A C5    1 
ATOM   81  C  C6    . DC  A 1 4  ? 11.085  -3.929  -3.682  1.00 88.06  ? 4   DC  A C6    1 
ATOM   82  P  P     . DA  A 1 5  ? 10.752  0.669   0.752   1.00 101.65 ? 5   DA  A P     1 
ATOM   83  O  OP1   . DA  A 1 5  ? 11.264  1.017   2.098   1.00 106.12 ? 5   DA  A OP1   1 
ATOM   84  O  OP2   . DA  A 1 5  ? 9.413   0.056   0.603   1.00 97.70  ? 5   DA  A OP2   1 
ATOM   85  O  "O5'" . DA  A 1 5  ? 10.809  1.973   -0.181  1.00 94.12  ? 5   DA  A "O5'" 1 
ATOM   86  C  "C5'" . DA  A 1 5  ? 11.693  3.056   0.137   1.00 95.72  ? 5   DA  A "C5'" 1 
ATOM   87  C  "C4'" . DA  A 1 5  ? 11.906  3.959   -1.072  1.00 103.85 ? 5   DA  A "C4'" 1 
ATOM   88  O  "O4'" . DA  A 1 5  ? 11.997  3.143   -2.267  1.00 106.70 ? 5   DA  A "O4'" 1 
ATOM   89  C  "C3'" . DA  A 1 5  ? 10.792  4.967   -1.348  1.00 102.07 ? 5   DA  A "C3'" 1 
ATOM   90  O  "O3'" . DA  A 1 5  ? 11.331  6.143   -1.954  1.00 101.65 ? 5   DA  A "O3'" 1 
ATOM   91  C  "C2'" . DA  A 1 5  ? 9.893   4.213   -2.316  1.00 99.69  ? 5   DA  A "C2'" 1 
ATOM   92  C  "C1'" . DA  A 1 5  ? 10.907  3.413   -3.126  1.00 93.25  ? 5   DA  A "C1'" 1 
ATOM   93  N  N9    . DA  A 1 5  ? 10.376  2.143   -3.598  1.00 82.46  ? 5   DA  A N9    1 
ATOM   94  C  C8    . DA  A 1 5  ? 9.811   1.158   -2.840  1.00 77.95  ? 5   DA  A C8    1 
ATOM   95  N  N7    . DA  A 1 5  ? 9.406   0.125   -3.534  1.00 81.17  ? 5   DA  A N7    1 
ATOM   96  C  C5    . DA  A 1 5  ? 9.728   0.456   -4.839  1.00 86.83  ? 5   DA  A C5    1 
ATOM   97  C  C6    . DA  A 1 5  ? 9.562   -0.223  -6.062  1.00 80.76  ? 5   DA  A C6    1 
ATOM   98  N  N6    . DA  A 1 5  ? 9.001   -1.435  -6.157  1.00 80.13  ? 5   DA  A N6    1 
ATOM   99  N  N1    . DA  A 1 5  ? 9.993   0.391   -7.184  1.00 74.56  ? 5   DA  A N1    1 
ATOM   100 C  C2    . DA  A 1 5  ? 10.555  1.603   -7.080  1.00 81.64  ? 5   DA  A C2    1 
ATOM   101 N  N3    . DA  A 1 5  ? 10.764  2.339   -5.989  1.00 85.87  ? 5   DA  A N3    1 
ATOM   102 C  C4    . DA  A 1 5  ? 10.325  1.702   -4.895  1.00 85.99  ? 5   DA  A C4    1 
ATOM   103 P  P     . DG  A 1 6  ? 10.356  7.321   -2.457  1.00 119.42 ? 6   DG  A P     1 
ATOM   104 O  OP1   . DG  A 1 6  ? 11.165  8.558   -2.515  1.00 127.00 ? 6   DG  A OP1   1 
ATOM   105 O  OP2   . DG  A 1 6  ? 9.123   7.286   -1.640  1.00 114.09 ? 6   DG  A OP2   1 
ATOM   106 O  "O5'" . DG  A 1 6  ? 9.975   6.907   -3.956  1.00 109.80 ? 6   DG  A "O5'" 1 
ATOM   107 C  "C5'" . DG  A 1 6  ? 10.985  6.873   -4.959  1.00 109.74 ? 6   DG  A "C5'" 1 
ATOM   108 C  "C4'" . DG  A 1 6  ? 10.377  6.898   -6.352  1.00 109.72 ? 6   DG  A "C4'" 1 
ATOM   109 O  "O4'" . DG  A 1 6  ? 10.024  5.549   -6.762  1.00 100.64 ? 6   DG  A "O4'" 1 
ATOM   110 C  "C3'" . DG  A 1 6  ? 9.102   7.737   -6.498  1.00 112.18 ? 6   DG  A "C3'" 1 
ATOM   111 O  "O3'" . DG  A 1 6  ? 9.184   8.540   -7.679  1.00 119.70 ? 6   DG  A "O3'" 1 
ATOM   112 C  "C2'" . DG  A 1 6  ? 8.000   6.681   -6.609  1.00 108.97 ? 6   DG  A "C2'" 1 
ATOM   113 C  "C1'" . DG  A 1 6  ? 8.736   5.563   -7.331  1.00 98.70  ? 6   DG  A "C1'" 1 
ATOM   114 N  N9    . DG  A 1 6  ? 8.133   4.242   -7.150  1.00 89.35  ? 6   DG  A N9    1 
ATOM   115 C  C8    . DG  A 1 6  ? 7.802   3.643   -5.959  1.00 90.54  ? 6   DG  A C8    1 
ATOM   116 N  N7    . DG  A 1 6  ? 7.281   2.455   -6.098  1.00 88.34  ? 6   DG  A N7    1 
ATOM   117 C  C5    . DG  A 1 6  ? 7.264   2.248   -7.470  1.00 87.23  ? 6   DG  A C5    1 
ATOM   118 C  C6    . DG  A 1 6  ? 6.812   1.133   -8.215  1.00 85.35  ? 6   DG  A C6    1 
ATOM   119 O  O6    . DG  A 1 6  ? 6.318   0.076   -7.793  1.00 83.69  ? 6   DG  A O6    1 
ATOM   120 N  N1    . DG  A 1 6  ? 6.974   1.327   -9.584  1.00 84.68  ? 6   DG  A N1    1 
ATOM   121 C  C2    . DG  A 1 6  ? 7.507   2.457   -10.161 1.00 92.15  ? 6   DG  A C2    1 
ATOM   122 N  N2    . DG  A 1 6  ? 7.582   2.457   -11.501 1.00 92.28  ? 6   DG  A N2    1 
ATOM   123 N  N3    . DG  A 1 6  ? 7.937   3.512   -9.473  1.00 92.77  ? 6   DG  A N3    1 
ATOM   124 C  C4    . DG  A 1 6  ? 7.786   3.338   -8.136  1.00 88.30  ? 6   DG  A C4    1 
ATOM   125 P  P     . DA  A 1 7  ? 8.195   9.790   -7.890  1.00 128.54 ? 7   DA  A P     1 
ATOM   126 O  OP1   . DA  A 1 7  ? 9.031   11.005  -8.038  1.00 123.23 ? 7   DA  A OP1   1 
ATOM   127 O  OP2   . DA  A 1 7  ? 7.166   9.729   -6.828  1.00 122.44 ? 7   DA  A OP2   1 
ATOM   128 O  "O5'" . DA  A 1 7  ? 7.462   9.476   -9.282  1.00 115.98 ? 7   DA  A "O5'" 1 
ATOM   129 C  "C5'" . DA  A 1 7  ? 8.215   9.392   -10.493 1.00 122.47 ? 7   DA  A "C5'" 1 
ATOM   130 C  "C4'" . DA  A 1 7  ? 7.441   8.628   -11.559 1.00 118.96 ? 7   DA  A "C4'" 1 
ATOM   131 O  "O4'" . DA  A 1 7  ? 7.204   7.272   -11.101 1.00 106.08 ? 7   DA  A "O4'" 1 
ATOM   132 C  "C3'" . DA  A 1 7  ? 6.064   9.207   -11.909 1.00 123.24 ? 7   DA  A "C3'" 1 
ATOM   133 O  "O3'" . DA  A 1 7  ? 5.862   9.198   -13.322 1.00 127.04 ? 7   DA  A "O3'" 1 
ATOM   134 C  "C2'" . DA  A 1 7  ? 5.095   8.264   -11.208 1.00 115.58 ? 7   DA  A "C2'" 1 
ATOM   135 C  "C1'" . DA  A 1 7  ? 5.847   6.947   -11.276 1.00 105.25 ? 7   DA  A "C1'" 1 
ATOM   136 N  N9    . DA  A 1 7  ? 5.457   6.022   -10.225 1.00 100.21 ? 7   DA  A N9    1 
ATOM   137 C  C8    . DA  A 1 7  ? 5.477   6.254   -8.880  1.00 99.47  ? 7   DA  A C8    1 
ATOM   138 N  N7    . DA  A 1 7  ? 5.057   5.240   -8.162  1.00 94.52  ? 7   DA  A N7    1 
ATOM   139 C  C5    . DA  A 1 7  ? 4.735   4.278   -9.106  1.00 92.29  ? 7   DA  A C5    1 
ATOM   140 C  C6    . DA  A 1 7  ? 4.230   2.969   -8.992  1.00 87.93  ? 7   DA  A C6    1 
ATOM   141 N  N6    . DA  A 1 7  ? 3.955   2.388   -7.820  1.00 88.93  ? 7   DA  A N6    1 
ATOM   142 N  N1    . DA  A 1 7  ? 4.021   2.278   -10.134 1.00 84.21  ? 7   DA  A N1    1 
ATOM   143 C  C2    . DA  A 1 7  ? 4.299   2.868   -11.305 1.00 90.47  ? 7   DA  A C2    1 
ATOM   144 N  N3    . DA  A 1 7  ? 4.777   4.090   -11.536 1.00 87.76  ? 7   DA  A N3    1 
ATOM   145 C  C4    . DA  A 1 7  ? 4.975   4.748   -10.385 1.00 92.28  ? 7   DA  A C4    1 
ATOM   146 P  P     . DC  A 1 8  ? 4.486   9.753   -13.942 1.00 133.29 ? 8   DC  A P     1 
ATOM   147 O  OP1   . DC  A 1 8  ? 4.774   10.222  -15.315 1.00 133.23 ? 8   DC  A OP1   1 
ATOM   148 O  OP2   . DC  A 1 8  ? 3.894   10.683  -12.954 1.00 122.13 ? 8   DC  A OP2   1 
ATOM   149 O  "O5'" . DC  A 1 8  ? 3.544   8.463   -14.035 1.00 114.51 ? 8   DC  A "O5'" 1 
ATOM   150 C  "C5'" . DC  A 1 8  ? 3.868   7.418   -14.939 1.00 111.58 ? 8   DC  A "C5'" 1 
ATOM   151 C  "C4'" . DC  A 1 8  ? 2.814   6.325   -14.910 1.00 108.46 ? 8   DC  A "C4'" 1 
ATOM   152 O  "O4'" . DC  A 1 8  ? 2.888   5.600   -13.672 1.00 102.82 ? 8   DC  A "O4'" 1 
ATOM   153 C  "C3'" . DC  A 1 8  ? 1.371   6.810   -14.980 1.00 102.36 ? 8   DC  A "C3'" 1 
ATOM   154 O  "O3'" . DC  A 1 8  ? 0.910   6.758   -16.314 1.00 112.38 ? 8   DC  A "O3'" 1 
ATOM   155 C  "C2'" . DC  A 1 8  ? 0.599   5.819   -14.091 1.00 97.70  ? 8   DC  A "C2'" 1 
ATOM   156 C  "C1'" . DC  A 1 8  ? 1.685   4.897   -13.539 1.00 94.60  ? 8   DC  A "C1'" 1 
ATOM   157 N  N1    . DC  A 1 8  ? 1.470   4.554   -12.114 1.00 91.59  ? 8   DC  A N1    1 
ATOM   158 C  C2    . DC  A 1 8  ? 0.898   3.318   -11.777 1.00 89.61  ? 8   DC  A C2    1 
ATOM   159 O  O2    . DC  A 1 8  ? 0.606   2.519   -12.678 1.00 83.64  ? 8   DC  A O2    1 
ATOM   160 N  N3    . DC  A 1 8  ? 0.690   3.026   -10.470 1.00 84.13  ? 8   DC  A N3    1 
ATOM   161 C  C4    . DC  A 1 8  ? 1.019   3.913   -9.528  1.00 84.95  ? 8   DC  A C4    1 
ATOM   162 N  N4    . DC  A 1 8  ? 0.794   3.580   -8.253  1.00 84.08  ? 8   DC  A N4    1 
ATOM   163 C  C5    . DC  A 1 8  ? 1.592   5.180   -9.852  1.00 88.71  ? 8   DC  A C5    1 
ATOM   164 C  C6    . DC  A 1 8  ? 1.793   5.458   -11.145 1.00 89.64  ? 8   DC  A C6    1 
ATOM   165 P  P     . DT  A 1 9  ? -0.650  6.974   -16.638 1.00 128.64 ? 9   DT  A P     1 
ATOM   166 O  OP1   . DT  A 1 9  ? -0.746  7.350   -18.066 1.00 134.77 ? 9   DT  A OP1   1 
ATOM   167 O  OP2   . DT  A 1 9  ? -1.217  7.865   -15.599 1.00 126.46 ? 9   DT  A OP2   1 
ATOM   168 O  "O5'" . DT  A 1 9  ? -1.293  5.521   -16.461 1.00 98.67  ? 9   DT  A "O5'" 1 
ATOM   169 C  "C5'" . DT  A 1 9  ? -0.755  4.422   -17.173 1.00 103.92 ? 9   DT  A "C5'" 1 
ATOM   170 C  "C4'" . DT  A 1 9  ? -1.587  3.176   -16.940 1.00 105.64 ? 9   DT  A "C4'" 1 
ATOM   171 O  "O4'" . DT  A 1 9  ? -1.558  2.828   -15.531 1.00 98.13  ? 9   DT  A "O4'" 1 
ATOM   172 C  "C3'" . DT  A 1 9  ? -3.069  3.302   -17.309 1.00 101.75 ? 9   DT  A "C3'" 1 
ATOM   173 O  "O3'" . DT  A 1 9  ? -3.502  2.097   -17.944 1.00 104.12 ? 9   DT  A "O3'" 1 
ATOM   174 C  "C2'" . DT  A 1 9  ? -3.738  3.491   -15.949 1.00 99.33  ? 9   DT  A "C2'" 1 
ATOM   175 C  "C1'" . DT  A 1 9  ? -2.873  2.585   -15.098 1.00 89.56  ? 9   DT  A "C1'" 1 
ATOM   176 N  N1    . DT  A 1 9  ? -2.954  2.847   -13.638 1.00 82.25  ? 9   DT  A N1    1 
ATOM   177 C  C2    . DT  A 1 9  ? -3.533  1.904   -12.826 1.00 88.65  ? 9   DT  A C2    1 
ATOM   178 O  O2    . DT  A 1 9  ? -3.996  0.857   -13.248 1.00 91.23  ? 9   DT  A O2    1 
ATOM   179 N  N3    . DT  A 1 9  ? -3.558  2.228   -11.494 1.00 84.27  ? 9   DT  A N3    1 
ATOM   180 C  C4    . DT  A 1 9  ? -3.068  3.380   -10.908 1.00 79.44  ? 9   DT  A C4    1 
ATOM   181 O  O4    . DT  A 1 9  ? -3.136  3.584   -9.700  1.00 75.66  ? 9   DT  A O4    1 
ATOM   182 C  C5    . DT  A 1 9  ? -2.469  4.326   -11.818 1.00 81.25  ? 9   DT  A C5    1 
ATOM   183 C  C7    . DT  A 1 9  ? -1.901  5.610   -11.299 1.00 76.92  ? 9   DT  A C7    1 
ATOM   184 C  C6    . DT  A 1 9  ? -2.439  4.017   -13.124 1.00 83.00  ? 9   DT  A C6    1 
ATOM   185 P  P     . DT  A 1 10 ? -5.043  1.888   -18.355 1.00 115.11 ? 10  DT  A P     1 
ATOM   186 O  OP1   . DT  A 1 10 ? -5.107  0.724   -19.267 1.00 106.97 ? 10  DT  A OP1   1 
ATOM   187 O  OP2   . DT  A 1 10 ? -5.596  3.200   -18.761 1.00 118.42 ? 10  DT  A OP2   1 
ATOM   188 O  "O5'" . DT  A 1 10 ? -5.750  1.451   -16.995 1.00 103.42 ? 10  DT  A "O5'" 1 
ATOM   189 C  "C5'" . DT  A 1 10 ? -5.427  0.205   -16.410 1.00 99.71  ? 10  DT  A "C5'" 1 
ATOM   190 C  "C4'" . DT  A 1 10 ? -6.687  -0.561  -16.066 1.00 105.43 ? 10  DT  A "C4'" 1 
ATOM   191 O  "O4'" . DT  A 1 10 ? -6.873  -0.564  -14.630 1.00 98.49  ? 10  DT  A "O4'" 1 
ATOM   192 C  "C3'" . DT  A 1 10 ? -7.971  0.007   -16.656 1.00 110.26 ? 10  DT  A "C3'" 1 
ATOM   193 O  "O3'" . DT  A 1 10 ? -8.865  -1.055  -16.978 1.00 118.34 ? 10  DT  A "O3'" 1 
ATOM   194 C  "C2'" . DT  A 1 10 ? -8.509  0.887   -15.528 1.00 98.63  ? 10  DT  A "C2'" 1 
ATOM   195 C  "C1'" . DT  A 1 10 ? -8.053  0.132   -14.283 1.00 93.66  ? 10  DT  A "C1'" 1 
ATOM   196 N  N1    . DT  A 1 10 ? -7.738  1.016   -13.121 1.00 91.34  ? 10  DT  A N1    1 
ATOM   197 C  C2    . DT  A 1 10 ? -8.126  0.633   -11.858 1.00 85.95  ? 10  DT  A C2    1 
ATOM   198 O  O2    . DT  A 1 10 ? -8.732  -0.399  -11.632 1.00 85.58  ? 10  DT  A O2    1 
ATOM   199 N  N3    . DT  A 1 10 ? -7.781  1.508   -10.862 1.00 76.41  ? 10  DT  A N3    1 
ATOM   200 C  C4    . DT  A 1 10 ? -7.097  2.703   -11.000 1.00 77.92  ? 10  DT  A C4    1 
ATOM   201 O  O4    . DT  A 1 10 ? -6.832  3.427   -10.044 1.00 79.44  ? 10  DT  A O4    1 
ATOM   202 C  C5    . DT  A 1 10 ? -6.718  3.041   -12.347 1.00 83.73  ? 10  DT  A C5    1 
ATOM   203 C  C7    . DT  A 1 10 ? -5.974  4.313   -12.617 1.00 82.05  ? 10  DT  A C7    1 
ATOM   204 C  C6    . DT  A 1 10 ? -7.049  2.191   -13.332 1.00 86.40  ? 10  DT  A C6    1 
ATOM   205 P  P     . DG  A 1 11 ? -10.294 -0.746  -17.643 1.00 129.20 ? 11  DG  A P     1 
ATOM   206 O  OP1   . DG  A 1 11 ? -10.597 -1.842  -18.594 1.00 125.61 ? 11  DG  A OP1   1 
ATOM   207 O  OP2   . DG  A 1 11 ? -10.270 0.654   -18.125 1.00 118.39 ? 11  DG  A OP2   1 
ATOM   208 O  "O5'" . DG  A 1 11 ? -11.309 -0.828  -16.411 1.00 106.72 ? 11  DG  A "O5'" 1 
ATOM   209 C  "C5'" . DG  A 1 11 ? -11.297 -1.960  -15.550 1.00 95.41  ? 11  DG  A "C5'" 1 
ATOM   210 C  "C4'" . DG  A 1 11 ? -12.098 -1.683  -14.289 1.00 95.96  ? 11  DG  A "C4'" 1 
ATOM   211 O  "O4'" . DG  A 1 11 ? -11.368 -0.764  -13.434 1.00 98.39  ? 11  DG  A "O4'" 1 
ATOM   212 C  "C3'" . DG  A 1 11 ? -13.472 -1.038  -14.517 1.00 90.18  ? 11  DG  A "C3'" 1 
ATOM   213 O  "O3'" . DG  A 1 11 ? -14.438 -1.657  -13.685 1.00 81.63  ? 11  DG  A "O3'" 1 
ATOM   214 C  "C2'" . DG  A 1 11 ? -13.242 0.414   -14.107 1.00 85.63  ? 11  DG  A "C2'" 1 
ATOM   215 C  "C1'" . DG  A 1 11 ? -12.259 0.222   -12.970 1.00 89.17  ? 11  DG  A "C1'" 1 
ATOM   216 N  N9    . DG  A 1 11 ? -11.501 1.422   -12.620 1.00 82.68  ? 11  DG  A N9    1 
ATOM   217 C  C8    . DG  A 1 11 ? -10.837 2.264   -13.478 1.00 80.86  ? 11  DG  A C8    1 
ATOM   218 N  N7    . DG  A 1 11 ? -10.238 3.255   -12.877 1.00 79.21  ? 11  DG  A N7    1 
ATOM   219 C  C5    . DG  A 1 11 ? -10.521 3.056   -11.532 1.00 78.47  ? 11  DG  A C5    1 
ATOM   220 C  C6    . DG  A 1 11 ? -10.140 3.814   -10.398 1.00 76.72  ? 11  DG  A C6    1 
ATOM   221 O  O6    . DG  A 1 11 ? -9.451  4.844   -10.356 1.00 78.52  ? 11  DG  A O6    1 
ATOM   222 N  N1    . DG  A 1 11 ? -10.641 3.265   -9.222  1.00 70.03  ? 11  DG  A N1    1 
ATOM   223 C  C2    . DG  A 1 11 ? -11.411 2.131   -9.147  1.00 70.08  ? 11  DG  A C2    1 
ATOM   224 N  N2    . DG  A 1 11 ? -11.797 1.760   -7.916  1.00 64.40  ? 11  DG  A N2    1 
ATOM   225 N  N3    . DG  A 1 11 ? -11.780 1.411   -10.202 1.00 75.15  ? 11  DG  A N3    1 
ATOM   226 C  C4    . DG  A 1 11 ? -11.299 1.932   -11.356 1.00 79.15  ? 11  DG  A C4    1 
ATOM   227 P  P     . DA  A 1 12 ? -15.946 -1.843  -14.204 1.00 91.33  ? 12  DA  A P     1 
ATOM   228 O  OP1   . DA  A 1 12 ? -16.163 -3.287  -14.437 1.00 94.07  ? 12  DA  A OP1   1 
ATOM   229 O  OP2   . DA  A 1 12 ? -16.170 -0.876  -15.298 1.00 98.54  ? 12  DA  A OP2   1 
ATOM   230 O  "O5'" . DA  A 1 12 ? -16.843 -1.353  -12.976 1.00 93.31  ? 12  DA  A "O5'" 1 
ATOM   231 C  "C5'" . DA  A 1 12 ? -16.792 -2.030  -11.730 1.00 84.21  ? 12  DA  A "C5'" 1 
ATOM   232 C  "C4'" . DA  A 1 12 ? -17.231 -1.104  -10.612 1.00 79.85  ? 12  DA  A "C4'" 1 
ATOM   233 O  "O4'" . DA  A 1 12 ? -16.077 -0.418  -10.082 1.00 85.02  ? 12  DA  A "O4'" 1 
ATOM   234 C  "C3'" . DA  A 1 12 ? -18.191 -0.005  -11.033 1.00 74.19  ? 12  DA  A "C3'" 1 
ATOM   235 O  "O3'" . DA  A 1 12 ? -19.532 -0.467  -10.928 1.00 71.21  ? 12  DA  A "O3'" 1 
ATOM   236 C  "C2'" . DA  A 1 12 ? -17.904 1.092   -10.018 1.00 74.94  ? 12  DA  A "C2'" 1 
ATOM   237 C  "C1'" . DA  A 1 12 ? -16.417 0.912   -9.738  1.00 78.22  ? 12  DA  A "C1'" 1 
ATOM   238 N  N9    . DA  A 1 12 ? -15.575 1.812   -10.511 1.00 73.00  ? 12  DA  A N9    1 
ATOM   239 C  C8    . DA  A 1 12 ? -15.345 1.769   -11.854 1.00 72.74  ? 12  DA  A C8    1 
ATOM   240 N  N7    . DA  A 1 12 ? -14.537 2.707   -12.281 1.00 76.08  ? 12  DA  A N7    1 
ATOM   241 C  C5    . DA  A 1 12 ? -14.215 3.413   -11.134 1.00 71.88  ? 12  DA  A C5    1 
ATOM   242 C  C6    . DA  A 1 12 ? -13.393 4.534   -10.912 1.00 73.29  ? 12  DA  A C6    1 
ATOM   243 N  N6    . DA  A 1 12 ? -12.722 5.158   -11.885 1.00 75.14  ? 12  DA  A N6    1 
ATOM   244 N  N1    . DA  A 1 12 ? -13.289 4.989   -9.642  1.00 71.39  ? 12  DA  A N1    1 
ATOM   245 C  C2    . DA  A 1 12 ? -13.969 4.359   -8.673  1.00 72.31  ? 12  DA  A C2    1 
ATOM   246 N  N3    . DA  A 1 12 ? -14.771 3.298   -8.766  1.00 66.61  ? 12  DA  A N3    1 
ATOM   247 C  C4    . DA  A 1 12 ? -14.848 2.871   -10.034 1.00 69.65  ? 12  DA  A C4    1 
ATOM   248 P  P     . DC  B 2 1  ? -22.654 3.289   11.038  1.00 94.39  ? 12  DC  B P     1 
ATOM   249 O  OP1   . DC  B 2 1  ? -22.753 4.347   12.071  1.00 98.70  ? 12  DC  B OP1   1 
ATOM   250 O  OP2   . DC  B 2 1  ? -23.737 3.123   10.047  1.00 83.38  ? 12  DC  B OP2   1 
ATOM   251 O  "O5'" . DC  B 2 1  ? -21.286 3.461   10.226  1.00 92.92  ? 12  DC  B "O5'" 1 
ATOM   252 C  "C5'" . DC  B 2 1  ? -20.046 3.112   10.825  1.00 92.67  ? 12  DC  B "C5'" 1 
ATOM   253 C  "C4'" . DC  B 2 1  ? -20.099 1.718   11.422  1.00 87.86  ? 12  DC  B "C4'" 1 
ATOM   254 O  "O4'" . DC  B 2 1  ? -19.996 0.737   10.371  1.00 78.49  ? 12  DC  B "O4'" 1 
ATOM   255 C  "C3'" . DC  B 2 1  ? -18.962 1.406   12.396  1.00 92.24  ? 12  DC  B "C3'" 1 
ATOM   256 O  "O3'" . DC  B 2 1  ? -19.457 1.345   13.729  1.00 97.65  ? 12  DC  B "O3'" 1 
ATOM   257 C  "C2'" . DC  B 2 1  ? -18.394 0.053   11.933  1.00 83.19  ? 12  DC  B "C2'" 1 
ATOM   258 C  "C1'" . DC  B 2 1  ? -19.401 -0.422  10.895  1.00 78.97  ? 12  DC  B "C1'" 1 
ATOM   259 N  N1    . DC  B 2 1  ? -18.798 -1.210  9.759   1.00 75.72  ? 12  DC  B N1    1 
ATOM   260 C  C2    . DC  B 2 1  ? -18.277 -2.492  9.992   1.00 74.20  ? 12  DC  B C2    1 
ATOM   261 O  O2    . DC  B 2 1  ? -18.299 -2.961  11.136  1.00 76.80  ? 12  DC  B O2    1 
ATOM   262 N  N3    . DC  B 2 1  ? -17.754 -3.189  8.946   1.00 74.97  ? 12  DC  B N3    1 
ATOM   263 C  C4    . DC  B 2 1  ? -17.747 -2.653  7.719   1.00 71.09  ? 12  DC  B C4    1 
ATOM   264 N  N4    . DC  B 2 1  ? -17.222 -3.380  6.721   1.00 55.62  ? 12  DC  B N4    1 
ATOM   265 C  C5    . DC  B 2 1  ? -18.275 -1.353  7.466   1.00 63.18  ? 12  DC  B C5    1 
ATOM   266 C  C6    . DC  B 2 1  ? -18.790 -0.675  8.502   1.00 67.26  ? 12  DC  B C6    1 
ATOM   267 P  P     . DG  B 2 2  ? -18.474 1.645   14.964  1.00 97.21  ? 13  DG  B P     1 
ATOM   268 O  OP1   . DG  B 2 2  ? -19.294 1.735   16.192  1.00 92.30  ? 13  DG  B OP1   1 
ATOM   269 O  OP2   . DG  B 2 2  ? -17.599 2.774   14.578  1.00 101.49 ? 13  DG  B OP2   1 
ATOM   270 O  "O5'" . DG  B 2 2  ? -17.557 0.339   15.048  1.00 86.68  ? 13  DG  B "O5'" 1 
ATOM   271 C  "C5'" . DG  B 2 2  ? -18.143 -0.913  15.358  1.00 90.10  ? 13  DG  B "C5'" 1 
ATOM   272 C  "C4'" . DG  B 2 2  ? -17.125 -2.033  15.227  1.00 90.76  ? 13  DG  B "C4'" 1 
ATOM   273 O  "O4'" . DG  B 2 2  ? -16.933 -2.366  13.825  1.00 87.99  ? 13  DG  B "O4'" 1 
ATOM   274 C  "C3'" . DG  B 2 2  ? -15.722 -1.714  15.771  1.00 95.39  ? 13  DG  B "C3'" 1 
ATOM   275 O  "O3'" . DG  B 2 2  ? -15.201 -2.852  16.483  1.00 100.77 ? 13  DG  B "O3'" 1 
ATOM   276 C  "C2'" . DG  B 2 2  ? -14.926 -1.466  14.496  1.00 84.13  ? 13  DG  B "C2'" 1 
ATOM   277 C  "C1'" . DG  B 2 2  ? -15.554 -2.517  13.610  1.00 80.78  ? 13  DG  B "C1'" 1 
ATOM   278 N  N9    . DG  B 2 2  ? -15.261 -2.364  12.193  1.00 75.26  ? 13  DG  B N9    1 
ATOM   279 C  C8    . DG  B 2 2  ? -15.533 -1.280  11.400  1.00 72.89  ? 13  DG  B C8    1 
ATOM   280 N  N7    . DG  B 2 2  ? -15.155 -1.433  10.164  1.00 67.42  ? 13  DG  B N7    1 
ATOM   281 C  C5    . DG  B 2 2  ? -14.590 -2.698  10.140  1.00 68.11  ? 13  DG  B C5    1 
ATOM   282 C  C6    . DG  B 2 2  ? -14.004 -3.409  9.071   1.00 66.53  ? 13  DG  B C6    1 
ATOM   283 O  O6    . DG  B 2 2  ? -13.863 -3.047  7.897   1.00 69.81  ? 13  DG  B O6    1 
ATOM   284 N  N1    . DG  B 2 2  ? -13.551 -4.663  9.475   1.00 63.50  ? 13  DG  B N1    1 
ATOM   285 C  C2    . DG  B 2 2  ? -13.656 -5.163  10.751  1.00 68.22  ? 13  DG  B C2    1 
ATOM   286 N  N2    . DG  B 2 2  ? -13.160 -6.394  10.948  1.00 69.13  ? 13  DG  B N2    1 
ATOM   287 N  N3    . DG  B 2 2  ? -14.204 -4.504  11.764  1.00 70.36  ? 13  DG  B N3    1 
ATOM   288 C  C4    . DG  B 2 2  ? -14.648 -3.283  11.383  1.00 69.98  ? 13  DG  B C4    1 
ATOM   289 P  P     . DA  B 2 3  ? -14.542 -2.682  17.941  1.00 108.22 ? 14  DA  B P     1 
ATOM   290 O  OP1   . DA  B 2 3  ? -15.015 -3.818  18.766  1.00 101.97 ? 14  DA  B OP1   1 
ATOM   291 O  OP2   . DA  B 2 3  ? -14.757 -1.285  18.388  1.00 86.78  ? 14  DA  B OP2   1 
ATOM   292 O  "O5'" . DA  B 2 3  ? -12.972 -2.879  17.699  1.00 89.42  ? 14  DA  B "O5'" 1 
ATOM   293 C  "C5'" . DA  B 2 3  ? -12.478 -3.105  16.402  1.00 76.37  ? 14  DA  B "C5'" 1 
ATOM   294 C  "C4'" . DA  B 2 3  ? -12.061 -4.552  16.219  1.00 83.93  ? 14  DA  B "C4'" 1 
ATOM   295 O  "O4'" . DA  B 2 3  ? -12.267 -4.938  14.843  1.00 84.80  ? 14  DA  B "O4'" 1 
ATOM   296 C  "C3'" . DA  B 2 3  ? -10.591 -4.816  16.461  1.00 77.51  ? 14  DA  B "C3'" 1 
ATOM   297 O  "O3'" . DA  B 2 3  ? -10.370 -6.185  16.735  1.00 81.02  ? 14  DA  B "O3'" 1 
ATOM   298 C  "C2'" . DA  B 2 3  ? -9.967  -4.415  15.130  1.00 82.33  ? 14  DA  B "C2'" 1 
ATOM   299 C  "C1'" . DA  B 2 3  ? -11.061 -4.764  14.117  1.00 70.85  ? 14  DA  B "C1'" 1 
ATOM   300 N  N9    . DA  B 2 3  ? -11.277 -3.721  13.113  1.00 61.53  ? 14  DA  B N9    1 
ATOM   301 C  C8    . DA  B 2 3  ? -11.872 -2.506  13.305  1.00 70.17  ? 14  DA  B C8    1 
ATOM   302 N  N7    . DA  B 2 3  ? -11.934 -1.764  12.226  1.00 75.46  ? 14  DA  B N7    1 
ATOM   303 C  C5    . DA  B 2 3  ? -11.335 -2.546  11.255  1.00 70.91  ? 14  DA  B C5    1 
ATOM   304 C  C6    . DA  B 2 3  ? -11.086 -2.329  9.887   1.00 56.46  ? 14  DA  B C6    1 
ATOM   305 N  N6    . DA  B 2 3  ? -11.434 -1.209  9.248   1.00 55.90  ? 14  DA  B N6    1 
ATOM   306 N  N1    . DA  B 2 3  ? -10.470 -3.314  9.203   1.00 58.19  ? 14  DA  B N1    1 
ATOM   307 C  C2    . DA  B 2 3  ? -10.124 -4.434  9.849   1.00 57.97  ? 14  DA  B C2    1 
ATOM   308 N  N3    . DA  B 2 3  ? -10.304 -4.751  11.130  1.00 68.61  ? 14  DA  B N3    1 
ATOM   309 C  C4    . DA  B 2 3  ? -10.920 -3.756  11.785  1.00 70.06  ? 14  DA  B C4    1 
ATOM   310 P  P     . DC  B 2 4  ? -9.011  -6.641  17.462  1.00 100.96 ? 15  DC  B P     1 
ATOM   311 O  OP1   . DC  B 2 4  ? -9.244  -7.988  18.026  1.00 107.80 ? 15  DC  B OP1   1 
ATOM   312 O  OP2   . DC  B 2 4  ? -8.585  -5.534  18.353  1.00 87.20  ? 15  DC  B OP2   1 
ATOM   313 O  "O5'" . DC  B 2 4  ? -7.952  -6.764  16.270  1.00 86.19  ? 15  DC  B "O5'" 1 
ATOM   314 C  "C5'" . DC  B 2 4  ? -8.129  -7.746  15.265  1.00 85.22  ? 15  DC  B "C5'" 1 
ATOM   315 C  "C4'" . DC  B 2 4  ? -7.007  -7.683  14.243  1.00 87.16  ? 15  DC  B "C4'" 1 
ATOM   316 O  "O4'" . DC  B 2 4  ? -7.353  -6.751  13.184  1.00 81.15  ? 15  DC  B "O4'" 1 
ATOM   317 C  "C3'" . DC  B 2 4  ? -5.652  -7.214  14.781  1.00 82.63  ? 15  DC  B "C3'" 1 
ATOM   318 O  "O3'" . DC  B 2 4  ? -4.615  -7.988  14.182  1.00 84.96  ? 15  DC  B "O3'" 1 
ATOM   319 C  "C2'" . DC  B 2 4  ? -5.600  -5.763  14.311  1.00 82.59  ? 15  DC  B "C2'" 1 
ATOM   320 C  "C1'" . DC  B 2 4  ? -6.255  -5.900  12.957  1.00 74.79  ? 15  DC  B "C1'" 1 
ATOM   321 N  N1    . DC  B 2 4  ? -6.750  -4.622  12.393  1.00 71.43  ? 15  DC  B N1    1 
ATOM   322 C  C2    . DC  B 2 4  ? -6.589  -4.358  11.028  1.00 69.61  ? 15  DC  B C2    1 
ATOM   323 O  O2    . DC  B 2 4  ? -6.034  -5.204  10.310  1.00 72.67  ? 15  DC  B O2    1 
ATOM   324 N  N3    . DC  B 2 4  ? -7.054  -3.187  10.528  1.00 61.68  ? 15  DC  B N3    1 
ATOM   325 C  C4    . DC  B 2 4  ? -7.648  -2.307  11.335  1.00 60.16  ? 15  DC  B C4    1 
ATOM   326 N  N4    . DC  B 2 4  ? -8.090  -1.167  10.800  1.00 62.50  ? 15  DC  B N4    1 
ATOM   327 C  C5    . DC  B 2 4  ? -7.816  -2.557  12.727  1.00 64.55  ? 15  DC  B C5    1 
ATOM   328 C  C6    . DC  B 2 4  ? -7.351  -3.713  13.208  1.00 65.79  ? 15  DC  B C6    1 
ATOM   329 P  P     . DA  B 2 5  ? -3.089  -7.853  14.674  1.00 95.19  ? 16  DA  B P     1 
ATOM   330 O  OP1   . DA  B 2 5  ? -2.773  -9.085  15.432  1.00 104.17 ? 16  DA  B OP1   1 
ATOM   331 O  OP2   . DA  B 2 5  ? -2.875  -6.529  15.297  1.00 97.98  ? 16  DA  B OP2   1 
ATOM   332 O  "O5'" . DA  B 2 5  ? -2.253  -7.853  13.315  1.00 80.46  ? 16  DA  B "O5'" 1 
ATOM   333 C  "C5'" . DA  B 2 5  ? -2.223  -9.017  12.495  1.00 81.93  ? 16  DA  B "C5'" 1 
ATOM   334 C  "C4'" . DA  B 2 5  ? -1.708  -8.686  11.101  1.00 82.55  ? 16  DA  B "C4'" 1 
ATOM   335 O  "O4'" . DA  B 2 5  ? -2.423  -7.538  10.578  1.00 69.49  ? 16  DA  B "O4'" 1 
ATOM   336 C  "C3'" . DA  B 2 5  ? -0.235  -8.308  11.017  1.00 80.66  ? 16  DA  B "C3'" 1 
ATOM   337 O  "O3'" . DA  B 2 5  ? 0.265   -8.640  9.733   1.00 73.37  ? 16  DA  B "O3'" 1 
ATOM   338 C  "C2'" . DA  B 2 5  ? -0.282  -6.800  11.208  1.00 76.39  ? 16  DA  B "C2'" 1 
ATOM   339 C  "C1'" . DA  B 2 5  ? -1.527  -6.454  10.407  1.00 66.62  ? 16  DA  B "C1'" 1 
ATOM   340 N  N9    . DA  B 2 5  ? -2.197  -5.251  10.864  1.00 65.43  ? 16  DA  B N9    1 
ATOM   341 C  C8    . DA  B 2 5  ? -2.655  -4.992  12.126  1.00 68.79  ? 16  DA  B C8    1 
ATOM   342 N  N7    . DA  B 2 5  ? -3.234  -3.821  12.246  1.00 69.61  ? 16  DA  B N7    1 
ATOM   343 C  C5    . DA  B 2 5  ? -3.155  -3.281  10.973  1.00 67.41  ? 16  DA  B C5    1 
ATOM   344 C  C6    . DA  B 2 5  ? -3.590  -2.053  10.432  1.00 64.77  ? 16  DA  B C6    1 
ATOM   345 N  N6    . DA  B 2 5  ? -4.218  -1.119  11.151  1.00 69.33  ? 16  DA  B N6    1 
ATOM   346 N  N1    . DA  B 2 5  ? -3.352  -1.826  9.120   1.00 58.71  ? 16  DA  B N1    1 
ATOM   347 C  C2    . DA  B 2 5  ? -2.725  -2.773  8.407   1.00 66.35  ? 16  DA  B C2    1 
ATOM   348 N  N3    . DA  B 2 5  ? -2.268  -3.962  8.806   1.00 62.06  ? 16  DA  B N3    1 
ATOM   349 C  C4    . DA  B 2 5  ? -2.521  -4.155  10.109  1.00 64.08  ? 16  DA  B C4    1 
ATOM   350 P  P     . DC  B 2 6  ? 1.847   -8.736  9.484   1.00 93.02  ? 17  DC  B P     1 
ATOM   351 O  OP1   . DC  B 2 6  ? 2.114   -10.073 8.903   1.00 94.79  ? 17  DC  B OP1   1 
ATOM   352 O  OP2   . DC  B 2 6  ? 2.526   -8.314  10.732  1.00 88.30  ? 17  DC  B OP2   1 
ATOM   353 O  "O5'" . DC  B 2 6  ? 2.131   -7.627  8.370   1.00 76.73  ? 17  DC  B "O5'" 1 
ATOM   354 C  "C5'" . DC  B 2 6  ? 1.972   -6.252  8.677   1.00 68.38  ? 17  DC  B "C5'" 1 
ATOM   355 C  "C4'" . DC  B 2 6  ? 1.781   -5.446  7.412   1.00 70.03  ? 17  DC  B "C4'" 1 
ATOM   356 O  "O4'" . DC  B 2 6  ? 0.743   -4.459  7.623   1.00 69.73  ? 17  DC  B "O4'" 1 
ATOM   357 C  "C3'" . DC  B 2 6  ? 2.985   -4.639  6.984   1.00 60.81  ? 17  DC  B "C3'" 1 
ATOM   358 O  "O3'" . DC  B 2 6  ? 2.849   -4.304  5.613   1.00 61.41  ? 17  DC  B "O3'" 1 
ATOM   359 C  "C2'" . DC  B 2 6  ? 2.825   -3.412  7.861   1.00 63.45  ? 17  DC  B "C2'" 1 
ATOM   360 C  "C1'" . DC  B 2 6  ? 1.332   -3.175  7.699   1.00 60.55  ? 17  DC  B "C1'" 1 
ATOM   361 N  N1    . DC  B 2 6  ? 0.694   -2.430  8.828   1.00 61.58  ? 17  DC  B N1    1 
ATOM   362 C  C2    . DC  B 2 6  ? 0.126   -1.172  8.593   1.00 60.90  ? 17  DC  B C2    1 
ATOM   363 O  O2    . DC  B 2 6  ? 0.175   -0.690  7.453   1.00 61.52  ? 17  DC  B O2    1 
ATOM   364 N  N3    . DC  B 2 6  ? -0.465  -0.515  9.623   1.00 56.79  ? 17  DC  B N3    1 
ATOM   365 C  C4    . DC  B 2 6  ? -0.498  -1.066  10.838  1.00 61.29  ? 17  DC  B C4    1 
ATOM   366 N  N4    . DC  B 2 6  ? -1.090  -0.374  11.819  1.00 66.49  ? 17  DC  B N4    1 
ATOM   367 C  C5    . DC  B 2 6  ? 0.075   -2.349  11.098  1.00 60.68  ? 17  DC  B C5    1 
ATOM   368 C  C6    . DC  B 2 6  ? 0.653   -2.991  10.075  1.00 59.94  ? 17  DC  B C6    1 
ATOM   369 P  P     . DT  B 2 7  ? 4.145   -3.977  4.724   1.00 92.33  ? 18  DT  B P     1 
ATOM   370 O  OP1   . DT  B 2 7  ? 4.171   -4.928  3.587   1.00 91.14  ? 18  DT  B OP1   1 
ATOM   371 O  OP2   . DT  B 2 7  ? 5.309   -3.879  5.636   1.00 75.27  ? 18  DT  B OP2   1 
ATOM   372 O  "O5'" . DT  B 2 7  ? 3.845   -2.522  4.146   1.00 72.69  ? 18  DT  B "O5'" 1 
ATOM   373 C  "C5'" . DT  B 2 7  ? 3.211   -1.566  4.957   1.00 62.30  ? 18  DT  B "C5'" 1 
ATOM   374 C  "C4'" . DT  B 2 7  ? 2.869   -0.346  4.144   1.00 63.50  ? 18  DT  B "C4'" 1 
ATOM   375 O  "O4'" . DT  B 2 7  ? 2.073   0.553   4.943   1.00 74.58  ? 18  DT  B "O4'" 1 
ATOM   376 C  "C3'" . DT  B 2 7  ? 4.052   0.483   3.722   1.00 62.07  ? 18  DT  B "C3'" 1 
ATOM   377 O  "O3'" . DT  B 2 7  ? 3.646   1.317   2.648   1.00 60.84  ? 18  DT  B "O3'" 1 
ATOM   378 C  "C2'" . DT  B 2 7  ? 4.318   1.283   4.998   1.00 70.03  ? 18  DT  B "C2'" 1 
ATOM   379 C  "C1'" . DT  B 2 7  ? 2.894   1.594   5.453   1.00 65.58  ? 18  DT  B "C1'" 1 
ATOM   380 N  N1    . DT  B 2 7  ? 2.678   1.643   6.939   1.00 59.26  ? 18  DT  B N1    1 
ATOM   381 C  C2    . DT  B 2 7  ? 1.930   2.671   7.467   1.00 67.67  ? 18  DT  B C2    1 
ATOM   382 O  O2    . DT  B 2 7  ? 1.467   3.576   6.790   1.00 69.07  ? 18  DT  B O2    1 
ATOM   383 N  N3    . DT  B 2 7  ? 1.745   2.614   8.826   1.00 64.97  ? 18  DT  B N3    1 
ATOM   384 C  C4    . DT  B 2 7  ? 2.216   1.645   9.693   1.00 62.71  ? 18  DT  B C4    1 
ATOM   385 O  O4    . DT  B 2 7  ? 1.996   1.680   10.903  1.00 59.06  ? 18  DT  B O4    1 
ATOM   386 C  C5    . DT  B 2 7  ? 2.980   0.588   9.076   1.00 55.28  ? 18  DT  B C5    1 
ATOM   387 C  C7    . DT  B 2 7  ? 3.539   -0.516  9.919   1.00 46.40  ? 18  DT  B C7    1 
ATOM   388 C  C6    . DT  B 2 7  ? 3.165   0.630   7.742   1.00 54.67  ? 18  DT  B C6    1 
ATOM   389 P  P     . DC  B 2 8  ? 4.719   2.132   1.781   1.00 74.51  ? 19  DC  B P     1 
ATOM   390 O  OP1   . DC  B 2 8  ? 4.054   2.513   0.515   1.00 79.31  ? 19  DC  B OP1   1 
ATOM   391 O  OP2   . DC  B 2 8  ? 5.988   1.366   1.773   1.00 76.99  ? 19  DC  B OP2   1 
ATOM   392 O  "O5'" . DC  B 2 8  ? 4.931   3.475   2.617   1.00 75.22  ? 19  DC  B "O5'" 1 
ATOM   393 C  "C5'" . DC  B 2 8  ? 3.811   4.285   2.941   1.00 73.28  ? 19  DC  B "C5'" 1 
ATOM   394 C  "C4'" . DC  B 2 8  ? 4.235   5.507   3.737   1.00 72.96  ? 19  DC  B "C4'" 1 
ATOM   395 O  "O4'" . DC  B 2 8  ? 4.156   5.220   5.157   1.00 73.79  ? 19  DC  B "O4'" 1 
ATOM   396 C  "C3'" . DC  B 2 8  ? 5.662   5.983   3.485   1.00 71.19  ? 19  DC  B "C3'" 1 
ATOM   397 O  "O3'" . DC  B 2 8  ? 5.706   7.403   3.552   1.00 74.42  ? 19  DC  B "O3'" 1 
ATOM   398 C  "C2'" . DC  B 2 8  ? 6.431   5.343   4.637   1.00 73.73  ? 19  DC  B "C2'" 1 
ATOM   399 C  "C1'" . DC  B 2 8  ? 5.409   5.458   5.757   1.00 72.21  ? 19  DC  B "C1'" 1 
ATOM   400 N  N1    . DC  B 2 8  ? 5.591   4.477   6.870   1.00 65.51  ? 19  DC  B N1    1 
ATOM   401 C  C2    . DC  B 2 8  ? 4.961   4.717   8.094   1.00 57.20  ? 19  DC  B C2    1 
ATOM   402 O  O2    . DC  B 2 8  ? 4.274   5.734   8.223   1.00 57.57  ? 19  DC  B O2    1 
ATOM   403 N  N3    . DC  B 2 8  ? 5.123   3.832   9.101   1.00 53.46  ? 19  DC  B N3    1 
ATOM   404 C  C4    . DC  B 2 8  ? 5.874   2.747   8.925   1.00 59.51  ? 19  DC  B C4    1 
ATOM   405 N  N4    . DC  B 2 8  ? 6.000   1.902   9.955   1.00 56.04  ? 19  DC  B N4    1 
ATOM   406 C  C5    . DC  B 2 8  ? 6.530   2.478   7.679   1.00 57.64  ? 19  DC  B C5    1 
ATOM   407 C  C6    . DC  B 2 8  ? 6.364   3.365   6.690   1.00 56.71  ? 19  DC  B C6    1 
ATOM   408 P  P     . DA  B 2 9  ? 5.986   8.267   2.226   1.00 85.75  ? 20  DA  B P     1 
ATOM   409 O  OP1   . DA  B 2 9  ? 4.736   8.257   1.426   1.00 81.01  ? 20  DA  B OP1   1 
ATOM   410 O  OP2   . DA  B 2 9  ? 7.275   7.818   1.654   1.00 81.09  ? 20  DA  B OP2   1 
ATOM   411 O  "O5'" . DA  B 2 9  ? 6.242   9.750   2.767   1.00 76.40  ? 20  DA  B "O5'" 1 
ATOM   412 C  "C5'" . DA  B 2 9  ? 5.201   10.719  2.699   1.00 82.56  ? 20  DA  B "C5'" 1 
ATOM   413 C  "C4'" . DA  B 2 9  ? 4.556   10.922  4.060   1.00 79.47  ? 20  DA  B "C4'" 1 
ATOM   414 O  "O4'" . DA  B 2 9  ? 4.830   9.775   4.903   1.00 81.22  ? 20  DA  B "O4'" 1 
ATOM   415 C  "C3'" . DA  B 2 9  ? 5.046   12.144  4.839   1.00 73.08  ? 20  DA  B "C3'" 1 
ATOM   416 O  "O3'" . DA  B 2 9  ? 3.968   12.726  5.565   1.00 60.91  ? 20  DA  B "O3'" 1 
ATOM   417 C  "C2'" . DA  B 2 9  ? 6.095   11.553  5.775   1.00 71.73  ? 20  DA  B "C2'" 1 
ATOM   418 C  "C1'" . DA  B 2 9  ? 5.502   10.186  6.073   1.00 72.49  ? 20  DA  B "C1'" 1 
ATOM   419 N  N9    . DA  B 2 9  ? 6.501   9.180   6.391   1.00 67.39  ? 20  DA  B N9    1 
ATOM   420 C  C8    . DA  B 2 9  ? 7.495   8.714   5.575   1.00 71.34  ? 20  DA  B C8    1 
ATOM   421 N  N7    . DA  B 2 9  ? 8.250   7.796   6.133   1.00 64.23  ? 20  DA  B N7    1 
ATOM   422 C  C5    . DA  B 2 9  ? 7.706   7.653   7.400   1.00 70.88  ? 20  DA  B C5    1 
ATOM   423 C  C6    . DA  B 2 9  ? 8.044   6.831   8.490   1.00 69.98  ? 20  DA  B C6    1 
ATOM   424 N  N6    . DA  B 2 9  ? 9.061   5.966   8.467   1.00 72.47  ? 20  DA  B N6    1 
ATOM   425 N  N1    . DA  B 2 9  ? 7.294   6.939   9.609   1.00 61.96  ? 20  DA  B N1    1 
ATOM   426 C  C2    . DA  B 2 9  ? 6.277   7.811   9.621   1.00 64.22  ? 20  DA  B C2    1 
ATOM   427 N  N3    . DA  B 2 9  ? 5.864   8.632   8.661   1.00 68.00  ? 20  DA  B N3    1 
ATOM   428 C  C4    . DA  B 2 9  ? 6.627   8.502   7.569   1.00 69.85  ? 20  DA  B C4    1 
ATOM   429 P  P     . DT  C 3 1  ? -9.717  13.867  -3.188  1.00 134.30 ? 0   DT  C P     1 
ATOM   430 O  OP1   . DT  C 3 1  ? -10.809 14.038  -4.176  1.00 121.41 ? 0   DT  C OP1   1 
ATOM   431 O  OP2   . DT  C 3 1  ? -9.059  15.055  -2.595  1.00 138.28 ? 0   DT  C OP2   1 
ATOM   432 O  "O5'" . DT  C 3 1  ? -8.564  12.929  -3.790  1.00 94.06  ? 0   DT  C "O5'" 1 
ATOM   433 C  "C5'" . DT  C 3 1  ? -8.835  11.566  -4.096  1.00 81.52  ? 0   DT  C "C5'" 1 
ATOM   434 C  "C4'" . DT  C 3 1  ? -9.869  10.997  -3.148  1.00 82.59  ? 0   DT  C "C4'" 1 
ATOM   435 O  "O4'" . DT  C 3 1  ? -10.978 10.478  -3.918  1.00 77.78  ? 0   DT  C "O4'" 1 
ATOM   436 C  "C3'" . DT  C 3 1  ? -9.382  9.829   -2.305  1.00 85.01  ? 0   DT  C "C3'" 1 
ATOM   437 O  "O3'" . DT  C 3 1  ? -10.102 9.752   -1.081  1.00 82.95  ? 0   DT  C "O3'" 1 
ATOM   438 C  "C2'" . DT  C 3 1  ? -9.683  8.638   -3.198  1.00 75.27  ? 0   DT  C "C2'" 1 
ATOM   439 C  "C1'" . DT  C 3 1  ? -10.988 9.066   -3.864  1.00 71.99  ? 0   DT  C "C1'" 1 
ATOM   440 N  N1    . DT  C 3 1  ? -11.129 8.533   -5.249  1.00 74.89  ? 0   DT  C N1    1 
ATOM   441 C  C2    . DT  C 3 1  ? -11.964 7.467   -5.474  1.00 76.11  ? 0   DT  C C2    1 
ATOM   442 O  O2    . DT  C 3 1  ? -12.617 6.935   -4.592  1.00 74.69  ? 0   DT  C O2    1 
ATOM   443 N  N3    . DT  C 3 1  ? -12.012 7.039   -6.776  1.00 68.61  ? 0   DT  C N3    1 
ATOM   444 C  C4    . DT  C 3 1  ? -11.317 7.562   -7.849  1.00 66.58  ? 0   DT  C C4    1 
ATOM   445 O  O4    . DT  C 3 1  ? -11.423 7.108   -8.985  1.00 71.60  ? 0   DT  C O4    1 
ATOM   446 C  C5    . DT  C 3 1  ? -10.454 8.676   -7.541  1.00 63.13  ? 0   DT  C C5    1 
ATOM   447 C  C7    . DT  C 3 1  ? -9.649  9.326   -8.621  1.00 68.94  ? 0   DT  C C7    1 
ATOM   448 C  C6    . DT  C 3 1  ? -10.399 9.101   -6.271  1.00 68.78  ? 0   DT  C C6    1 
ATOM   449 P  P     . DC  C 3 2  ? -9.724  8.616   -0.008  1.00 86.09  ? 1   DC  C P     1 
ATOM   450 O  OP1   . DC  C 3 2  ? -10.167 9.053   1.336   1.00 79.11  ? 1   DC  C OP1   1 
ATOM   451 O  OP2   . DC  C 3 2  ? -8.306  8.257   -0.244  1.00 81.56  ? 1   DC  C OP2   1 
ATOM   452 O  "O5'" . DC  C 3 2  ? -10.594 7.355   -0.451  1.00 57.82  ? 1   DC  C "O5'" 1 
ATOM   453 C  "C5'" . DC  C 3 2  ? -9.964  6.102   -0.634  1.00 53.29  ? 1   DC  C "C5'" 1 
ATOM   454 C  "C4'" . DC  C 3 2  ? -10.968 5.059   -1.067  1.00 49.49  ? 1   DC  C "C4'" 1 
ATOM   455 O  "O4'" . DC  C 3 2  ? -11.243 5.216   -2.480  1.00 49.06  ? 1   DC  C "O4'" 1 
ATOM   456 C  "C3'" . DC  C 3 2  ? -10.500 3.624   -0.900  1.00 55.86  ? 1   DC  C "C3'" 1 
ATOM   457 O  "O3'" . DC  C 3 2  ? -11.595 2.793   -0.582  1.00 57.73  ? 1   DC  C "O3'" 1 
ATOM   458 C  "C2'" . DC  C 3 2  ? -9.926  3.297   -2.270  1.00 63.50  ? 1   DC  C "C2'" 1 
ATOM   459 C  "C1'" . DC  C 3 2  ? -10.875 4.045   -3.178  1.00 54.92  ? 1   DC  C "C1'" 1 
ATOM   460 N  N1    . DC  C 3 2  ? -10.291 4.458   -4.491  1.00 57.05  ? 1   DC  C N1    1 
ATOM   461 C  C2    . DC  C 3 2  ? -10.611 3.745   -5.653  1.00 59.79  ? 1   DC  C C2    1 
ATOM   462 O  O2    . DC  C 3 2  ? -11.347 2.754   -5.572  1.00 65.62  ? 1   DC  C O2    1 
ATOM   463 N  N3    . DC  C 3 2  ? -10.100 4.155   -6.836  1.00 61.00  ? 1   DC  C N3    1 
ATOM   464 C  C4    . DC  C 3 2  ? -9.312  5.232   -6.885  1.00 70.72  ? 1   DC  C C4    1 
ATOM   465 N  N4    . DC  C 3 2  ? -8.830  5.601   -8.081  1.00 75.77  ? 1   DC  C N4    1 
ATOM   466 C  C5    . DC  C 3 2  ? -8.983  5.977   -5.714  1.00 63.64  ? 1   DC  C C5    1 
ATOM   467 C  C6    . DC  C 3 2  ? -9.491  5.559   -4.552  1.00 50.76  ? 1   DC  C C6    1 
ATOM   468 P  P     . DA  C 3 3  ? -11.463 1.749   0.629   1.00 50.70  ? 2   DA  C P     1 
ATOM   469 O  OP1   . DA  C 3 3  ? -12.821 1.269   0.961   1.00 67.30  ? 2   DA  C OP1   1 
ATOM   470 O  OP2   . DA  C 3 3  ? -10.630 2.406   1.665   1.00 53.65  ? 2   DA  C OP2   1 
ATOM   471 O  "O5'" . DA  C 3 3  ? -10.680 0.509   -0.013  1.00 40.88  ? 2   DA  C "O5'" 1 
ATOM   472 C  "C5'" . DA  C 3 3  ? -11.423 -0.533  -0.634  1.00 52.06  ? 2   DA  C "C5'" 1 
ATOM   473 C  "C4'" . DA  C 3 3  ? -10.558 -1.331  -1.590  1.00 55.43  ? 2   DA  C "C4'" 1 
ATOM   474 O  "O4'" . DA  C 3 3  ? -10.289 -0.544  -2.768  1.00 65.84  ? 2   DA  C "O4'" 1 
ATOM   475 C  "C3'" . DA  C 3 3  ? -9.192  -1.687  -1.059  1.00 53.36  ? 2   DA  C "C3'" 1 
ATOM   476 O  "O3'" . DA  C 3 3  ? -9.251  -2.887  -0.281  1.00 51.07  ? 2   DA  C "O3'" 1 
ATOM   477 C  "C2'" . DA  C 3 3  ? -8.371  -1.874  -2.331  1.00 58.23  ? 2   DA  C "C2'" 1 
ATOM   478 C  "C1'" . DA  C 3 3  ? -9.062  -0.952  -3.338  1.00 53.78  ? 2   DA  C "C1'" 1 
ATOM   479 N  N9    . DA  C 3 3  ? -8.286  0.237   -3.629  1.00 45.69  ? 2   DA  C N9    1 
ATOM   480 C  C8    . DA  C 3 3  ? -7.701  1.060   -2.721  1.00 53.60  ? 2   DA  C C8    1 
ATOM   481 N  N7    . DA  C 3 3  ? -7.055  2.068   -3.257  1.00 54.96  ? 2   DA  C N7    1 
ATOM   482 C  C5    . DA  C 3 3  ? -7.219  1.882   -4.613  1.00 58.82  ? 2   DA  C C5    1 
ATOM   483 C  C6    . DA  C 3 3  ? -6.770  2.610   -5.730  1.00 61.24  ? 2   DA  C C6    1 
ATOM   484 N  N6    . DA  C 3 3  ? -6.034  3.723   -5.626  1.00 67.60  ? 2   DA  C N6    1 
ATOM   485 N  N1    . DA  C 3 3  ? -7.107  2.151   -6.954  1.00 56.40  ? 2   DA  C N1    1 
ATOM   486 C  C2    . DA  C 3 3  ? -7.846  1.036   -7.046  1.00 60.27  ? 2   DA  C C2    1 
ATOM   487 N  N3    . DA  C 3 3  ? -8.325  0.266   -6.068  1.00 65.25  ? 2   DA  C N3    1 
ATOM   488 C  C4    . DA  C 3 3  ? -7.976  0.749   -4.866  1.00 61.27  ? 2   DA  C C4    1 
ATOM   489 P  P     . DT  C 3 4  ? -10.006 -4.205  -0.813  1.00 50.97  ? 3   DT  C P     1 
ATOM   490 O  OP1   . DT  C 3 4  ? -9.696  -4.472  -2.231  1.00 73.20  ? 3   DT  C OP1   1 
ATOM   491 O  OP2   . DT  C 3 4  ? -11.414 -4.127  -0.364  1.00 87.27  ? 3   DT  C OP2   1 
ATOM   492 O  "O5'" . DT  C 3 4  ? -9.303  -5.385  0.001   1.00 66.20  ? 3   DT  C "O5'" 1 
ATOM   493 C  "C5'" . DT  C 3 4  ? -7.898  -5.364  0.216   1.00 61.57  ? 3   DT  C "C5'" 1 
ATOM   494 C  "C4'" . DT  C 3 4  ? -7.565  -5.875  1.601   1.00 57.11  ? 3   DT  C "C4'" 1 
ATOM   495 O  "O4'" . DT  C 3 4  ? -7.574  -4.775  2.514   1.00 54.90  ? 3   DT  C "O4'" 1 
ATOM   496 C  "C3'" . DT  C 3 4  ? -8.589  -6.825  2.179   1.00 65.45  ? 3   DT  C "C3'" 1 
ATOM   497 O  "O3'" . DT  C 3 4  ? -8.330  -8.142  1.757   1.00 65.87  ? 3   DT  C "O3'" 1 
ATOM   498 C  "C2'" . DT  C 3 4  ? -8.395  -6.670  3.684   1.00 57.66  ? 3   DT  C "C2'" 1 
ATOM   499 C  "C1'" . DT  C 3 4  ? -7.820  -5.260  3.812   1.00 52.50  ? 3   DT  C "C1'" 1 
ATOM   500 N  N1    . DT  C 3 4  ? -8.702  -4.294  4.515   1.00 52.77  ? 3   DT  C N1    1 
ATOM   501 C  C2    . DT  C 3 4  ? -8.927  -4.442  5.861   1.00 52.04  ? 3   DT  C C2    1 
ATOM   502 O  O2    . DT  C 3 4  ? -8.464  -5.354  6.517   1.00 57.63  ? 3   DT  C O2    1 
ATOM   503 N  N3    . DT  C 3 4  ? -9.726  -3.485  6.418   1.00 45.75  ? 3   DT  C N3    1 
ATOM   504 C  C4    . DT  C 3 4  ? -10.308 -2.411  5.780   1.00 47.08  ? 3   DT  C C4    1 
ATOM   505 O  O4    . DT  C 3 4  ? -11.013 -1.602  6.370   1.00 47.49  ? 3   DT  C O4    1 
ATOM   506 C  C5    . DT  C 3 4  ? -10.022 -2.310  4.370   1.00 58.96  ? 3   DT  C C5    1 
ATOM   507 C  C7    . DT  C 3 4  ? -10.598 -1.182  3.567   1.00 56.51  ? 3   DT  C C7    1 
ATOM   508 C  C6    . DT  C 3 4  ? -9.239  -3.241  3.810   1.00 52.07  ? 3   DT  C C6    1 
ATOM   509 P  P     . DC  C 3 5  ? -9.552  -9.055  1.269   1.00 69.83  ? 4   DC  C P     1 
ATOM   510 O  OP1   . DC  C 3 5  ? -8.982  -10.191 0.509   1.00 84.71  ? 4   DC  C OP1   1 
ATOM   511 O  OP2   . DC  C 3 5  ? -10.529 -8.143  0.630   1.00 71.80  ? 4   DC  C OP2   1 
ATOM   512 O  "O5'" . DC  C 3 5  ? -10.202 -9.585  2.631   1.00 60.66  ? 4   DC  C "O5'" 1 
ATOM   513 C  "C5'" . DC  C 3 5  ? -9.578  -10.640 3.349   1.00 69.13  ? 4   DC  C "C5'" 1 
ATOM   514 C  "C4'" . DC  C 3 5  ? -9.883  -10.528 4.825   1.00 69.05  ? 4   DC  C "C4'" 1 
ATOM   515 O  "O4'" . DC  C 3 5  ? -9.908  -9.144  5.182   1.00 65.76  ? 4   DC  C "O4'" 1 
ATOM   516 C  "C3'" . DC  C 3 5  ? -11.251 -11.025 5.239   1.00 74.92  ? 4   DC  C "C3'" 1 
ATOM   517 O  "O3'" . DC  C 3 5  ? -11.216 -12.415 5.487   1.00 76.46  ? 4   DC  C "O3'" 1 
ATOM   518 C  "C2'" . DC  C 3 5  ? -11.513 -10.247 6.527   1.00 74.98  ? 4   DC  C "C2'" 1 
ATOM   519 C  "C1'" . DC  C 3 5  ? -10.665 -8.993  6.362   1.00 68.44  ? 4   DC  C "C1'" 1 
ATOM   520 N  N1    . DC  C 3 5  ? -11.448 -7.742  6.261   1.00 64.70  ? 4   DC  C N1    1 
ATOM   521 C  C2    . DC  C 3 5  ? -12.034 -7.193  7.404   1.00 61.24  ? 4   DC  C C2    1 
ATOM   522 O  O2    . DC  C 3 5  ? -11.914 -7.775  8.494   1.00 65.33  ? 4   DC  C O2    1 
ATOM   523 N  N3    . DC  C 3 5  ? -12.724 -6.033  7.291   1.00 57.27  ? 4   DC  C N3    1 
ATOM   524 C  C4    . DC  C 3 5  ? -12.829 -5.435  6.100   1.00 67.14  ? 4   DC  C C4    1 
ATOM   525 N  N4    . DC  C 3 5  ? -13.519 -4.292  6.035   1.00 88.51  ? 4   DC  C N4    1 
ATOM   526 C  C5    . DC  C 3 5  ? -12.233 -5.980  4.927   1.00 74.97  ? 4   DC  C C5    1 
ATOM   527 C  C6    . DC  C 3 5  ? -11.555 -7.124  5.052   1.00 69.34  ? 4   DC  C C6    1 
ATOM   528 P  P     . DG  C 3 6  ? -12.595 -13.228 5.574   1.00 74.38  ? 5   DG  C P     1 
ATOM   529 O  OP1   . DG  C 3 6  ? -12.579 -14.255 4.511   1.00 89.48  ? 5   DG  C OP1   1 
ATOM   530 O  OP2   . DG  C 3 6  ? -13.675 -12.220 5.582   1.00 66.93  ? 5   DG  C OP2   1 
ATOM   531 O  "O5'" . DG  C 3 6  ? -12.543 -13.954 7.002   1.00 82.62  ? 5   DG  C "O5'" 1 
ATOM   532 C  "C5'" . DG  C 3 6  ? -12.210 -13.221 8.178   1.00 73.38  ? 5   DG  C "C5'" 1 
ATOM   533 C  "C4'" . DG  C 3 6  ? -13.445 -12.626 8.839   1.00 73.87  ? 5   DG  C "C4'" 1 
ATOM   534 O  "O4'" . DG  C 3 6  ? -13.496 -11.222 8.570   1.00 74.25  ? 5   DG  C "O4'" 1 
ATOM   535 C  "C3'" . DG  C 3 6  ? -14.782 -13.154 8.345   1.00 83.37  ? 5   DG  C "C3'" 1 
ATOM   536 O  "O3'" . DG  C 3 6  ? -15.180 -14.274 9.118   1.00 83.42  ? 5   DG  C "O3'" 1 
ATOM   537 C  "C2'" . DG  C 3 6  ? -15.736 -11.967 8.549   1.00 80.77  ? 5   DG  C "C2'" 1 
ATOM   538 C  "C1'" . DG  C 3 6  ? -14.804 -10.772 8.791   1.00 72.65  ? 5   DG  C "C1'" 1 
ATOM   539 N  N9    . DG  C 3 6  ? -15.063 -9.648  7.899   1.00 70.85  ? 5   DG  C N9    1 
ATOM   540 C  C8    . DG  C 3 6  ? -14.780 -9.570  6.557   1.00 69.02  ? 5   DG  C C8    1 
ATOM   541 N  N7    . DG  C 3 6  ? -15.128 -8.438  6.014   1.00 64.60  ? 5   DG  C N7    1 
ATOM   542 C  C5    . DG  C 3 6  ? -15.679 -7.718  7.063   1.00 65.96  ? 5   DG  C C5    1 
ATOM   543 C  C6    . DG  C 3 6  ? -16.230 -6.420  7.080   1.00 62.73  ? 5   DG  C C6    1 
ATOM   544 O  O6    . DG  C 3 6  ? -16.346 -5.621  6.139   1.00 60.30  ? 5   DG  C O6    1 
ATOM   545 N  N1    . DG  C 3 6  ? -16.677 -6.071  8.349   1.00 65.47  ? 5   DG  C N1    1 
ATOM   546 C  C2    . DG  C 3 6  ? -16.604 -6.877  9.462   1.00 69.68  ? 5   DG  C C2    1 
ATOM   547 N  N2    . DG  C 3 6  ? -17.091 -6.362  10.600  1.00 74.99  ? 5   DG  C N2    1 
ATOM   548 N  N3    . DG  C 3 6  ? -16.089 -8.101  9.461   1.00 66.77  ? 5   DG  C N3    1 
ATOM   549 C  C4    . DG  C 3 6  ? -15.649 -8.454  8.231   1.00 69.70  ? 5   DG  C C4    1 
ATOM   550 O  "O5'" . DT  D 4 1  ? 17.518  2.276   12.365  1.00 83.35  ? 2   DT  D "O5'" 1 
ATOM   551 C  "C5'" . DT  D 4 1  ? 18.148  1.837   13.558  1.00 79.58  ? 2   DT  D "C5'" 1 
ATOM   552 C  "C4'" . DT  D 4 1  ? 17.362  2.284   14.774  1.00 84.48  ? 2   DT  D "C4'" 1 
ATOM   553 O  "O4'" . DT  D 4 1  ? 17.004  3.682   14.629  1.00 86.33  ? 2   DT  D "O4'" 1 
ATOM   554 C  "C3'" . DT  D 4 1  ? 16.050  1.551   15.009  1.00 81.18  ? 2   DT  D "C3'" 1 
ATOM   555 O  "O3'" . DT  D 4 1  ? 15.788  1.506   16.399  1.00 91.20  ? 2   DT  D "O3'" 1 
ATOM   556 C  "C2'" . DT  D 4 1  ? 15.052  2.442   14.283  1.00 76.67  ? 2   DT  D "C2'" 1 
ATOM   557 C  "C1'" . DT  D 4 1  ? 15.602  3.817   14.615  1.00 74.02  ? 2   DT  D "C1'" 1 
ATOM   558 N  N1    . DT  D 4 1  ? 15.255  4.861   13.624  1.00 75.68  ? 2   DT  D N1    1 
ATOM   559 C  C2    . DT  D 4 1  ? 14.514  5.943   14.027  1.00 80.73  ? 2   DT  D C2    1 
ATOM   560 O  O2    . DT  D 4 1  ? 14.113  6.086   15.170  1.00 79.73  ? 2   DT  D O2    1 
ATOM   561 N  N3    . DT  D 4 1  ? 14.255  6.859   13.041  1.00 81.34  ? 2   DT  D N3    1 
ATOM   562 C  C4    . DT  D 4 1  ? 14.658  6.798   11.718  1.00 77.92  ? 2   DT  D C4    1 
ATOM   563 O  O4    . DT  D 4 1  ? 14.375  7.668   10.901  1.00 72.12  ? 2   DT  D O4    1 
ATOM   564 C  C5    . DT  D 4 1  ? 15.434  5.634   11.367  1.00 74.10  ? 2   DT  D C5    1 
ATOM   565 C  C7    . DT  D 4 1  ? 15.923  5.456   9.962   1.00 75.84  ? 2   DT  D C7    1 
ATOM   566 C  C6    . DT  D 4 1  ? 15.694  4.735   12.323  1.00 73.93  ? 2   DT  D C6    1 
ATOM   567 P  P     . DC  D 4 2  ? 14.667  0.523   16.996  1.00 105.25 ? 3   DC  D P     1 
ATOM   568 O  OP1   . DC  D 4 2  ? 15.372  -0.609  17.640  1.00 100.08 ? 3   DC  D OP1   1 
ATOM   569 O  OP2   . DC  D 4 2  ? 13.675  0.245   15.936  1.00 98.53  ? 3   DC  D OP2   1 
ATOM   570 O  "O5'" . DC  D 4 2  ? 13.986  1.400   18.150  1.00 93.15  ? 3   DC  D "O5'" 1 
ATOM   571 C  "C5'" . DC  D 4 2  ? 12.585  1.343   18.362  1.00 93.78  ? 3   DC  D "C5'" 1 
ATOM   572 C  "C4'" . DC  D 4 2  ? 12.067  2.665   18.909  1.00 97.33  ? 3   DC  D "C4'" 1 
ATOM   573 O  "O4'" . DC  D 4 2  ? 12.319  3.734   17.951  1.00 95.77  ? 3   DC  D "O4'" 1 
ATOM   574 C  "C3'" . DC  D 4 2  ? 10.569  2.704   19.176  1.00 94.47  ? 3   DC  D "C3'" 1 
ATOM   575 O  "O3'" . DC  D 4 2  ? 10.298  3.565   20.266  1.00 104.79 ? 3   DC  D "O3'" 1 
ATOM   576 C  "C2'" . DC  D 4 2  ? 10.022  3.269   17.872  1.00 92.98  ? 3   DC  D "C2'" 1 
ATOM   577 C  "C1'" . DC  D 4 2  ? 11.086  4.293   17.527  1.00 87.14  ? 3   DC  D "C1'" 1 
ATOM   578 N  N1    . DC  D 4 2  ? 11.169  4.620   16.062  1.00 80.23  ? 3   DC  D N1    1 
ATOM   579 C  C2    . DC  D 4 2  ? 11.835  3.755   15.180  1.00 82.09  ? 3   DC  D C2    1 
ATOM   580 O  O2    . DC  D 4 2  ? 12.346  2.716   15.610  1.00 81.07  ? 3   DC  D O2    1 
ATOM   581 N  N3    . DC  D 4 2  ? 11.896  4.082   13.863  1.00 75.91  ? 3   DC  D N3    1 
ATOM   582 C  C4    . DC  D 4 2  ? 11.335  5.207   13.425  1.00 70.88  ? 3   DC  D C4    1 
ATOM   583 N  N4    . DC  D 4 2  ? 11.429  5.482   12.122  1.00 65.15  ? 3   DC  D N4    1 
ATOM   584 C  C5    . DC  D 4 2  ? 10.656  6.098   14.304  1.00 75.49  ? 3   DC  D C5    1 
ATOM   585 C  C6    . DC  D 4 2  ? 10.598  5.770   15.600  1.00 78.68  ? 3   DC  D C6    1 
ATOM   586 P  P     . DT  D 4 3  ? 8.882   3.490   21.017  1.00 126.22 ? 4   DT  D P     1 
ATOM   587 O  OP1   . DT  D 4 3  ? 9.033   4.097   22.361  1.00 136.36 ? 4   DT  D OP1   1 
ATOM   588 O  OP2   . DT  D 4 3  ? 8.374   2.107   20.874  1.00 118.03 ? 4   DT  D OP2   1 
ATOM   589 O  "O5'" . DT  D 4 3  ? 7.939   4.430   20.141  1.00 105.29 ? 4   DT  D "O5'" 1 
ATOM   590 C  "C5'" . DT  D 4 3  ? 6.540   4.422   20.360  1.00 109.53 ? 4   DT  D "C5'" 1 
ATOM   591 C  "C4'" . DT  D 4 3  ? 5.919   5.701   19.844  1.00 106.71 ? 4   DT  D "C4'" 1 
ATOM   592 O  "O4'" . DT  D 4 3  ? 6.545   6.077   18.587  1.00 98.93  ? 4   DT  D "O4'" 1 
ATOM   593 C  "C3'" . DT  D 4 3  ? 4.429   5.624   19.557  1.00 92.66  ? 4   DT  D "C3'" 1 
ATOM   594 O  "O3'" . DT  D 4 3  ? 3.851   6.882   19.806  1.00 94.01  ? 4   DT  D "O3'" 1 
ATOM   595 C  "C2'" . DT  D 4 3  ? 4.399   5.280   18.072  1.00 94.45  ? 4   DT  D "C2'" 1 
ATOM   596 C  "C1'" . DT  D 4 3  ? 5.574   6.099   17.561  1.00 92.50  ? 4   DT  D "C1'" 1 
ATOM   597 N  N1    . DT  D 4 3  ? 6.201   5.574   16.298  1.00 79.89  ? 4   DT  D N1    1 
ATOM   598 C  C2    . DT  D 4 3  ? 6.926   4.402   16.325  1.00 83.79  ? 4   DT  D C2    1 
ATOM   599 O  O2    . DT  D 4 3  ? 7.076   3.735   17.328  1.00 94.54  ? 4   DT  D O2    1 
ATOM   600 N  N3    . DT  D 4 3  ? 7.465   4.031   15.119  1.00 83.29  ? 4   DT  D N3    1 
ATOM   601 C  C4    . DT  D 4 3  ? 7.360   4.703   13.915  1.00 74.35  ? 4   DT  D C4    1 
ATOM   602 O  O4    . DT  D 4 3  ? 7.881   4.292   12.878  1.00 68.59  ? 4   DT  D O4    1 
ATOM   603 C  C5    . DT  D 4 3  ? 6.593   5.923   13.965  1.00 69.53  ? 4   DT  D C5    1 
ATOM   604 C  C7    . DT  D 4 3  ? 6.398   6.733   12.731  1.00 65.73  ? 4   DT  D C7    1 
ATOM   605 C  C6    . DT  D 4 3  ? 6.062   6.294   15.135  1.00 74.73  ? 4   DT  D C6    1 
ATOM   606 P  P     . DG  D 4 4  ? 2.263   7.026   19.955  1.00 122.82 ? 5   DG  D P     1 
ATOM   607 O  OP1   . DG  D 4 4  ? 1.975   8.258   20.726  1.00 125.86 ? 5   DG  D OP1   1 
ATOM   608 O  OP2   . DG  D 4 4  ? 1.729   5.723   20.408  1.00 116.51 ? 5   DG  D OP2   1 
ATOM   609 O  "O5'" . DG  D 4 4  ? 1.778   7.267   18.460  1.00 108.89 ? 5   DG  D "O5'" 1 
ATOM   610 C  "C5'" . DG  D 4 4  ? 2.376   8.289   17.680  1.00 97.88  ? 5   DG  D "C5'" 1 
ATOM   611 C  "C4'" . DG  D 4 4  ? 1.497   8.636   16.497  1.00 97.79  ? 5   DG  D "C4'" 1 
ATOM   612 O  "O4'" . DG  D 4 4  ? 1.976   7.951   15.317  1.00 92.63  ? 5   DG  D "O4'" 1 
ATOM   613 C  "C3'" . DG  D 4 4  ? 0.046   8.215   16.636  1.00 83.34  ? 5   DG  D "C3'" 1 
ATOM   614 O  "O3'" . DG  D 4 4  ? -0.766  9.048   15.832  1.00 75.59  ? 5   DG  D "O3'" 1 
ATOM   615 C  "C2'" . DG  D 4 4  ? 0.071   6.783   16.109  1.00 79.00  ? 5   DG  D "C2'" 1 
ATOM   616 C  "C1'" . DG  D 4 4  ? 1.098   6.889   14.983  1.00 78.87  ? 5   DG  D "C1'" 1 
ATOM   617 N  N9    . DG  D 4 4  ? 1.907   5.692   14.794  1.00 70.75  ? 5   DG  D N9    1 
ATOM   618 C  C8    . DG  D 4 4  ? 2.157   4.695   15.705  1.00 73.63  ? 5   DG  D C8    1 
ATOM   619 N  N7    . DG  D 4 4  ? 2.936   3.753   15.244  1.00 69.54  ? 5   DG  D N7    1 
ATOM   620 C  C5    . DG  D 4 4  ? 3.221   4.159   13.946  1.00 65.27  ? 5   DG  D C5    1 
ATOM   621 C  C6    . DG  D 4 4  ? 4.017   3.548   12.953  1.00 55.31  ? 5   DG  D C6    1 
ATOM   622 O  O6    . DG  D 4 4  ? 4.653   2.489   13.020  1.00 55.19  ? 5   DG  D O6    1 
ATOM   623 N  N1    . DG  D 4 4  ? 4.035   4.298   11.780  1.00 53.25  ? 5   DG  D N1    1 
ATOM   624 C  C2    . DG  D 4 4  ? 3.367   5.486   11.595  1.00 58.16  ? 5   DG  D C2    1 
ATOM   625 N  N2    . DG  D 4 4  ? 3.502   6.067   10.396  1.00 59.68  ? 5   DG  D N2    1 
ATOM   626 N  N3    . DG  D 4 4  ? 2.621   6.067   12.518  1.00 61.27  ? 5   DG  D N3    1 
ATOM   627 C  C4    . DG  D 4 4  ? 2.595   5.351   13.662  1.00 67.65  ? 5   DG  D C4    1 
ATOM   628 P  P     . DA  D 4 5  ? -2.257  9.397   16.306  1.00 97.68  ? 6   DA  D P     1 
ATOM   629 O  OP1   . DA  D 4 5  ? -2.183  10.563  17.220  1.00 96.33  ? 6   DA  D OP1   1 
ATOM   630 O  OP2   . DA  D 4 5  ? -2.846  8.116   16.755  1.00 95.87  ? 6   DA  D OP2   1 
ATOM   631 O  "O5'" . DA  D 4 5  ? -3.016  9.824   14.960  1.00 94.97  ? 6   DA  D "O5'" 1 
ATOM   632 C  "C5'" . DA  D 4 5  ? -2.738  11.077  14.335  1.00 91.36  ? 6   DA  D "C5'" 1 
ATOM   633 C  "C4'" . DA  D 4 5  ? -2.713  10.923  12.821  1.00 82.38  ? 6   DA  D "C4'" 1 
ATOM   634 O  "O4'" . DA  D 4 5  ? -1.852  9.812   12.475  1.00 76.46  ? 6   DA  D "O4'" 1 
ATOM   635 C  "C3'" . DA  D 4 5  ? -4.061  10.622  12.169  1.00 69.77  ? 6   DA  D "C3'" 1 
ATOM   636 O  "O3'" . DA  D 4 5  ? -4.135  11.225  10.884  1.00 70.91  ? 6   DA  D "O3'" 1 
ATOM   637 C  "C2'" . DA  D 4 5  ? -4.066  9.101   12.069  1.00 61.22  ? 6   DA  D "C2'" 1 
ATOM   638 C  "C1'" . DA  D 4 5  ? -2.595  8.788   11.839  1.00 62.57  ? 6   DA  D "C1'" 1 
ATOM   639 N  N9    . DA  D 4 5  ? -2.180  7.515   12.414  1.00 59.70  ? 6   DA  D N9    1 
ATOM   640 C  C8    . DA  D 4 5  ? -2.478  7.044   13.662  1.00 66.17  ? 6   DA  D C8    1 
ATOM   641 N  N7    . DA  D 4 5  ? -1.971  5.862   13.915  1.00 63.66  ? 6   DA  D N7    1 
ATOM   642 C  C5    . DA  D 4 5  ? -1.282  5.539   12.760  1.00 61.01  ? 6   DA  D C5    1 
ATOM   643 C  C6    . DA  D 4 5  ? -0.519  4.412   12.389  1.00 62.81  ? 6   DA  D C6    1 
ATOM   644 N  N6    . DA  D 4 5  ? -0.321  3.364   13.196  1.00 60.59  ? 6   DA  D N6    1 
ATOM   645 N  N1    . DA  D 4 5  ? 0.030   4.402   11.153  1.00 63.19  ? 6   DA  D N1    1 
ATOM   646 C  C2    . DA  D 4 5  ? -0.175  5.459   10.348  1.00 64.41  ? 6   DA  D C2    1 
ATOM   647 N  N3    . DA  D 4 5  ? -0.870  6.575   10.587  1.00 60.93  ? 6   DA  D N3    1 
ATOM   648 C  C4    . DA  D 4 5  ? -1.402  6.549   11.822  1.00 62.65  ? 6   DA  D C4    1 
ATOM   649 P  P     . DG  D 4 6  ? -5.424  10.971  9.960   1.00 90.40  ? 7   DG  D P     1 
ATOM   650 O  OP1   . DG  D 4 6  ? -5.578  12.126  9.052   1.00 86.43  ? 7   DG  D OP1   1 
ATOM   651 O  OP2   . DG  D 4 6  ? -6.538  10.568  10.850  1.00 82.88  ? 7   DG  D OP2   1 
ATOM   652 O  "O5'" . DG  D 4 6  ? -5.022  9.703   9.082   1.00 78.51  ? 7   DG  D "O5'" 1 
ATOM   653 C  "C5'" . DG  D 4 6  ? -3.828  9.723   8.331   1.00 70.01  ? 7   DG  D "C5'" 1 
ATOM   654 C  "C4'" . DG  D 4 6  ? -3.640  8.411   7.598   1.00 76.55  ? 7   DG  D "C4'" 1 
ATOM   655 O  "O4'" . DG  D 4 6  ? -3.236  7.392   8.529   1.00 78.85  ? 7   DG  D "O4'" 1 
ATOM   656 C  "C3'" . DG  D 4 6  ? -4.894  7.867   6.907   1.00 65.81  ? 7   DG  D "C3'" 1 
ATOM   657 O  "O3'" . DG  D 4 6  ? -4.714  7.910   5.499   1.00 65.25  ? 7   DG  D "O3'" 1 
ATOM   658 C  "C2'" . DG  D 4 6  ? -5.029  6.420   7.427   1.00 59.88  ? 7   DG  D "C2'" 1 
ATOM   659 C  "C1'" . DG  D 4 6  ? -3.658  6.157   8.029   1.00 60.00  ? 7   DG  D "C1'" 1 
ATOM   660 N  N9    . DG  D 4 6  ? -3.654  5.197   9.129   1.00 57.21  ? 7   DG  D N9    1 
ATOM   661 C  C8    . DG  D 4 6  ? -4.278  5.329   10.347  1.00 57.30  ? 7   DG  D C8    1 
ATOM   662 N  N7    . DG  D 4 6  ? -4.089  4.316   11.145  1.00 51.92  ? 7   DG  D N7    1 
ATOM   663 C  C5    . DG  D 4 6  ? -3.282  3.458   10.414  1.00 54.83  ? 7   DG  D C5    1 
ATOM   664 C  C6    . DG  D 4 6  ? -2.750  2.194   10.761  1.00 58.73  ? 7   DG  D C6    1 
ATOM   665 O  O6    . DG  D 4 6  ? -2.890  1.566   11.823  1.00 57.10  ? 7   DG  D O6    1 
ATOM   666 N  N1    . DG  D 4 6  ? -1.983  1.659   9.729   1.00 60.62  ? 7   DG  D N1    1 
ATOM   667 C  C2    . DG  D 4 6  ? -1.759  2.270   8.510   1.00 61.39  ? 7   DG  D C2    1 
ATOM   668 N  N2    . DG  D 4 6  ? -0.991  1.596   7.639   1.00 58.84  ? 7   DG  D N2    1 
ATOM   669 N  N3    . DG  D 4 6  ? -2.253  3.456   8.173   1.00 58.59  ? 7   DG  D N3    1 
ATOM   670 C  C4    . DG  D 4 6  ? -3.000  3.989   9.170   1.00 56.84  ? 7   DG  D C4    1 
ATOM   671 P  P     . DT  D 4 7  ? -5.894  7.441   4.518   1.00 78.60  ? 8   DT  D P     1 
ATOM   672 O  OP1   . DT  D 4 7  ? -5.846  8.290   3.305   1.00 59.68  ? 8   DT  D OP1   1 
ATOM   673 O  OP2   . DT  D 4 7  ? -7.136  7.349   5.325   1.00 67.62  ? 8   DT  D OP2   1 
ATOM   674 O  "O5'" . DT  D 4 7  ? -5.447  5.973   4.076   1.00 67.52  ? 8   DT  D "O5'" 1 
ATOM   675 C  "C5'" . DT  D 4 7  ? -4.338  5.825   3.213   1.00 55.98  ? 8   DT  D "C5'" 1 
ATOM   676 C  "C4'" . DT  D 4 7  ? -3.876  4.384   3.142   1.00 53.98  ? 8   DT  D "C4'" 1 
ATOM   677 O  "O4'" . DT  D 4 7  ? -3.947  3.770   4.438   1.00 64.15  ? 8   DT  D "O4'" 1 
ATOM   678 C  "C3'" . DT  D 4 7  ? -4.673  3.467   2.210   1.00 49.47  ? 8   DT  D "C3'" 1 
ATOM   679 O  "O3'" . DT  D 4 7  ? -3.822  3.051   1.174   1.00 45.80  ? 8   DT  D "O3'" 1 
ATOM   680 C  "C2'" . DT  D 4 7  ? -5.100  2.280   3.113   1.00 49.70  ? 8   DT  D "C2'" 1 
ATOM   681 C  "C1'" . DT  D 4 7  ? -4.092  2.390   4.238   1.00 54.28  ? 8   DT  D "C1'" 1 
ATOM   682 N  N1    . DT  D 4 7  ? -4.478  1.773   5.546   1.00 56.53  ? 8   DT  D N1    1 
ATOM   683 C  C2    . DT  D 4 7  ? -3.869  0.604   5.954   1.00 61.90  ? 8   DT  D C2    1 
ATOM   684 O  O2    . DT  D 4 7  ? -3.062  -0.005  5.273   1.00 68.83  ? 8   DT  D O2    1 
ATOM   685 N  N3    . DT  D 4 7  ? -4.254  0.154   7.189   1.00 57.71  ? 8   DT  D N3    1 
ATOM   686 C  C4    . DT  D 4 7  ? -5.155  0.747   8.049   1.00 57.64  ? 8   DT  D C4    1 
ATOM   687 O  O4    . DT  D 4 7  ? -5.437  0.262   9.142   1.00 61.67  ? 8   DT  D O4    1 
ATOM   688 C  C5    . DT  D 4 7  ? -5.737  1.977   7.571   1.00 50.94  ? 8   DT  D C5    1 
ATOM   689 C  C7    . DT  D 4 7  ? -6.726  2.712   8.418   1.00 48.58  ? 8   DT  D C7    1 
ATOM   690 C  C6    . DT  D 4 7  ? -5.367  2.433   6.364   1.00 49.18  ? 8   DT  D C6    1 
ATOM   691 P  P     . DA  D 4 8  ? -4.422  2.371   -0.144  1.00 48.43  ? 9   DA  D P     1 
ATOM   692 O  OP1   . DA  D 4 8  ? -3.352  2.408   -1.171  1.00 49.32  ? 9   DA  D OP1   1 
ATOM   693 O  OP2   . DA  D 4 8  ? -5.743  2.999   -0.386  1.00 40.79  ? 9   DA  D OP2   1 
ATOM   694 O  "O5'" . DA  D 4 8  ? -4.649  0.841   0.275   1.00 48.75  ? 9   DA  D "O5'" 1 
ATOM   695 C  "C5'" . DA  D 4 8  ? -3.534  -0.036  0.348   1.00 56.07  ? 9   DA  D "C5'" 1 
ATOM   696 C  "C4'" . DA  D 4 8  ? -3.906  -1.353  1.008   1.00 55.00  ? 9   DA  D "C4'" 1 
ATOM   697 O  "O4'" . DA  D 4 8  ? -4.392  -1.110  2.344   1.00 61.97  ? 9   DA  D "O4'" 1 
ATOM   698 C  "C3'" . DA  D 4 8  ? -4.999  -2.161  0.299   1.00 51.68  ? 9   DA  D "C3'" 1 
ATOM   699 O  "O3'" . DA  D 4 8  ? -4.520  -3.468  0.003   1.00 61.00  ? 9   DA  D "O3'" 1 
ATOM   700 C  "C2'" . DA  D 4 8  ? -6.145  -2.203  1.315   1.00 53.18  ? 9   DA  D "C2'" 1 
ATOM   701 C  "C1'" . DA  D 4 8  ? -5.395  -2.044  2.621   1.00 52.72  ? 9   DA  D "C1'" 1 
ATOM   702 N  N9    . DA  D 4 8  ? -6.212  -1.533  3.715   1.00 48.18  ? 9   DA  D N9    1 
ATOM   703 C  C8    . DA  D 4 8  ? -7.069  -0.472  3.679   1.00 50.81  ? 9   DA  D C8    1 
ATOM   704 N  N7    . DA  D 4 8  ? -7.661  -0.227  4.824   1.00 52.73  ? 9   DA  D N7    1 
ATOM   705 C  C5    . DA  D 4 8  ? -7.153  -1.203  5.672   1.00 55.47  ? 9   DA  D C5    1 
ATOM   706 C  C6    . DA  D 4 8  ? -7.384  -1.496  7.034   1.00 55.22  ? 9   DA  D C6    1 
ATOM   707 N  N6    . DA  D 4 8  ? -8.224  -0.799  7.805   1.00 50.46  ? 9   DA  D N6    1 
ATOM   708 N  N1    . DA  D 4 8  ? -6.710  -2.543  7.570   1.00 57.49  ? 9   DA  D N1    1 
ATOM   709 C  C2    . DA  D 4 8  ? -5.869  -3.240  6.790   1.00 56.69  ? 9   DA  D C2    1 
ATOM   710 N  N3    . DA  D 4 8  ? -5.575  -3.056  5.503   1.00 53.83  ? 9   DA  D N3    1 
ATOM   711 C  C4    . DA  D 4 8  ? -6.257  -2.012  5.000   1.00 48.74  ? 9   DA  D C4    1 
ATOM   712 P  P     . DG  D 4 9  ? -3.645  -3.730  -1.321  1.00 75.26  ? 10  DG  D P     1 
ATOM   713 O  OP1   . DG  D 4 9  ? -2.437  -4.486  -0.922  1.00 75.80  ? 10  DG  D OP1   1 
ATOM   714 O  OP2   . DG  D 4 9  ? -3.514  -2.434  -2.020  1.00 80.81  ? 10  DG  D OP2   1 
ATOM   715 O  "O5'" . DG  D 4 9  ? -4.557  -4.690  -2.226  1.00 78.31  ? 10  DG  D "O5'" 1 
ATOM   716 C  "C5'" . DG  D 4 9  ? -5.904  -4.339  -2.516  1.00 63.12  ? 10  DG  D "C5'" 1 
ATOM   717 C  "C4'" . DG  D 4 9  ? -6.168  -4.329  -4.016  1.00 67.26  ? 10  DG  D "C4'" 1 
ATOM   718 O  "O4'" . DG  D 4 9  ? -6.522  -2.998  -4.418  1.00 70.97  ? 10  DG  D "O4'" 1 
ATOM   719 C  "C3'" . DG  D 4 9  ? -4.981  -4.695  -4.887  1.00 70.64  ? 10  DG  D "C3'" 1 
ATOM   720 O  "O3'" . DG  D 4 9  ? -4.972  -6.084  -5.103  1.00 62.30  ? 10  DG  D "O3'" 1 
ATOM   721 C  "C2'" . DG  D 4 9  ? -5.253  -3.942  -6.191  1.00 61.59  ? 10  DG  D "C2'" 1 
ATOM   722 C  "C1'" . DG  D 4 9  ? -6.121  -2.766  -5.751  1.00 57.22  ? 10  DG  D "C1'" 1 
ATOM   723 N  N9    . DG  D 4 9  ? -5.436  -1.486  -5.790  1.00 52.95  ? 10  DG  D N9    1 
ATOM   724 C  C8    . DG  D 4 9  ? -5.117  -0.696  -4.721  1.00 59.71  ? 10  DG  D C8    1 
ATOM   725 N  N7    . DG  D 4 9  ? -4.510  0.405   -5.050  1.00 59.66  ? 10  DG  D N7    1 
ATOM   726 C  C5    . DG  D 4 9  ? -4.422  0.343   -6.426  1.00 60.68  ? 10  DG  D C5    1 
ATOM   727 C  C6    . DG  D 4 9  ? -3.859  1.258   -7.342  1.00 65.32  ? 10  DG  D C6    1 
ATOM   728 O  O6    . DG  D 4 9  ? -3.310  2.343   -7.101  1.00 67.46  ? 10  DG  D O6    1 
ATOM   729 N  N1    . DG  D 4 9  ? -3.979  0.813   -8.651  1.00 73.82  ? 10  DG  D N1    1 
ATOM   730 C  C2    . DG  D 4 9  ? -4.570  -0.375  -9.030  1.00 83.89  ? 10  DG  D C2    1 
ATOM   731 N  N2    . DG  D 4 9  ? -4.593  -0.634  -10.347 1.00 89.26  ? 10  DG  D N2    1 
ATOM   732 N  N3    . DG  D 4 9  ? -5.101  -1.243  -8.177  1.00 79.34  ? 10  DG  D N3    1 
ATOM   733 C  C4    . DG  D 4 9  ? -4.991  -0.820  -6.901  1.00 62.79  ? 10  DG  D C4    1 
ATOM   734 P  P     . DG  D 4 10 ? -3.584  -6.843  -5.338  1.00 74.70  ? 11  DG  D P     1 
ATOM   735 O  OP1   . DG  D 4 10 ? -3.857  -8.296  -5.310  1.00 71.38  ? 11  DG  D OP1   1 
ATOM   736 O  OP2   . DG  D 4 10 ? -2.621  -6.260  -4.381  1.00 82.37  ? 11  DG  D OP2   1 
ATOM   737 O  "O5'" . DG  D 4 10 ? -3.149  -6.391  -6.808  1.00 68.06  ? 11  DG  D "O5'" 1 
ATOM   738 C  "C5'" . DG  D 4 10 ? -3.987  -6.677  -7.917  1.00 73.24  ? 11  DG  D "C5'" 1 
ATOM   739 C  "C4'" . DG  D 4 10 ? -3.521  -5.922  -9.145  1.00 76.52  ? 11  DG  D "C4'" 1 
ATOM   740 O  "O4'" . DG  D 4 10 ? -3.571  -4.512  -8.889  1.00 76.49  ? 11  DG  D "O4'" 1 
ATOM   741 C  "C3'" . DG  D 4 10 ? -2.080  -6.176  -9.529  1.00 89.56  ? 11  DG  D "C3'" 1 
ATOM   742 O  "O3'" . DG  D 4 10 ? -2.011  -7.296  -10.390 1.00 97.08  ? 11  DG  D "O3'" 1 
ATOM   743 C  "C2'" . DG  D 4 10 ? -1.667  -4.884  -10.252 1.00 84.60  ? 11  DG  D "C2'" 1 
ATOM   744 C  "C1'" . DG  D 4 10 ? -2.714  -3.861  -9.798  1.00 75.64  ? 11  DG  D "C1'" 1 
ATOM   745 N  N9    . DG  D 4 10 ? -2.155  -2.685  -9.139  1.00 73.87  ? 11  DG  D N9    1 
ATOM   746 C  C8    . DG  D 4 10 ? -2.089  -2.452  -7.789  1.00 72.06  ? 11  DG  D C8    1 
ATOM   747 N  N7    . DG  D 4 10 ? -1.552  -1.307  -7.483  1.00 66.64  ? 11  DG  D N7    1 
ATOM   748 C  C5    . DG  D 4 10 ? -1.242  -0.739  -8.708  1.00 75.10  ? 11  DG  D C5    1 
ATOM   749 C  C6    . DG  D 4 10 ? -0.637  0.504   -9.004  1.00 80.25  ? 11  DG  D C6    1 
ATOM   750 O  O6    . DG  D 4 10 ? -0.244  1.376   -8.212  1.00 78.79  ? 11  DG  D O6    1 
ATOM   751 N  N1    . DG  D 4 10 ? -0.503  0.695   -10.377 1.00 76.25  ? 11  DG  D N1    1 
ATOM   752 C  C2    . DG  D 4 10 ? -0.903  -0.204  -11.339 1.00 78.83  ? 11  DG  D C2    1 
ATOM   753 N  N2    . DG  D 4 10 ? -0.690  0.159   -12.613 1.00 86.01  ? 11  DG  D N2    1 
ATOM   754 N  N3    . DG  D 4 10 ? -1.471  -1.374  -11.074 1.00 79.32  ? 11  DG  D N3    1 
ATOM   755 C  C4    . DG  D 4 10 ? -1.609  -1.574  -9.741  1.00 76.89  ? 11  DG  D C4    1 
ATOM   756 P  P     . DT  D 4 11 ? -0.595  -7.981  -10.709 1.00 111.06 ? 12  DT  D P     1 
ATOM   757 O  OP1   . DT  D 4 11 ? -0.859  -9.368  -11.158 1.00 104.34 ? 12  DT  D OP1   1 
ATOM   758 O  OP2   . DT  D 4 11 ? 0.283   -7.740  -9.545  1.00 105.11 ? 12  DT  D OP2   1 
ATOM   759 O  "O5'" . DT  D 4 11 ? -0.009  -7.110  -11.915 1.00 93.98  ? 12  DT  D "O5'" 1 
ATOM   760 C  "C5'" . DT  D 4 11 ? -0.791  -6.877  -13.072 1.00 88.05  ? 12  DT  D "C5'" 1 
ATOM   761 C  "C4'" . DT  D 4 11 ? -0.102  -5.884  -13.984 1.00 91.49  ? 12  DT  D "C4'" 1 
ATOM   762 O  "O4'" . DT  D 4 11 ? 0.011   -4.605  -13.308 1.00 82.08  ? 12  DT  D "O4'" 1 
ATOM   763 C  "C3'" . DT  D 4 11 ? 1.322   -6.264  -14.404 1.00 101.12 ? 12  DT  D "C3'" 1 
ATOM   764 O  "O3'" . DT  D 4 11 ? 1.490   -6.011  -15.807 1.00 110.66 ? 12  DT  D "O3'" 1 
ATOM   765 C  "C2'" . DT  D 4 11 ? 2.187   -5.338  -13.548 1.00 94.13  ? 12  DT  D "C2'" 1 
ATOM   766 C  "C1'" . DT  D 4 11 ? 1.305   -4.108  -13.507 1.00 77.87  ? 12  DT  D "C1'" 1 
ATOM   767 N  N1    . DT  D 4 11 ? 1.624   -3.152  -12.419 1.00 82.78  ? 12  DT  D N1    1 
ATOM   768 C  C2    . DT  D 4 11 ? 2.158   -1.935  -12.749 1.00 86.44  ? 12  DT  D C2    1 
ATOM   769 O  O2    . DT  D 4 11 ? 2.395   -1.604  -13.897 1.00 86.34  ? 12  DT  D O2    1 
ATOM   770 N  N3    . DT  D 4 11 ? 2.411   -1.110  -11.686 1.00 85.32  ? 12  DT  D N3    1 
ATOM   771 C  C4    . DT  D 4 11 ? 2.182   -1.377  -10.351 1.00 79.40  ? 12  DT  D C4    1 
ATOM   772 O  O4    . DT  D 4 11 ? 2.445   -0.570  -9.464  1.00 80.95  ? 12  DT  D O4    1 
ATOM   773 C  C5    . DT  D 4 11 ? 1.615   -2.675  -10.075 1.00 75.84  ? 12  DT  D C5    1 
ATOM   774 C  C7    . DT  D 4 11 ? 1.323   -3.082  -8.665  1.00 80.22  ? 12  DT  D C7    1 
ATOM   775 C  C6    . DT  D 4 11 ? 1.365   -3.489  -11.110 1.00 79.48  ? 12  DT  D C6    1 
ATOM   776 P  P     . DC  D 4 12 ? 2.951   -6.000  -16.477 1.00 114.08 ? 13  DC  D P     1 
ATOM   777 O  OP1   . DC  D 4 12 ? 2.766   -6.101  -17.942 1.00 138.10 ? 13  DC  D OP1   1 
ATOM   778 O  OP2   . DC  D 4 12 ? 3.793   -6.996  -15.781 1.00 107.06 ? 13  DC  D OP2   1 
ATOM   779 O  "O5'" . DC  D 4 12 ? 3.514   -4.539  -16.149 1.00 97.10  ? 13  DC  D "O5'" 1 
ATOM   780 C  "C5'" . DC  D 4 12 ? 4.864   -4.370  -15.767 1.00 88.24  ? 13  DC  D "C5'" 1 
ATOM   781 C  "C4'" . DC  D 4 12 ? 5.452   -3.147  -16.440 1.00 101.97 ? 13  DC  D "C4'" 1 
ATOM   782 O  "O4'" . DC  D 4 12 ? 5.229   -1.981  -15.611 1.00 95.08  ? 13  DC  D "O4'" 1 
ATOM   783 C  "C3'" . DC  D 4 12 ? 6.950   -3.213  -16.687 1.00 110.53 ? 13  DC  D "C3'" 1 
ATOM   784 O  "O3'" . DC  D 4 12 ? 7.278   -2.575  -17.921 1.00 122.30 ? 13  DC  D "O3'" 1 
ATOM   785 C  "C2'" . DC  D 4 12 ? 7.552   -2.490  -15.482 1.00 104.61 ? 13  DC  D "C2'" 1 
ATOM   786 C  "C1'" . DC  D 4 12 ? 6.440   -1.541  -15.028 1.00 94.16  ? 13  DC  D "C1'" 1 
ATOM   787 N  N1    . DC  D 4 12 ? 6.262   -1.518  -13.548 1.00 85.06  ? 13  DC  D N1    1 
ATOM   788 C  C2    . DC  D 4 12 ? 6.605   -0.373  -12.820 1.00 84.63  ? 13  DC  D C2    1 
ATOM   789 O  O2    . DC  D 4 12 ? 7.050   0.615   -13.416 1.00 92.82  ? 13  DC  D O2    1 
ATOM   790 N  N3    . DC  D 4 12 ? 6.436   -0.378  -11.475 1.00 82.97  ? 13  DC  D N3    1 
ATOM   791 C  C4    . DC  D 4 12 ? 5.952   -1.465  -10.867 1.00 92.79  ? 13  DC  D C4    1 
ATOM   792 N  N4    . DC  D 4 12 ? 5.803   -1.424  -9.539  1.00 92.55  ? 13  DC  D N4    1 
ATOM   793 C  C5    . DC  D 4 12 ? 5.599   -2.640  -11.593 1.00 86.75  ? 13  DC  D C5    1 
ATOM   794 C  C6    . DC  D 4 12 ? 5.770   -2.623  -12.916 1.00 83.62  ? 13  DC  D C6    1 
ATOM   795 P  P     . DT  D 4 13 ? 8.668   -2.904  -18.660 1.00 137.32 ? 14  DT  D P     1 
ATOM   796 O  OP1   . DT  D 4 13 ? 8.357   -3.556  -19.953 1.00 134.84 ? 14  DT  D OP1   1 
ATOM   797 O  OP2   . DT  D 4 13 ? 9.552   -3.580  -17.685 1.00 124.80 ? 14  DT  D OP2   1 
ATOM   798 O  "O5'" . DT  D 4 13 ? 9.295   -1.461  -18.940 1.00 126.21 ? 14  DT  D "O5'" 1 
ATOM   799 C  "C5'" . DT  D 4 13 ? 8.917   -0.362  -18.123 1.00 118.34 ? 14  DT  D "C5'" 1 
ATOM   800 C  "C4'" . DT  D 4 13 ? 10.123  0.244   -17.426 1.00 117.04 ? 14  DT  D "C4'" 1 
ATOM   801 O  "O4'" . DT  D 4 13 ? 9.841   0.389   -16.010 1.00 113.67 ? 14  DT  D "O4'" 1 
ATOM   802 C  "C3'" . DT  D 4 13 ? 11.421  -0.576  -17.520 1.00 121.21 ? 14  DT  D "C3'" 1 
ATOM   803 O  "O3'" . DT  D 4 13 ? 12.489  0.237   -18.023 1.00 129.63 ? 14  DT  D "O3'" 1 
ATOM   804 C  "C2'" . DT  D 4 13 ? 11.684  -1.006  -16.075 1.00 115.68 ? 14  DT  D "C2'" 1 
ATOM   805 C  "C1'" . DT  D 4 13 ? 11.018  0.115   -15.300 1.00 108.32 ? 14  DT  D "C1'" 1 
ATOM   806 N  N1    . DT  D 4 13 ? 10.681  -0.253  -13.894 1.00 95.18  ? 14  DT  D N1    1 
ATOM   807 C  C2    . DT  D 4 13 ? 10.904  0.661   -12.890 1.00 95.45  ? 14  DT  D C2    1 
ATOM   808 O  O2    . DT  D 4 13 ? 11.346  1.778   -13.089 1.00 93.56  ? 14  DT  D O2    1 
ATOM   809 N  N3    . DT  D 4 13 ? 10.580  0.218   -11.632 1.00 94.27  ? 14  DT  D N3    1 
ATOM   810 C  C4    . DT  D 4 13 ? 10.074  -1.024  -11.288 1.00 93.23  ? 14  DT  D C4    1 
ATOM   811 O  O4    . DT  D 4 13 ? 9.811   -1.331  -10.129 1.00 87.64  ? 14  DT  D O4    1 
ATOM   812 C  C5    . DT  D 4 13 ? 9.875   -1.934  -12.392 1.00 88.68  ? 14  DT  D C5    1 
ATOM   813 C  C7    . DT  D 4 13 ? 9.330   -3.308  -12.148 1.00 84.49  ? 14  DT  D C7    1 
ATOM   814 C  C6    . DT  D 4 13 ? 10.191  -1.510  -13.624 1.00 89.63  ? 14  DT  D C6    1 
ATOM   815 P  P     . DG  D 4 14 ? 13.997  -0.329  -18.071 1.00 139.27 ? 15  DG  D P     1 
ATOM   816 O  OP1   . DG  D 4 14 ? 14.725  0.432   -19.109 1.00 134.96 ? 15  DG  D OP1   1 
ATOM   817 O  OP2   . DG  D 4 14 ? 13.923  -1.806  -18.171 1.00 130.54 ? 15  DG  D OP2   1 
ATOM   818 O  "O5'" . DG  D 4 14 ? 14.619  0.086   -16.648 1.00 121.21 ? 15  DG  D "O5'" 1 
ATOM   819 C  "C5'" . DG  D 4 14 ? 14.806  1.465   -16.328 1.00 110.94 ? 15  DG  D "C5'" 1 
ATOM   820 C  "C4'" . DG  D 4 14 ? 14.980  1.677   -14.828 1.00 111.70 ? 15  DG  D "C4'" 1 
ATOM   821 O  "O4'" . DG  D 4 14 ? 14.079  0.837   -14.095 1.00 112.34 ? 15  DG  D "O4'" 1 
ATOM   822 C  "C3'" . DG  D 4 14 ? 16.350  1.331   -14.259 1.00 111.09 ? 15  DG  D "C3'" 1 
ATOM   823 O  "O3'" . DG  D 4 14 ? 17.198  2.478   -14.323 1.00 119.99 ? 15  DG  D "O3'" 1 
ATOM   824 C  "C2'" . DG  D 4 14 ? 16.043  0.928   -12.797 1.00 101.99 ? 15  DG  D "C2'" 1 
ATOM   825 C  "C1'" . DG  D 4 14 ? 14.517  0.827   -12.757 1.00 101.44 ? 15  DG  D "C1'" 1 
ATOM   826 N  N9    . DG  D 4 14 ? 14.014  -0.377  -12.098 1.00 97.67  ? 15  DG  D N9    1 
ATOM   827 C  C8    . DG  D 4 14 ? 13.593  -1.537  -12.702 1.00 97.59  ? 15  DG  D C8    1 
ATOM   828 N  N7    . DG  D 4 14 ? 13.179  -2.443  -11.860 1.00 88.15  ? 15  DG  D N7    1 
ATOM   829 C  C5    . DG  D 4 14 ? 13.330  -1.845  -10.615 1.00 92.78  ? 15  DG  D C5    1 
ATOM   830 C  C6    . DG  D 4 14 ? 13.045  -2.346  -9.321  1.00 83.31  ? 15  DG  D C6    1 
ATOM   831 O  O6    . DG  D 4 14 ? 12.586  -3.454  -9.011  1.00 80.92  ? 15  DG  D O6    1 
ATOM   832 N  N1    . DG  D 4 14 ? 13.344  -1.416  -8.330  1.00 75.85  ? 15  DG  D N1    1 
ATOM   833 C  C2    . DG  D 4 14 ? 13.854  -0.159  -8.557  1.00 85.37  ? 15  DG  D C2    1 
ATOM   834 N  N2    . DG  D 4 14 ? 14.079  0.596   -7.469  1.00 76.80  ? 15  DG  D N2    1 
ATOM   835 N  N3    . DG  D 4 14 ? 14.126  0.327   -9.766  1.00 92.97  ? 15  DG  D N3    1 
ATOM   836 C  C4    . DG  D 4 14 ? 13.840  -0.570  -10.744 1.00 94.47  ? 15  DG  D C4    1 
ATOM   837 P  P     . DC  D 4 15 ? 18.659  2.472   -13.648 1.00 125.65 ? 16  DC  D P     1 
ATOM   838 O  OP1   . DC  D 4 15 ? 19.561  3.233   -14.543 1.00 117.95 ? 16  DC  D OP1   1 
ATOM   839 O  OP2   . DC  D 4 15 ? 19.014  1.086   -13.260 1.00 107.70 ? 16  DC  D OP2   1 
ATOM   840 O  "O5'" . DC  D 4 15 ? 18.465  3.322   -12.310 1.00 98.96  ? 16  DC  D "O5'" 1 
ATOM   841 C  "C5'" . DC  D 4 15 ? 19.515  3.398   -11.365 1.00 88.42  ? 16  DC  D "C5'" 1 
ATOM   842 C  "C4'" . DC  D 4 15 ? 18.955  3.474   -9.962  1.00 93.03  ? 16  DC  D "C4'" 1 
ATOM   843 O  "O4'" . DC  D 4 15 ? 17.956  2.436   -9.787  1.00 94.42  ? 16  DC  D "O4'" 1 
ATOM   844 C  "C3'" . DC  D 4 15 ? 19.983  3.272   -8.843  1.00 88.83  ? 16  DC  D "C3'" 1 
ATOM   845 O  "O3'" . DC  D 4 15 ? 19.798  4.252   -7.829  1.00 96.70  ? 16  DC  D "O3'" 1 
ATOM   846 C  "C2'" . DC  D 4 15 ? 19.672  1.868   -8.329  1.00 85.20  ? 16  DC  D "C2'" 1 
ATOM   847 C  "C1'" . DC  D 4 15 ? 18.176  1.793   -8.557  1.00 88.37  ? 16  DC  D "C1'" 1 
ATOM   848 N  N1    . DC  D 4 15 ? 17.652  0.406   -8.646  1.00 86.77  ? 16  DC  D N1    1 
ATOM   849 C  C2    . DC  D 4 15 ? 17.306  -0.277  -7.473  1.00 85.14  ? 16  DC  D C2    1 
ATOM   850 O  O2    . DC  D 4 15 ? 17.448  0.288   -6.378  1.00 85.68  ? 16  DC  D O2    1 
ATOM   851 N  N3    . DC  D 4 15 ? 16.826  -1.542  -7.569  1.00 80.99  ? 16  DC  D N3    1 
ATOM   852 C  C4    . DC  D 4 15 ? 16.689  -2.114  -8.771  1.00 83.15  ? 16  DC  D C4    1 
ATOM   853 N  N4    . DC  D 4 15 ? 16.212  -3.362  -8.817  1.00 80.33  ? 16  DC  D N4    1 
ATOM   854 C  C5    . DC  D 4 15 ? 17.035  -1.432  -9.976  1.00 84.92  ? 16  DC  D C5    1 
ATOM   855 C  C6    . DC  D 4 15 ? 17.507  -0.186  -9.867  1.00 82.85  ? 16  DC  D C6    1 
HETATM 856 AS AS    . CAC E 5 .  ? -10.859 3.612   6.094   1.00 164.22 ? 101 CAC C AS    1 
HETATM 857 AS AS    . CAC F 5 .  ? -0.358  -0.109  -3.407  1.00 106.16 ? 101 CAC D AS    1 
# 
loop_
_pdbx_poly_seq_scheme.asym_id 
_pdbx_poly_seq_scheme.entity_id 
_pdbx_poly_seq_scheme.seq_id 
_pdbx_poly_seq_scheme.mon_id 
_pdbx_poly_seq_scheme.ndb_seq_num 
_pdbx_poly_seq_scheme.pdb_seq_num 
_pdbx_poly_seq_scheme.auth_seq_num 
_pdbx_poly_seq_scheme.pdb_mon_id 
_pdbx_poly_seq_scheme.auth_mon_id 
_pdbx_poly_seq_scheme.pdb_strand_id 
_pdbx_poly_seq_scheme.pdb_ins_code 
_pdbx_poly_seq_scheme.hetero 
A 1 1  DG 1  1  1  DG DG A . n 
A 1 2  DA 2  2  2  DA DA A . n 
A 1 3  DG 3  3  3  DG DG A . n 
A 1 4  DC 4  4  4  DC DC A . n 
A 1 5  DA 5  5  5  DA DA A . n 
A 1 6  DG 6  6  6  DG DG A . n 
A 1 7  DA 7  7  7  DA DA A . n 
A 1 8  DC 8  8  8  DC DC A . n 
A 1 9  DT 9  9  9  DT DT A . n 
A 1 10 DT 10 10 10 DT DT A . n 
A 1 11 DG 11 11 11 DG DG A . n 
A 1 12 DA 12 12 12 DA DA A . n 
B 2 1  DC 1  12 12 DC DC B . n 
B 2 2  DG 2  13 13 DG DG B . n 
B 2 3  DA 3  14 14 DA DA B . n 
B 2 4  DC 4  15 15 DC DC B . n 
B 2 5  DA 5  16 16 DA DA B . n 
B 2 6  DC 6  17 17 DC DC B . n 
B 2 7  DT 7  18 18 DT DT B . n 
B 2 8  DC 8  19 19 DC DC B . n 
B 2 9  DA 9  20 20 DA DA B . n 
C 3 1  DT 1  0  0  DT DT C . n 
C 3 2  DC 2  1  1  DC DC C . n 
C 3 3  DA 3  2  2  DA DA C . n 
C 3 4  DT 4  3  3  DT DT C . n 
C 3 5  DC 5  4  4  DC DC C . n 
C 3 6  DG 6  5  5  DG DG C . n 
D 4 1  DT 1  2  2  DT DT D . n 
D 4 2  DC 2  3  3  DC DC D . n 
D 4 3  DT 3  4  4  DT DT D . n 
D 4 4  DG 4  5  5  DG DG D . n 
D 4 5  DA 5  6  6  DA DA D . n 
D 4 6  DG 6  7  7  DG DG D . n 
D 4 7  DT 7  8  8  DT DT D . n 
D 4 8  DA 8  9  9  DA DA D . n 
D 4 9  DG 9  10 10 DG DG D . n 
D 4 10 DG 10 11 11 DG DG D . n 
D 4 11 DT 11 12 12 DT DT D . n 
D 4 12 DC 12 13 13 DC DC D . n 
D 4 13 DT 13 14 14 DT DT D . n 
D 4 14 DG 14 15 15 DG DG D . n 
D 4 15 DC 15 16 16 DC DC D . n 
# 
loop_
_pdbx_nonpoly_scheme.asym_id 
_pdbx_nonpoly_scheme.entity_id 
_pdbx_nonpoly_scheme.mon_id 
_pdbx_nonpoly_scheme.ndb_seq_num 
_pdbx_nonpoly_scheme.pdb_seq_num 
_pdbx_nonpoly_scheme.auth_seq_num 
_pdbx_nonpoly_scheme.pdb_mon_id 
_pdbx_nonpoly_scheme.auth_mon_id 
_pdbx_nonpoly_scheme.pdb_strand_id 
_pdbx_nonpoly_scheme.pdb_ins_code 
E 5 CAC 1 101 2 CAC AS C . 
F 5 CAC 1 101 1 CAC AS D . 
# 
_pdbx_struct_assembly.id                   1 
_pdbx_struct_assembly.details              author_and_software_defined_assembly 
_pdbx_struct_assembly.method_details       PISA 
_pdbx_struct_assembly.oligomeric_details   tetrameric 
_pdbx_struct_assembly.oligomeric_count     4 
# 
_pdbx_struct_assembly_gen.assembly_id       1 
_pdbx_struct_assembly_gen.oper_expression   1 
_pdbx_struct_assembly_gen.asym_id_list      A,B,C,D,E,F 
# 
loop_
_pdbx_struct_assembly_prop.biol_id 
_pdbx_struct_assembly_prop.type 
_pdbx_struct_assembly_prop.value 
_pdbx_struct_assembly_prop.details 
1 'ABSA (A^2)' 2570 ? 
1 MORE         -15  ? 
1 'SSA (A^2)'  8030 ? 
# 
_pdbx_struct_oper_list.id                   1 
_pdbx_struct_oper_list.type                 'identity operation' 
_pdbx_struct_oper_list.name                 1_555 
_pdbx_struct_oper_list.symmetry_operation   x,y,z 
_pdbx_struct_oper_list.matrix[1][1]         1.0000000000 
_pdbx_struct_oper_list.matrix[1][2]         0.0000000000 
_pdbx_struct_oper_list.matrix[1][3]         0.0000000000 
_pdbx_struct_oper_list.vector[1]            0.0000000000 
_pdbx_struct_oper_list.matrix[2][1]         0.0000000000 
_pdbx_struct_oper_list.matrix[2][2]         1.0000000000 
_pdbx_struct_oper_list.matrix[2][3]         0.0000000000 
_pdbx_struct_oper_list.vector[2]            0.0000000000 
_pdbx_struct_oper_list.matrix[3][1]         0.0000000000 
_pdbx_struct_oper_list.matrix[3][2]         0.0000000000 
_pdbx_struct_oper_list.matrix[3][3]         1.0000000000 
_pdbx_struct_oper_list.vector[3]            0.0000000000 
# 
loop_
_pdbx_audit_revision_history.ordinal 
_pdbx_audit_revision_history.data_content_type 
_pdbx_audit_revision_history.major_revision 
_pdbx_audit_revision_history.minor_revision 
_pdbx_audit_revision_history.revision_date 
1 'Structure model' 1 0 2021-07-14 
2 'Structure model' 1 1 2022-07-06 
3 'Structure model' 1 2 2023-10-18 
# 
_pdbx_audit_revision_details.ordinal             1 
_pdbx_audit_revision_details.revision_ordinal    1 
_pdbx_audit_revision_details.data_content_type   'Structure model' 
_pdbx_audit_revision_details.provider            repository 
_pdbx_audit_revision_details.type                'Initial release' 
_pdbx_audit_revision_details.description         ? 
_pdbx_audit_revision_details.details             ? 
# 
loop_
_pdbx_audit_revision_group.ordinal 
_pdbx_audit_revision_group.revision_ordinal 
_pdbx_audit_revision_group.data_content_type 
_pdbx_audit_revision_group.group 
1 2 'Structure model' 'Database references'    
2 3 'Structure model' 'Data collection'        
3 3 'Structure model' 'Refinement description' 
# 
loop_
_pdbx_audit_revision_category.ordinal 
_pdbx_audit_revision_category.revision_ordinal 
_pdbx_audit_revision_category.data_content_type 
_pdbx_audit_revision_category.category 
1 2 'Structure model' citation                      
2 2 'Structure model' citation_author               
3 2 'Structure model' database_2                    
4 3 'Structure model' chem_comp_atom                
5 3 'Structure model' chem_comp_bond                
6 3 'Structure model' pdbx_initial_refinement_model 
# 
loop_
_pdbx_audit_revision_item.ordinal 
_pdbx_audit_revision_item.revision_ordinal 
_pdbx_audit_revision_item.data_content_type 
_pdbx_audit_revision_item.item 
1  2 'Structure model' '_citation.country'                   
2  2 'Structure model' '_citation.journal_abbrev'            
3  2 'Structure model' '_citation.journal_id_CSD'            
4  2 'Structure model' '_citation.journal_id_ISSN'           
5  2 'Structure model' '_citation.journal_volume'            
6  2 'Structure model' '_citation.page_first'                
7  2 'Structure model' '_citation.page_last'                 
8  2 'Structure model' '_citation.pdbx_database_id_DOI'      
9  2 'Structure model' '_citation.pdbx_database_id_PubMed'   
10 2 'Structure model' '_citation.title'                     
11 2 'Structure model' '_citation.year'                      
12 2 'Structure model' '_database_2.pdbx_DOI'                
13 2 'Structure model' '_database_2.pdbx_database_accession' 
# 
loop_
_software.citation_id 
_software.classification 
_software.compiler_name 
_software.compiler_version 
_software.contact_author 
_software.contact_author_email 
_software.date 
_software.description 
_software.dependencies 
_software.hardware 
_software.language 
_software.location 
_software.mods 
_software.name 
_software.os 
_software.os_version 
_software.type 
_software.version 
_software.pdbx_ordinal 
? 'data reduction'  ? ? ? ? ? ? ? ? ? ? ? HKL-2000    ? ? ? .           1 
? 'data scaling'    ? ? ? ? ? ? ? ? ? ? ? HKL-2000    ? ? ? .           2 
? refinement        ? ? ? ? ? ? ? ? ? ? ? PHENIX      ? ? ? 1.11.1_2575 3 
? 'data extraction' ? ? ? ? ? ? ? ? ? ? ? PDB_EXTRACT ? ? ? 3.25        4 
? phasing           ? ? ? ? ? ? ? ? ? ? ? PHASER      ? ? ? .           5 
# 
_pdbx_entry_details.entry_id                 7JHC 
_pdbx_entry_details.has_ligand_of_interest   N 
_pdbx_entry_details.compound_details         ? 
_pdbx_entry_details.source_details           ? 
_pdbx_entry_details.nonpolymer_details       ? 
_pdbx_entry_details.sequence_details         ? 
# 
loop_
_pdbx_unobs_or_zero_occ_atoms.id 
_pdbx_unobs_or_zero_occ_atoms.PDB_model_num 
_pdbx_unobs_or_zero_occ_atoms.polymer_flag 
_pdbx_unobs_or_zero_occ_atoms.occupancy_flag 
_pdbx_unobs_or_zero_occ_atoms.auth_asym_id 
_pdbx_unobs_or_zero_occ_atoms.auth_comp_id 
_pdbx_unobs_or_zero_occ_atoms.auth_seq_id 
_pdbx_unobs_or_zero_occ_atoms.PDB_ins_code 
_pdbx_unobs_or_zero_occ_atoms.auth_atom_id 
_pdbx_unobs_or_zero_occ_atoms.label_alt_id 
_pdbx_unobs_or_zero_occ_atoms.label_asym_id 
_pdbx_unobs_or_zero_occ_atoms.label_comp_id 
_pdbx_unobs_or_zero_occ_atoms.label_seq_id 
_pdbx_unobs_or_zero_occ_atoms.label_atom_id 
1 1 N 1 C CAC 101 ? O1 ? E CAC 1 O1 
2 1 N 1 C CAC 101 ? O2 ? E CAC 1 O2 
3 1 N 1 C CAC 101 ? C1 ? E CAC 1 C1 
4 1 N 1 C CAC 101 ? C2 ? E CAC 1 C2 
5 1 N 1 D CAC 101 ? O1 ? F CAC 1 O1 
6 1 N 1 D CAC 101 ? O2 ? F CAC 1 O2 
7 1 N 1 D CAC 101 ? C1 ? F CAC 1 C1 
8 1 N 1 D CAC 101 ? C2 ? F CAC 1 C2 
# 
loop_
_chem_comp_atom.comp_id 
_chem_comp_atom.atom_id 
_chem_comp_atom.type_symbol 
_chem_comp_atom.pdbx_aromatic_flag 
_chem_comp_atom.pdbx_stereo_config 
_chem_comp_atom.pdbx_ordinal 
CAC AS     AS N N 1   
CAC O1     O  N N 2   
CAC O2     O  N N 3   
CAC C1     C  N N 4   
CAC C2     C  N N 5   
CAC H11    H  N N 6   
CAC H12    H  N N 7   
CAC H13    H  N N 8   
CAC H21    H  N N 9   
CAC H22    H  N N 10  
CAC H23    H  N N 11  
DA  OP3    O  N N 12  
DA  P      P  N N 13  
DA  OP1    O  N N 14  
DA  OP2    O  N N 15  
DA  "O5'"  O  N N 16  
DA  "C5'"  C  N N 17  
DA  "C4'"  C  N R 18  
DA  "O4'"  O  N N 19  
DA  "C3'"  C  N S 20  
DA  "O3'"  O  N N 21  
DA  "C2'"  C  N N 22  
DA  "C1'"  C  N R 23  
DA  N9     N  Y N 24  
DA  C8     C  Y N 25  
DA  N7     N  Y N 26  
DA  C5     C  Y N 27  
DA  C6     C  Y N 28  
DA  N6     N  N N 29  
DA  N1     N  Y N 30  
DA  C2     C  Y N 31  
DA  N3     N  Y N 32  
DA  C4     C  Y N 33  
DA  HOP3   H  N N 34  
DA  HOP2   H  N N 35  
DA  "H5'"  H  N N 36  
DA  "H5''" H  N N 37  
DA  "H4'"  H  N N 38  
DA  "H3'"  H  N N 39  
DA  "HO3'" H  N N 40  
DA  "H2'"  H  N N 41  
DA  "H2''" H  N N 42  
DA  "H1'"  H  N N 43  
DA  H8     H  N N 44  
DA  H61    H  N N 45  
DA  H62    H  N N 46  
DA  H2     H  N N 47  
DC  OP3    O  N N 48  
DC  P      P  N N 49  
DC  OP1    O  N N 50  
DC  OP2    O  N N 51  
DC  "O5'"  O  N N 52  
DC  "C5'"  C  N N 53  
DC  "C4'"  C  N R 54  
DC  "O4'"  O  N N 55  
DC  "C3'"  C  N S 56  
DC  "O3'"  O  N N 57  
DC  "C2'"  C  N N 58  
DC  "C1'"  C  N R 59  
DC  N1     N  N N 60  
DC  C2     C  N N 61  
DC  O2     O  N N 62  
DC  N3     N  N N 63  
DC  C4     C  N N 64  
DC  N4     N  N N 65  
DC  C5     C  N N 66  
DC  C6     C  N N 67  
DC  HOP3   H  N N 68  
DC  HOP2   H  N N 69  
DC  "H5'"  H  N N 70  
DC  "H5''" H  N N 71  
DC  "H4'"  H  N N 72  
DC  "H3'"  H  N N 73  
DC  "HO3'" H  N N 74  
DC  "H2'"  H  N N 75  
DC  "H2''" H  N N 76  
DC  "H1'"  H  N N 77  
DC  H41    H  N N 78  
DC  H42    H  N N 79  
DC  H5     H  N N 80  
DC  H6     H  N N 81  
DG  OP3    O  N N 82  
DG  P      P  N N 83  
DG  OP1    O  N N 84  
DG  OP2    O  N N 85  
DG  "O5'"  O  N N 86  
DG  "C5'"  C  N N 87  
DG  "C4'"  C  N R 88  
DG  "O4'"  O  N N 89  
DG  "C3'"  C  N S 90  
DG  "O3'"  O  N N 91  
DG  "C2'"  C  N N 92  
DG  "C1'"  C  N R 93  
DG  N9     N  Y N 94  
DG  C8     C  Y N 95  
DG  N7     N  Y N 96  
DG  C5     C  Y N 97  
DG  C6     C  N N 98  
DG  O6     O  N N 99  
DG  N1     N  N N 100 
DG  C2     C  N N 101 
DG  N2     N  N N 102 
DG  N3     N  N N 103 
DG  C4     C  Y N 104 
DG  HOP3   H  N N 105 
DG  HOP2   H  N N 106 
DG  "H5'"  H  N N 107 
DG  "H5''" H  N N 108 
DG  "H4'"  H  N N 109 
DG  "H3'"  H  N N 110 
DG  "HO3'" H  N N 111 
DG  "H2'"  H  N N 112 
DG  "H2''" H  N N 113 
DG  "H1'"  H  N N 114 
DG  H8     H  N N 115 
DG  H1     H  N N 116 
DG  H21    H  N N 117 
DG  H22    H  N N 118 
DT  OP3    O  N N 119 
DT  P      P  N N 120 
DT  OP1    O  N N 121 
DT  OP2    O  N N 122 
DT  "O5'"  O  N N 123 
DT  "C5'"  C  N N 124 
DT  "C4'"  C  N R 125 
DT  "O4'"  O  N N 126 
DT  "C3'"  C  N S 127 
DT  "O3'"  O  N N 128 
DT  "C2'"  C  N N 129 
DT  "C1'"  C  N R 130 
DT  N1     N  N N 131 
DT  C2     C  N N 132 
DT  O2     O  N N 133 
DT  N3     N  N N 134 
DT  C4     C  N N 135 
DT  O4     O  N N 136 
DT  C5     C  N N 137 
DT  C7     C  N N 138 
DT  C6     C  N N 139 
DT  HOP3   H  N N 140 
DT  HOP2   H  N N 141 
DT  "H5'"  H  N N 142 
DT  "H5''" H  N N 143 
DT  "H4'"  H  N N 144 
DT  "H3'"  H  N N 145 
DT  "HO3'" H  N N 146 
DT  "H2'"  H  N N 147 
DT  "H2''" H  N N 148 
DT  "H1'"  H  N N 149 
DT  H3     H  N N 150 
DT  H71    H  N N 151 
DT  H72    H  N N 152 
DT  H73    H  N N 153 
DT  H6     H  N N 154 
# 
loop_
_chem_comp_bond.comp_id 
_chem_comp_bond.atom_id_1 
_chem_comp_bond.atom_id_2 
_chem_comp_bond.value_order 
_chem_comp_bond.pdbx_aromatic_flag 
_chem_comp_bond.pdbx_stereo_config 
_chem_comp_bond.pdbx_ordinal 
CAC AS    O1     doub N N 1   
CAC AS    O2     sing N N 2   
CAC AS    C1     sing N N 3   
CAC AS    C2     sing N N 4   
CAC C1    H11    sing N N 5   
CAC C1    H12    sing N N 6   
CAC C1    H13    sing N N 7   
CAC C2    H21    sing N N 8   
CAC C2    H22    sing N N 9   
CAC C2    H23    sing N N 10  
DA  OP3   P      sing N N 11  
DA  OP3   HOP3   sing N N 12  
DA  P     OP1    doub N N 13  
DA  P     OP2    sing N N 14  
DA  P     "O5'"  sing N N 15  
DA  OP2   HOP2   sing N N 16  
DA  "O5'" "C5'"  sing N N 17  
DA  "C5'" "C4'"  sing N N 18  
DA  "C5'" "H5'"  sing N N 19  
DA  "C5'" "H5''" sing N N 20  
DA  "C4'" "O4'"  sing N N 21  
DA  "C4'" "C3'"  sing N N 22  
DA  "C4'" "H4'"  sing N N 23  
DA  "O4'" "C1'"  sing N N 24  
DA  "C3'" "O3'"  sing N N 25  
DA  "C3'" "C2'"  sing N N 26  
DA  "C3'" "H3'"  sing N N 27  
DA  "O3'" "HO3'" sing N N 28  
DA  "C2'" "C1'"  sing N N 29  
DA  "C2'" "H2'"  sing N N 30  
DA  "C2'" "H2''" sing N N 31  
DA  "C1'" N9     sing N N 32  
DA  "C1'" "H1'"  sing N N 33  
DA  N9    C8     sing Y N 34  
DA  N9    C4     sing Y N 35  
DA  C8    N7     doub Y N 36  
DA  C8    H8     sing N N 37  
DA  N7    C5     sing Y N 38  
DA  C5    C6     sing Y N 39  
DA  C5    C4     doub Y N 40  
DA  C6    N6     sing N N 41  
DA  C6    N1     doub Y N 42  
DA  N6    H61    sing N N 43  
DA  N6    H62    sing N N 44  
DA  N1    C2     sing Y N 45  
DA  C2    N3     doub Y N 46  
DA  C2    H2     sing N N 47  
DA  N3    C4     sing Y N 48  
DC  OP3   P      sing N N 49  
DC  OP3   HOP3   sing N N 50  
DC  P     OP1    doub N N 51  
DC  P     OP2    sing N N 52  
DC  P     "O5'"  sing N N 53  
DC  OP2   HOP2   sing N N 54  
DC  "O5'" "C5'"  sing N N 55  
DC  "C5'" "C4'"  sing N N 56  
DC  "C5'" "H5'"  sing N N 57  
DC  "C5'" "H5''" sing N N 58  
DC  "C4'" "O4'"  sing N N 59  
DC  "C4'" "C3'"  sing N N 60  
DC  "C4'" "H4'"  sing N N 61  
DC  "O4'" "C1'"  sing N N 62  
DC  "C3'" "O3'"  sing N N 63  
DC  "C3'" "C2'"  sing N N 64  
DC  "C3'" "H3'"  sing N N 65  
DC  "O3'" "HO3'" sing N N 66  
DC  "C2'" "C1'"  sing N N 67  
DC  "C2'" "H2'"  sing N N 68  
DC  "C2'" "H2''" sing N N 69  
DC  "C1'" N1     sing N N 70  
DC  "C1'" "H1'"  sing N N 71  
DC  N1    C2     sing N N 72  
DC  N1    C6     sing N N 73  
DC  C2    O2     doub N N 74  
DC  C2    N3     sing N N 75  
DC  N3    C4     doub N N 76  
DC  C4    N4     sing N N 77  
DC  C4    C5     sing N N 78  
DC  N4    H41    sing N N 79  
DC  N4    H42    sing N N 80  
DC  C5    C6     doub N N 81  
DC  C5    H5     sing N N 82  
DC  C6    H6     sing N N 83  
DG  OP3   P      sing N N 84  
DG  OP3   HOP3   sing N N 85  
DG  P     OP1    doub N N 86  
DG  P     OP2    sing N N 87  
DG  P     "O5'"  sing N N 88  
DG  OP2   HOP2   sing N N 89  
DG  "O5'" "C5'"  sing N N 90  
DG  "C5'" "C4'"  sing N N 91  
DG  "C5'" "H5'"  sing N N 92  
DG  "C5'" "H5''" sing N N 93  
DG  "C4'" "O4'"  sing N N 94  
DG  "C4'" "C3'"  sing N N 95  
DG  "C4'" "H4'"  sing N N 96  
DG  "O4'" "C1'"  sing N N 97  
DG  "C3'" "O3'"  sing N N 98  
DG  "C3'" "C2'"  sing N N 99  
DG  "C3'" "H3'"  sing N N 100 
DG  "O3'" "HO3'" sing N N 101 
DG  "C2'" "C1'"  sing N N 102 
DG  "C2'" "H2'"  sing N N 103 
DG  "C2'" "H2''" sing N N 104 
DG  "C1'" N9     sing N N 105 
DG  "C1'" "H1'"  sing N N 106 
DG  N9    C8     sing Y N 107 
DG  N9    C4     sing Y N 108 
DG  C8    N7     doub Y N 109 
DG  C8    H8     sing N N 110 
DG  N7    C5     sing Y N 111 
DG  C5    C6     sing N N 112 
DG  C5    C4     doub Y N 113 
DG  C6    O6     doub N N 114 
DG  C6    N1     sing N N 115 
DG  N1    C2     sing N N 116 
DG  N1    H1     sing N N 117 
DG  C2    N2     sing N N 118 
DG  C2    N3     doub N N 119 
DG  N2    H21    sing N N 120 
DG  N2    H22    sing N N 121 
DG  N3    C4     sing N N 122 
DT  OP3   P      sing N N 123 
DT  OP3   HOP3   sing N N 124 
DT  P     OP1    doub N N 125 
DT  P     OP2    sing N N 126 
DT  P     "O5'"  sing N N 127 
DT  OP2   HOP2   sing N N 128 
DT  "O5'" "C5'"  sing N N 129 
DT  "C5'" "C4'"  sing N N 130 
DT  "C5'" "H5'"  sing N N 131 
DT  "C5'" "H5''" sing N N 132 
DT  "C4'" "O4'"  sing N N 133 
DT  "C4'" "C3'"  sing N N 134 
DT  "C4'" "H4'"  sing N N 135 
DT  "O4'" "C1'"  sing N N 136 
DT  "C3'" "O3'"  sing N N 137 
DT  "C3'" "C2'"  sing N N 138 
DT  "C3'" "H3'"  sing N N 139 
DT  "O3'" "HO3'" sing N N 140 
DT  "C2'" "C1'"  sing N N 141 
DT  "C2'" "H2'"  sing N N 142 
DT  "C2'" "H2''" sing N N 143 
DT  "C1'" N1     sing N N 144 
DT  "C1'" "H1'"  sing N N 145 
DT  N1    C2     sing N N 146 
DT  N1    C6     sing N N 147 
DT  C2    O2     doub N N 148 
DT  C2    N3     sing N N 149 
DT  N3    C4     sing N N 150 
DT  N3    H3     sing N N 151 
DT  C4    O4     doub N N 152 
DT  C4    C5     sing N N 153 
DT  C5    C7     sing N N 154 
DT  C5    C6     doub N N 155 
DT  C7    H71    sing N N 156 
DT  C7    H72    sing N N 157 
DT  C7    H73    sing N N 158 
DT  C6    H6     sing N N 159 
# 
loop_
_ndb_struct_conf_na.entry_id 
_ndb_struct_conf_na.feature 
7JHC 'double helix'        
7JHC 'b-form double helix' 
# 
loop_
_ndb_struct_na_base_pair.model_number 
_ndb_struct_na_base_pair.i_label_asym_id 
_ndb_struct_na_base_pair.i_label_comp_id 
_ndb_struct_na_base_pair.i_label_seq_id 
_ndb_struct_na_base_pair.i_symmetry 
_ndb_struct_na_base_pair.j_label_asym_id 
_ndb_struct_na_base_pair.j_label_comp_id 
_ndb_struct_na_base_pair.j_label_seq_id 
_ndb_struct_na_base_pair.j_symmetry 
_ndb_struct_na_base_pair.shear 
_ndb_struct_na_base_pair.stretch 
_ndb_struct_na_base_pair.stagger 
_ndb_struct_na_base_pair.buckle 
_ndb_struct_na_base_pair.propeller 
_ndb_struct_na_base_pair.opening 
_ndb_struct_na_base_pair.pair_number 
_ndb_struct_na_base_pair.pair_name 
_ndb_struct_na_base_pair.i_auth_asym_id 
_ndb_struct_na_base_pair.i_auth_seq_id 
_ndb_struct_na_base_pair.i_PDB_ins_code 
_ndb_struct_na_base_pair.j_auth_asym_id 
_ndb_struct_na_base_pair.j_auth_seq_id 
_ndb_struct_na_base_pair.j_PDB_ins_code 
_ndb_struct_na_base_pair.hbond_type_28 
_ndb_struct_na_base_pair.hbond_type_12 
1 A DG 3  1_555 D DC 15 1_555 1.775  0.336  0.656  3.754  -6.277  -19.512 1  A_DG3:DC16_D A 3  ? D 16 ? ?  1 
1 A DC 4  1_555 D DG 14 1_555 0.537  -0.322 0.600  2.174  -6.522  -14.347 2  A_DC4:DG15_D A 4  ? D 15 ? 19 1 
1 A DG 6  1_555 D DC 12 1_555 0.572  -0.439 -0.084 -4.937 0.440   -6.621  3  A_DG6:DC13_D A 6  ? D 13 ? 19 1 
1 A DA 7  1_555 D DT 11 1_555 2.105  0.716  -0.316 1.744  2.125   -14.342 4  A_DA7:DT12_D A 7  ? D 12 ? ?  ? 
1 A DC 8  1_555 D DG 10 1_555 0.611  -0.604 -0.107 1.037  -2.399  -5.031  5  A_DC8:DG11_D A 8  ? D 11 ? 19 1 
1 A DT 9  1_555 D DG 9  1_555 -1.278 -0.062 0.589  -1.243 -2.672  -11.483 6  A_DT9:DG10_D A 9  ? D 10 ? ?  1 
1 A DG 11 1_555 C DC 2  1_555 0.357  -0.422 0.265  1.840  -2.889  -3.565  7  A_DG11:DC1_C A 11 ? C 1  ? 19 1 
1 A DA 12 1_555 C DT 1  1_555 2.372  0.234  0.182  -1.633 -2.261  -4.918  8  A_DA12:DT0_C A 12 ? C 0  ? 20 1 
1 B DC 1  1_555 C DG 6  1_555 -0.738 0.004  0.277  -0.961 2.067   -16.943 9  B_DC12:DG5_C B 12 ? C 5  ? 19 1 
1 B DG 2  1_555 C DC 5  1_555 -0.019 -0.460 0.460  3.991  -6.897  -13.439 10 B_DG13:DC4_C B 13 ? C 4  ? 19 1 
1 B DA 3  1_555 C DT 4  1_555 0.531  -0.085 0.126  0.024  -9.982  -3.046  11 B_DA14:DT3_C B 14 ? C 3  ? 20 1 
1 B DC 4  1_555 D DA 8  1_555 0.118  0.108  0.141  0.720  -13.864 -3.639  12 B_DC15:DA9_D B 15 ? D 9  ? ?  ? 
1 B DA 5  1_555 D DT 7  1_555 1.110  -0.200 0.486  -2.071 -14.380 -12.754 13 B_DA16:DT8_D B 16 ? D 8  ? 20 1 
1 B DC 6  1_555 D DG 6  1_555 -0.597 -0.377 0.401  -1.953 -9.107  -2.009  14 B_DC17:DG7_D B 17 ? D 7  ? 19 1 
1 B DT 7  1_555 D DA 5  1_555 -1.252 0.360  0.150  -2.993 -13.699 2.525   15 B_DT18:DA6_D B 18 ? D 6  ? 20 1 
1 B DC 8  1_555 D DG 4  1_555 -0.203 0.064  -0.211 -0.929 -0.460  12.364  16 B_DC19:DG5_D B 19 ? D 5  ? 19 1 
# 
loop_
_ndb_struct_na_base_pair_step.model_number 
_ndb_struct_na_base_pair_step.i_label_asym_id_1 
_ndb_struct_na_base_pair_step.i_label_comp_id_1 
_ndb_struct_na_base_pair_step.i_label_seq_id_1 
_ndb_struct_na_base_pair_step.i_symmetry_1 
_ndb_struct_na_base_pair_step.j_label_asym_id_1 
_ndb_struct_na_base_pair_step.j_label_comp_id_1 
_ndb_struct_na_base_pair_step.j_label_seq_id_1 
_ndb_struct_na_base_pair_step.j_symmetry_1 
_ndb_struct_na_base_pair_step.i_label_asym_id_2 
_ndb_struct_na_base_pair_step.i_label_comp_id_2 
_ndb_struct_na_base_pair_step.i_label_seq_id_2 
_ndb_struct_na_base_pair_step.i_symmetry_2 
_ndb_struct_na_base_pair_step.j_label_asym_id_2 
_ndb_struct_na_base_pair_step.j_label_comp_id_2 
_ndb_struct_na_base_pair_step.j_label_seq_id_2 
_ndb_struct_na_base_pair_step.j_symmetry_2 
_ndb_struct_na_base_pair_step.shift 
_ndb_struct_na_base_pair_step.slide 
_ndb_struct_na_base_pair_step.rise 
_ndb_struct_na_base_pair_step.tilt 
_ndb_struct_na_base_pair_step.roll 
_ndb_struct_na_base_pair_step.twist 
_ndb_struct_na_base_pair_step.x_displacement 
_ndb_struct_na_base_pair_step.y_displacement 
_ndb_struct_na_base_pair_step.helical_rise 
_ndb_struct_na_base_pair_step.inclination 
_ndb_struct_na_base_pair_step.tip 
_ndb_struct_na_base_pair_step.helical_twist 
_ndb_struct_na_base_pair_step.step_number 
_ndb_struct_na_base_pair_step.step_name 
_ndb_struct_na_base_pair_step.i_auth_asym_id_1 
_ndb_struct_na_base_pair_step.i_auth_seq_id_1 
_ndb_struct_na_base_pair_step.i_PDB_ins_code_1 
_ndb_struct_na_base_pair_step.j_auth_asym_id_1 
_ndb_struct_na_base_pair_step.j_auth_seq_id_1 
_ndb_struct_na_base_pair_step.j_PDB_ins_code_1 
_ndb_struct_na_base_pair_step.i_auth_asym_id_2 
_ndb_struct_na_base_pair_step.i_auth_seq_id_2 
_ndb_struct_na_base_pair_step.i_PDB_ins_code_2 
_ndb_struct_na_base_pair_step.j_auth_asym_id_2 
_ndb_struct_na_base_pair_step.j_auth_seq_id_2 
_ndb_struct_na_base_pair_step.j_PDB_ins_code_2 
1 A DG 3  1_555 D DC 15 1_555 A DC 4  1_555 D DG 14 1_555 0.530  -1.123 3.280 1.318  0.387  34.349 -1.962 -0.691 3.285 0.655  
-2.230 34.376 1  AA_DG3DC4:DG15DC16_DD A 3  ? D 16 ? A 4  ? D 15 ? 
1 A DC 4  1_555 D DG 14 1_555 A DG 6  1_555 D DC 12 1_555 -0.635 -0.933 6.792 1.646  2.274  63.347 -1.095 0.754  6.741 2.164  
-1.567 63.403 2  AA_DC4DG6:DC13DG15_DD A 4  ? D 15 ? A 6  ? D 13 ? 
1 A DG 6  1_555 D DC 12 1_555 A DA 7  1_555 D DT 11 1_555 -0.468 -0.840 3.195 0.030  1.270  42.561 -1.281 0.647  3.169 1.750  
-0.041 42.580 3  AA_DG6DA7:DT12DC13_DD A 6  ? D 13 ? A 7  ? D 12 ? 
1 A DA 7  1_555 D DT 11 1_555 A DC 8  1_555 D DG 10 1_555 0.801  -1.735 3.334 -2.503 1.636  24.954 -4.465 -2.571 3.122 3.768  
5.767  25.130 4  AA_DA7DC8:DG11DT12_DD A 7  ? D 12 ? A 8  ? D 11 ? 
1 A DC 8  1_555 D DG 10 1_555 A DT 9  1_555 D DG 9  1_555 -0.485 -1.778 3.388 -3.974 -1.107 25.421 -3.661 -0.091 3.495 -2.495 
8.954  25.748 5  AA_DC8DT9:DG10DG11_DD A 8  ? D 11 ? A 9  ? D 10 ? 
1 A DT 9  1_555 D DG 9  1_555 A DG 11 1_555 C DC 2  1_555 -0.965 -1.079 6.505 -2.078 7.533  64.829 -1.618 0.725  6.384 7.000  
1.931  65.248 6  AA_DT9DG11:DC1DG10_CD A 9  ? D 10 ? A 11 ? C 1  ? 
1 A DG 11 1_555 C DC 2  1_555 A DA 12 1_555 C DT 1  1_555 -0.669 -0.091 3.224 0.901  4.795  47.736 -0.484 0.893  3.189 5.907  
-1.110 47.971 7  AA_DG11DA12:DT0DC1_CC A 11 ? C 1  ? A 12 ? C 0  ? 
1 B DC 1  1_555 C DG 6  1_555 B DG 2  1_555 C DC 5  1_555 -0.102 -0.812 3.186 -4.043 1.229  36.321 -1.460 -0.378 3.151 1.964  
6.458  36.558 8  BB_DC12DG13:DC4DG5_CC B 12 ? C 5  ? B 13 ? C 4  ? 
1 B DG 2  1_555 C DC 5  1_555 B DA 3  1_555 C DT 4  1_555 0.312  -0.668 3.433 -1.161 1.264  40.140 -1.122 -0.593 3.401 1.840  
1.691  40.175 9  BB_DG13DA14:DT3DC4_CC B 13 ? C 4  ? B 14 ? C 3  ? 
1 B DA 3  1_555 C DT 4  1_555 B DC 4  1_555 D DA 8  1_555 -1.127 -0.981 3.148 -0.267 3.057  23.957 -3.266 2.613  3.013 7.326  
0.639  24.150 10 BB_DA14DC15:DA9DT3_DC B 14 ? C 3  ? B 15 ? D 9  ? 
1 B DC 4  1_555 D DA 8  1_555 B DA 5  1_555 D DT 7  1_555 -1.185 0.408  3.390 -6.529 1.706  43.632 0.373  0.925  3.536 2.279  
8.722  44.126 11 BB_DC15DA16:DT8DA9_DD B 15 ? D 9  ? B 16 ? D 8  ? 
1 B DA 5  1_555 D DT 7  1_555 B DC 6  1_555 D DG 6  1_555 0.681  -1.356 3.240 -1.566 -2.175 28.308 -2.262 -1.745 3.291 -4.434 
3.194  28.432 12 BB_DA16DC17:DG7DT8_DD B 16 ? D 8  ? B 17 ? D 7  ? 
1 B DC 6  1_555 D DG 6  1_555 B DT 7  1_555 D DA 5  1_555 -0.481 -1.179 3.235 1.695  -3.214 31.172 -1.574 1.208  3.307 -5.956 
-3.141 31.378 13 BB_DC17DT18:DA6DG7_DD B 17 ? D 7  ? B 18 ? D 6  ? 
1 B DT 7  1_555 D DA 5  1_555 B DC 8  1_555 D DG 4  1_555 1.516  1.855  3.348 4.439  1.328  40.373 2.515  -1.663 3.545 1.917  
-6.407 40.627 14 BB_DT18DC19:DG5DA6_DD B 18 ? D 6  ? B 19 ? D 5  ? 
# 
loop_
_pdbx_audit_support.funding_organization 
_pdbx_audit_support.country 
_pdbx_audit_support.grant_number 
_pdbx_audit_support.ordinal 
'National Science Foundation (NSF, United States)'                                         'United States' 1360635     1 
'National Institutes of Health/National Institute of General Medical Sciences (NIH/NIGMS)' 'United States' R01GM104960 2 
'National Science Foundation (NSF, United States)'                                         'United States' NSF2004250  3 
# 
_pdbx_entity_nonpoly.entity_id   5 
_pdbx_entity_nonpoly.name        'CACODYLATE ION' 
_pdbx_entity_nonpoly.comp_id     CAC 
# 
_pdbx_initial_refinement_model.id               1 
_pdbx_initial_refinement_model.entity_id_list   ? 
_pdbx_initial_refinement_model.type             'experimental model' 
_pdbx_initial_refinement_model.source_name      PDB 
_pdbx_initial_refinement_model.accession_code   6XNA 
_pdbx_initial_refinement_model.details          ? 
# 
_pdbx_struct_assembly_auth_evidence.id                     1 
_pdbx_struct_assembly_auth_evidence.assembly_id            1 
_pdbx_struct_assembly_auth_evidence.experimental_support   none 
_pdbx_struct_assembly_auth_evidence.details                ? 
# 
